data_5UWV
#
_entry.id   5UWV
#
_cell.length_a   94.239
_cell.length_b   130.937
_cell.length_c   135.664
_cell.angle_alpha   90.000
_cell.angle_beta   92.510
_cell.angle_gamma   90.000
#
_symmetry.space_group_name_H-M   'P 1 21 1'
#
loop_
_entity.id
_entity.type
_entity.pdbx_description
1 polymer 'L,D-TRANSPEPTIDASE 2'
2 water water
#
_entity_poly.entity_id   1
_entity_poly.type   'polypeptide(L)'
_entity_poly.pdbx_seq_one_letter_code
;GHMPKVIDKATPYADLLVPKLAMSVKDGAVGVAVDAPVTVTAGEGVLGSVTMVNSDGKEIAGEIGPDGVTWTTTEPLGYD
KQYTINADARGLGGVARANATFRTQSPDNMTMPYVMPGDGEVVGVGQTVAIRFDENIPNRAAAEKAIKITTNPPVEGAFY
WLNNREVRWRPESFWDSGTSVDVKVNTYGVNLGDGVFGQDNVASHFTIGDAVISRVDDTNKILNIERNGEIIKTMPTSMG
KDKAPTNNGTYIIGERFKDLIMDSSTYGVAVNSPDGYRTKVQYATQMSYSGIYVHAAPWSVGAQGRTNTSHGCLNVSTAN
AKWFYENTKRGDVVIVSNTVGPVLPGTEGLGDWNIPWAQWKAGNARQQ
;
_entity_poly.pdbx_strand_id   B,A,D,E,C,F
#
# COMPACT_ATOMS: atom_id res chain seq x y z
N PRO A 19 -4.43 29.27 -35.09
CA PRO A 19 -3.16 28.64 -34.67
C PRO A 19 -3.16 28.05 -33.21
N LYS A 20 -3.36 26.72 -33.05
CA LYS A 20 -3.58 26.05 -31.74
C LYS A 20 -2.38 25.29 -31.14
N LEU A 21 -1.93 25.71 -29.95
CA LEU A 21 -0.87 25.02 -29.21
C LEU A 21 -1.44 24.15 -28.10
N ALA A 22 -0.84 22.97 -27.90
CA ALA A 22 -1.23 22.04 -26.86
C ALA A 22 0.01 21.42 -26.24
N MET A 23 0.31 21.75 -24.98
CA MET A 23 1.41 21.10 -24.23
C MET A 23 0.86 19.96 -23.39
N SER A 24 1.60 18.88 -23.26
CA SER A 24 1.23 17.78 -22.35
C SER A 24 1.45 18.09 -20.86
N VAL A 25 1.67 19.34 -20.48
CA VAL A 25 1.62 19.77 -19.08
C VAL A 25 0.98 21.11 -18.97
N LYS A 26 0.55 21.45 -17.76
CA LYS A 26 -0.23 22.66 -17.52
C LYS A 26 0.55 23.67 -16.73
N ASP A 27 0.36 24.93 -17.06
CA ASP A 27 0.98 26.00 -16.33
C ASP A 27 0.58 25.81 -14.85
N GLY A 28 1.57 25.68 -13.97
CA GLY A 28 1.32 25.64 -12.53
C GLY A 28 1.06 24.25 -11.96
N ALA A 29 1.07 23.26 -12.82
CA ALA A 29 1.07 21.88 -12.39
C ALA A 29 2.30 21.51 -11.55
N VAL A 30 2.17 20.38 -10.88
CA VAL A 30 3.06 19.96 -9.81
C VAL A 30 3.06 18.45 -9.87
N GLY A 31 4.14 17.84 -9.46
CA GLY A 31 4.24 16.41 -9.56
C GLY A 31 4.35 15.87 -10.99
N VAL A 32 4.72 16.68 -11.97
CA VAL A 32 4.94 16.12 -13.30
C VAL A 32 5.94 14.92 -13.25
N ALA A 33 5.63 13.85 -13.98
CA ALA A 33 6.46 12.66 -13.97
C ALA A 33 7.71 12.83 -14.79
N VAL A 34 8.81 12.32 -14.26
CA VAL A 34 10.08 12.37 -14.91
C VAL A 34 10.38 11.16 -15.79
N ASP A 35 9.54 10.11 -15.71
CA ASP A 35 9.65 8.94 -16.64
C ASP A 35 9.12 9.21 -18.06
N ALA A 36 8.25 10.21 -18.19
CA ALA A 36 7.62 10.58 -19.46
C ALA A 36 8.25 11.85 -19.99
N PRO A 37 8.39 11.95 -21.32
CA PRO A 37 8.75 13.23 -21.90
C PRO A 37 7.61 14.22 -21.87
N VAL A 38 7.98 15.50 -21.97
CA VAL A 38 7.06 16.57 -22.25
C VAL A 38 6.93 16.81 -23.75
N THR A 39 5.70 17.00 -24.23
CA THR A 39 5.50 17.33 -25.63
C THR A 39 4.68 18.57 -25.80
N VAL A 40 4.82 19.14 -26.98
CA VAL A 40 4.09 20.31 -27.37
C VAL A 40 3.69 20.01 -28.78
N THR A 41 2.39 20.15 -29.08
CA THR A 41 1.89 19.96 -30.44
C THR A 41 1.09 21.19 -30.92
N ALA A 42 0.82 21.18 -32.21
CA ALA A 42 0.17 22.29 -32.85
C ALA A 42 -0.68 21.75 -33.97
N GLY A 43 -1.92 22.24 -34.01
CA GLY A 43 -2.81 22.16 -35.19
C GLY A 43 -3.11 23.59 -35.59
N GLU A 44 -3.68 23.78 -36.78
CA GLU A 44 -3.72 25.09 -37.44
C GLU A 44 -2.30 25.63 -37.49
N GLY A 45 -1.52 24.92 -38.28
CA GLY A 45 -0.18 25.33 -38.58
C GLY A 45 0.87 24.43 -37.97
N VAL A 46 1.98 25.06 -37.65
CA VAL A 46 3.26 24.42 -37.60
C VAL A 46 4.13 25.05 -36.51
N LEU A 47 4.87 24.23 -35.76
CA LEU A 47 5.70 24.75 -34.70
C LEU A 47 6.85 25.50 -35.32
N GLY A 48 7.14 26.66 -34.74
CA GLY A 48 8.30 27.47 -35.08
C GLY A 48 9.46 27.25 -34.13
N SER A 49 9.37 27.81 -32.92
CA SER A 49 10.36 27.53 -31.88
C SER A 49 9.71 27.08 -30.57
N VAL A 50 10.32 26.07 -29.95
CA VAL A 50 9.98 25.59 -28.61
C VAL A 50 11.26 25.52 -27.78
N THR A 51 11.28 26.17 -26.62
CA THR A 51 12.44 26.13 -25.73
C THR A 51 11.94 25.78 -24.35
N MET A 52 12.70 24.96 -23.62
CA MET A 52 12.37 24.58 -22.23
C MET A 52 13.66 24.70 -21.40
N VAL A 53 13.57 25.32 -20.23
CA VAL A 53 14.74 25.64 -19.41
C VAL A 53 14.41 25.38 -17.95
N ASN A 54 15.33 24.82 -17.18
CA ASN A 54 15.06 24.70 -15.75
C ASN A 54 15.13 26.07 -15.13
N SER A 55 14.74 26.20 -13.87
CA SER A 55 14.70 27.53 -13.23
C SER A 55 16.09 28.15 -12.97
N ASP A 56 17.16 27.34 -13.03
CA ASP A 56 18.53 27.87 -13.06
C ASP A 56 18.96 28.33 -14.44
N GLY A 57 18.07 28.44 -15.42
CA GLY A 57 18.42 28.78 -16.80
C GLY A 57 18.81 27.64 -17.76
N LYS A 58 19.40 26.53 -17.30
CA LYS A 58 19.90 25.49 -18.23
C LYS A 58 18.83 24.98 -19.19
N GLU A 59 19.08 25.08 -20.48
CA GLU A 59 18.15 24.59 -21.48
C GLU A 59 18.06 23.07 -21.37
N ILE A 60 16.86 22.54 -21.61
CA ILE A 60 16.61 21.12 -21.68
C ILE A 60 16.51 20.84 -23.12
N ALA A 61 16.94 19.67 -23.52
CA ALA A 61 17.04 19.32 -24.90
C ALA A 61 15.71 18.78 -25.35
N GLY A 62 15.25 19.30 -26.46
CA GLY A 62 14.19 18.65 -27.20
C GLY A 62 14.27 19.06 -28.65
N GLU A 63 13.42 18.45 -29.47
CA GLU A 63 13.51 18.65 -30.88
C GLU A 63 12.14 18.48 -31.54
N ILE A 64 11.95 19.23 -32.62
CA ILE A 64 10.71 19.25 -33.35
C ILE A 64 10.72 18.07 -34.26
N GLY A 65 9.56 17.48 -34.50
CA GLY A 65 9.43 16.30 -35.36
C GLY A 65 9.50 16.67 -36.85
N PRO A 66 9.74 15.69 -37.74
CA PRO A 66 9.88 16.04 -39.18
C PRO A 66 8.70 16.70 -39.91
N ASP A 67 7.45 16.58 -39.43
CA ASP A 67 6.30 17.38 -39.97
C ASP A 67 6.04 18.67 -39.20
N GLY A 68 6.98 19.17 -38.40
CA GLY A 68 6.84 20.46 -37.72
C GLY A 68 5.66 20.69 -36.77
N VAL A 69 5.04 19.59 -36.32
CA VAL A 69 3.76 19.67 -35.58
C VAL A 69 3.85 19.22 -34.14
N THR A 70 4.90 18.50 -33.78
CA THR A 70 5.15 18.04 -32.42
C THR A 70 6.60 18.30 -32.04
N TRP A 71 6.82 18.67 -30.80
CA TRP A 71 8.15 18.81 -30.26
C TRP A 71 8.20 17.91 -29.05
N THR A 72 9.29 17.20 -28.86
CA THR A 72 9.45 16.40 -27.65
C THR A 72 10.83 16.61 -27.00
N THR A 73 10.88 16.43 -25.69
CA THR A 73 12.11 16.44 -24.97
C THR A 73 12.87 15.16 -25.29
N THR A 74 14.18 15.25 -25.35
CA THR A 74 15.03 14.10 -25.71
C THR A 74 15.78 13.52 -24.50
N GLU A 75 16.28 14.36 -23.60
CA GLU A 75 16.73 13.93 -22.26
C GLU A 75 15.58 13.82 -21.26
N PRO A 76 15.81 13.13 -20.11
CA PRO A 76 14.74 13.01 -19.13
C PRO A 76 14.78 14.13 -18.13
N LEU A 77 13.66 14.39 -17.47
CA LEU A 77 13.61 15.49 -16.51
C LEU A 77 14.17 14.98 -15.21
N GLY A 78 14.42 15.89 -14.31
CA GLY A 78 14.99 15.56 -13.04
C GLY A 78 13.99 15.77 -11.93
N TYR A 79 14.17 14.99 -10.86
CA TYR A 79 13.35 15.15 -9.70
C TYR A 79 13.63 16.53 -9.13
N ASP A 80 12.61 17.15 -8.53
CA ASP A 80 12.75 18.37 -7.75
C ASP A 80 13.25 19.56 -8.58
N LYS A 81 12.61 19.80 -9.70
CA LYS A 81 12.94 20.90 -10.60
C LYS A 81 11.70 21.69 -10.97
N GLN A 82 11.92 22.85 -11.55
CA GLN A 82 10.89 23.61 -12.20
C GLN A 82 11.30 23.93 -13.64
N TYR A 83 10.36 23.87 -14.56
CA TYR A 83 10.69 24.08 -15.93
C TYR A 83 9.76 25.15 -16.43
N THR A 84 10.26 25.95 -17.38
CA THR A 84 9.41 26.82 -18.17
C THR A 84 9.57 26.45 -19.62
N ILE A 85 8.45 26.23 -20.30
CA ILE A 85 8.39 25.92 -21.71
C ILE A 85 7.76 27.12 -22.35
N ASN A 86 8.38 27.61 -23.42
CA ASN A 86 7.76 28.58 -24.32
C ASN A 86 7.71 28.04 -25.72
N ALA A 87 6.53 28.10 -26.31
CA ALA A 87 6.34 27.69 -27.69
C ALA A 87 5.61 28.78 -28.43
N ASP A 88 5.85 28.84 -29.72
CA ASP A 88 5.07 29.63 -30.65
C ASP A 88 4.79 28.78 -31.89
N ALA A 89 3.66 29.03 -32.55
CA ALA A 89 3.38 28.39 -33.84
C ALA A 89 3.00 29.43 -34.89
N ARG A 90 3.45 29.22 -36.13
CA ARG A 90 3.07 30.01 -37.33
C ARG A 90 2.00 29.24 -38.15
N GLY A 91 1.22 29.94 -38.97
CA GLY A 91 0.22 29.27 -39.81
C GLY A 91 -0.63 30.20 -40.66
N GLY A 93 -4.35 29.77 -39.02
CA GLY A 93 -4.50 31.22 -39.13
C GLY A 93 -3.18 31.96 -39.39
N GLY A 94 -2.50 32.33 -38.30
CA GLY A 94 -1.19 33.05 -38.32
C GLY A 94 -0.32 32.78 -37.08
N VAL A 95 -0.09 33.82 -36.25
CA VAL A 95 0.75 33.71 -35.02
C VAL A 95 -0.02 33.22 -33.76
N ALA A 96 0.68 32.48 -32.87
CA ALA A 96 0.14 31.99 -31.56
C ALA A 96 1.29 31.77 -30.57
N ARG A 97 0.98 31.73 -29.27
CA ARG A 97 1.99 31.48 -28.21
C ARG A 97 1.43 30.68 -27.04
N ALA A 98 2.31 29.94 -26.38
CA ALA A 98 1.96 29.18 -25.18
C ALA A 98 3.09 29.24 -24.18
N ASN A 99 2.68 29.07 -22.94
CA ASN A 99 3.53 29.25 -21.81
C ASN A 99 3.06 28.32 -20.69
N ALA A 100 4.00 27.55 -20.12
CA ALA A 100 3.74 26.81 -18.88
C ALA A 100 5.02 26.69 -18.07
N THR A 101 4.85 26.80 -16.75
CA THR A 101 5.88 26.59 -15.77
C THR A 101 5.34 25.56 -14.78
N PHE A 102 6.09 24.49 -14.54
CA PHE A 102 5.62 23.40 -13.73
C PHE A 102 6.75 22.83 -12.94
N ARG A 103 6.42 22.03 -11.91
CA ARG A 103 7.37 21.28 -11.12
C ARG A 103 7.20 19.78 -11.32
N THR A 104 8.31 19.04 -11.21
CA THR A 104 8.28 17.59 -11.40
C THR A 104 8.09 16.99 -10.03
N GLN A 105 7.87 15.68 -10.02
CA GLN A 105 7.86 14.89 -8.78
C GLN A 105 8.96 15.38 -7.86
N SER A 106 8.58 15.61 -6.61
CA SER A 106 9.46 16.25 -5.65
C SER A 106 9.61 15.31 -4.46
N PRO A 107 10.30 14.15 -4.66
CA PRO A 107 10.24 12.98 -3.77
C PRO A 107 10.74 13.26 -2.38
N ASP A 108 10.05 12.71 -1.36
CA ASP A 108 10.50 12.72 0.05
C ASP A 108 11.79 11.93 0.31
N ASN A 109 12.00 10.89 -0.50
CA ASN A 109 13.04 9.94 -0.28
C ASN A 109 13.40 9.20 -1.56
N MET A 110 14.65 9.26 -1.96
CA MET A 110 15.05 8.46 -3.09
C MET A 110 15.52 7.11 -2.57
N THR A 111 15.18 6.08 -3.31
CA THR A 111 15.56 4.71 -2.99
C THR A 111 16.29 4.14 -4.20
N MET A 112 17.34 3.37 -3.93
CA MET A 112 18.22 2.90 -4.97
C MET A 112 18.24 1.41 -4.90
N PRO A 113 17.54 0.73 -5.82
CA PRO A 113 17.59 -0.73 -5.90
C PRO A 113 18.94 -1.32 -6.34
N TYR A 114 19.17 -2.58 -5.98
CA TYR A 114 20.31 -3.35 -6.48
C TYR A 114 19.78 -4.69 -6.86
N VAL A 115 20.45 -5.34 -7.81
CA VAL A 115 20.02 -6.66 -8.24
C VAL A 115 21.09 -7.69 -8.01
N MET A 116 20.67 -8.81 -7.40
CA MET A 116 21.41 -10.07 -7.43
C MET A 116 20.68 -11.05 -8.32
N PRO A 117 21.39 -11.95 -9.00
CA PRO A 117 22.82 -11.85 -9.24
C PRO A 117 23.23 -10.72 -10.23
N GLY A 118 24.52 -10.50 -10.31
CA GLY A 118 25.07 -9.42 -11.10
C GLY A 118 25.03 -9.66 -12.59
N ASP A 119 25.36 -8.60 -13.31
CA ASP A 119 25.27 -8.63 -14.76
C ASP A 119 26.33 -9.57 -15.32
N GLY A 120 25.89 -10.51 -16.15
CA GLY A 120 26.77 -11.49 -16.80
C GLY A 120 27.30 -12.64 -15.97
N GLU A 121 26.82 -12.76 -14.73
CA GLU A 121 27.10 -13.90 -13.89
C GLU A 121 26.48 -15.17 -14.52
N VAL A 122 27.12 -16.30 -14.20
CA VAL A 122 26.59 -17.63 -14.47
C VAL A 122 26.30 -18.34 -13.12
N VAL A 123 25.07 -18.83 -12.96
CA VAL A 123 24.55 -19.21 -11.64
C VAL A 123 23.79 -20.54 -11.65
N GLY A 124 23.69 -21.16 -10.46
CA GLY A 124 23.05 -22.47 -10.30
C GLY A 124 21.56 -22.40 -10.45
N VAL A 125 20.90 -23.55 -10.42
CA VAL A 125 19.47 -23.62 -10.72
C VAL A 125 18.59 -23.21 -9.54
N GLY A 126 19.20 -22.89 -8.41
CA GLY A 126 18.45 -22.37 -7.30
C GLY A 126 18.63 -20.88 -7.07
N GLN A 127 19.30 -20.17 -7.99
CA GLN A 127 19.46 -18.73 -7.81
C GLN A 127 18.06 -18.11 -7.97
N THR A 128 17.73 -17.20 -7.07
CA THR A 128 16.52 -16.40 -7.20
C THR A 128 16.89 -14.99 -7.55
N VAL A 129 15.94 -14.25 -8.10
CA VAL A 129 16.24 -12.91 -8.51
C VAL A 129 15.91 -12.06 -7.32
N ALA A 130 16.93 -11.47 -6.72
CA ALA A 130 16.76 -10.48 -5.67
C ALA A 130 16.62 -9.05 -6.22
N ILE A 131 15.82 -8.22 -5.57
CA ILE A 131 15.91 -6.77 -5.74
C ILE A 131 15.92 -6.13 -4.35
N ARG A 132 17.09 -5.71 -3.89
CA ARG A 132 17.24 -5.14 -2.56
C ARG A 132 17.21 -3.62 -2.72
N PHE A 133 16.24 -2.99 -2.10
CA PHE A 133 16.16 -1.54 -2.00
C PHE A 133 16.89 -1.10 -0.74
N ASP A 134 17.31 0.17 -0.73
CA ASP A 134 18.02 0.79 0.40
C ASP A 134 17.09 1.60 1.27
N GLU A 135 15.80 1.58 0.94
CA GLU A 135 14.74 2.16 1.76
C GLU A 135 13.60 1.21 1.81
N ASN A 136 12.87 1.23 2.92
CA ASN A 136 11.66 0.38 3.04
C ASN A 136 10.65 0.82 1.99
N ILE A 137 9.94 -0.13 1.41
CA ILE A 137 9.07 0.15 0.27
C ILE A 137 7.61 0.11 0.70
N PRO A 138 7.00 1.30 0.96
CA PRO A 138 5.63 1.28 1.39
C PRO A 138 4.69 0.56 0.46
N ASN A 139 4.87 0.69 -0.86
CA ASN A 139 3.92 0.11 -1.80
C ASN A 139 4.54 -0.98 -2.64
N ARG A 140 4.42 -2.17 -2.13
CA ARG A 140 5.02 -3.32 -2.74
C ARG A 140 4.45 -3.56 -4.12
N ALA A 141 3.17 -3.29 -4.34
CA ALA A 141 2.53 -3.58 -5.65
C ALA A 141 3.19 -2.79 -6.80
N ALA A 142 3.45 -1.52 -6.53
CA ALA A 142 4.14 -0.64 -7.46
C ALA A 142 5.57 -1.12 -7.78
N ALA A 143 6.28 -1.53 -6.73
CA ALA A 143 7.60 -2.13 -6.85
C ALA A 143 7.62 -3.33 -7.78
N GLU A 144 6.64 -4.23 -7.62
CA GLU A 144 6.52 -5.44 -8.48
C GLU A 144 6.16 -5.05 -9.92
N LYS A 145 5.34 -4.02 -10.07
CA LYS A 145 4.93 -3.59 -11.40
C LYS A 145 6.12 -3.06 -12.18
N ALA A 146 7.01 -2.43 -11.45
CA ALA A 146 8.18 -1.80 -12.04
C ALA A 146 9.30 -2.75 -12.49
N ILE A 147 9.10 -4.07 -12.36
CA ILE A 147 10.14 -5.05 -12.57
C ILE A 147 9.78 -6.02 -13.69
N LYS A 148 10.26 -5.73 -14.89
CA LYS A 148 10.16 -6.66 -16.03
C LYS A 148 11.26 -7.72 -15.92
N ILE A 149 10.87 -8.99 -15.83
CA ILE A 149 11.80 -10.11 -15.86
C ILE A 149 11.45 -10.92 -17.07
N THR A 150 12.46 -11.31 -17.85
CA THR A 150 12.25 -11.93 -19.15
C THR A 150 13.18 -13.12 -19.20
N THR A 151 12.56 -14.28 -19.44
CA THR A 151 13.22 -15.57 -19.37
C THR A 151 13.15 -16.31 -20.73
N ASN A 152 14.26 -16.91 -21.14
CA ASN A 152 14.27 -17.73 -22.37
C ASN A 152 15.12 -18.99 -22.22
N PRO A 153 14.52 -20.19 -22.31
CA PRO A 153 13.08 -20.35 -22.58
C PRO A 153 12.23 -19.79 -21.46
N PRO A 154 11.07 -19.23 -21.79
CA PRO A 154 10.19 -18.68 -20.75
C PRO A 154 9.75 -19.68 -19.67
N VAL A 155 9.51 -19.18 -18.46
CA VAL A 155 8.95 -19.98 -17.37
C VAL A 155 8.22 -19.06 -16.40
N GLU A 156 7.11 -19.56 -15.84
CA GLU A 156 6.28 -18.81 -14.91
C GLU A 156 7.01 -18.59 -13.61
N GLY A 157 6.98 -17.36 -13.08
CA GLY A 157 7.51 -17.06 -11.75
C GLY A 157 6.68 -16.00 -11.02
N ALA A 158 7.11 -15.61 -9.83
CA ALA A 158 6.38 -14.60 -9.05
C ALA A 158 7.21 -13.96 -7.90
N PHE A 159 6.64 -12.90 -7.34
CA PHE A 159 7.29 -12.06 -6.35
C PHE A 159 6.88 -12.40 -4.94
N TYR A 160 7.87 -12.76 -4.15
CA TYR A 160 7.68 -12.84 -2.72
C TYR A 160 8.69 -11.96 -2.04
N TRP A 161 8.22 -11.19 -1.06
CA TRP A 161 9.06 -10.29 -0.27
C TRP A 161 9.54 -11.04 0.95
N LEU A 162 10.81 -10.90 1.27
CA LEU A 162 11.37 -11.41 2.51
C LEU A 162 11.35 -10.39 3.62
N ASN A 163 11.17 -9.11 3.30
CA ASN A 163 11.11 -8.04 4.31
C ASN A 163 10.78 -6.70 3.60
N ASN A 164 10.74 -5.60 4.34
CA ASN A 164 10.32 -4.32 3.74
C ASN A 164 11.21 -3.74 2.64
N ARG A 165 12.35 -4.39 2.38
CA ARG A 165 13.38 -3.92 1.45
C ARG A 165 13.81 -4.86 0.35
N GLU A 166 13.51 -6.14 0.42
CA GLU A 166 14.03 -7.08 -0.56
C GLU A 166 12.91 -7.95 -1.09
N VAL A 167 12.83 -8.03 -2.41
CA VAL A 167 11.82 -8.81 -3.10
C VAL A 167 12.54 -9.89 -3.94
N ARG A 168 12.04 -11.12 -3.86
CA ARG A 168 12.63 -12.18 -4.62
C ARG A 168 11.68 -12.61 -5.74
N TRP A 169 12.23 -13.23 -6.78
CA TRP A 169 11.41 -13.79 -7.85
C TRP A 169 12.05 -15.07 -8.34
N ARG A 170 11.26 -16.15 -8.36
CA ARG A 170 11.74 -17.45 -8.80
C ARG A 170 10.61 -18.15 -9.50
N PRO A 171 10.94 -19.21 -10.27
CA PRO A 171 9.92 -20.10 -10.83
C PRO A 171 9.40 -21.13 -9.82
N GLU A 172 8.42 -21.95 -10.22
CA GLU A 172 7.82 -22.98 -9.33
C GLU A 172 8.84 -24.03 -8.97
N SER A 173 9.54 -24.50 -9.98
CA SER A 173 10.60 -25.46 -9.79
C SER A 173 11.93 -24.85 -10.13
N PHE A 174 13.01 -25.60 -9.90
CA PHE A 174 14.38 -25.16 -10.20
C PHE A 174 14.53 -24.77 -11.66
N TRP A 175 15.60 -24.02 -11.94
CA TRP A 175 15.86 -23.49 -13.29
C TRP A 175 16.29 -24.62 -14.23
N ASP A 176 15.75 -24.67 -15.44
CA ASP A 176 16.36 -25.49 -16.51
C ASP A 176 17.73 -24.93 -16.83
N SER A 177 18.65 -25.78 -17.24
CA SER A 177 19.98 -25.27 -17.57
C SER A 177 19.91 -24.49 -18.89
N GLY A 178 20.90 -23.59 -19.05
CA GLY A 178 20.97 -22.60 -20.13
C GLY A 178 19.76 -21.68 -20.35
N THR A 179 19.09 -21.27 -19.27
CA THR A 179 18.05 -20.24 -19.37
C THR A 179 18.69 -18.83 -19.29
N SER A 180 18.21 -17.91 -20.13
CA SER A 180 18.53 -16.47 -20.00
C SER A 180 17.50 -15.84 -19.09
N VAL A 181 17.99 -14.95 -18.24
CA VAL A 181 17.16 -14.16 -17.34
C VAL A 181 17.60 -12.70 -17.47
N ASP A 182 16.68 -11.85 -17.91
CA ASP A 182 16.90 -10.43 -18.02
C ASP A 182 16.06 -9.79 -16.93
N VAL A 183 16.68 -9.02 -16.02
CA VAL A 183 15.95 -8.29 -14.97
C VAL A 183 16.11 -6.78 -15.22
N LYS A 184 14.97 -6.10 -15.31
CA LYS A 184 14.92 -4.67 -15.57
C LYS A 184 14.10 -4.03 -14.47
N VAL A 185 14.78 -3.36 -13.53
CA VAL A 185 14.09 -2.63 -12.46
C VAL A 185 13.99 -1.17 -12.86
N ASN A 186 12.77 -0.68 -13.06
CA ASN A 186 12.50 0.60 -13.71
C ASN A 186 11.70 1.52 -12.79
N THR A 187 12.36 2.02 -11.75
CA THR A 187 11.68 2.77 -10.67
C THR A 187 11.85 4.28 -10.75
N TYR A 188 12.55 4.75 -11.79
CA TYR A 188 12.69 6.19 -12.04
C TYR A 188 11.31 6.70 -12.39
N GLY A 189 10.82 7.60 -11.55
CA GLY A 189 9.51 8.20 -11.75
C GLY A 189 8.36 7.45 -11.13
N VAL A 190 8.63 6.32 -10.51
CA VAL A 190 7.60 5.51 -9.95
C VAL A 190 7.49 5.87 -8.48
N ASN A 191 6.30 6.26 -8.05
CA ASN A 191 6.05 6.59 -6.65
C ASN A 191 5.75 5.24 -6.02
N LEU A 192 6.54 4.87 -5.02
CA LEU A 192 6.48 3.52 -4.40
C LEU A 192 5.83 3.60 -3.01
N GLY A 193 5.09 4.69 -2.79
CA GLY A 193 4.26 4.83 -1.61
C GLY A 193 4.92 5.78 -0.65
N ASP A 194 4.12 6.70 -0.11
CA ASP A 194 4.55 7.65 0.90
C ASP A 194 5.82 8.44 0.54
N GLY A 195 5.94 8.83 -0.73
CA GLY A 195 7.01 9.77 -1.16
C GLY A 195 8.37 9.20 -1.53
N VAL A 196 8.40 7.87 -1.70
CA VAL A 196 9.61 7.13 -1.94
C VAL A 196 9.60 6.77 -3.41
N PHE A 197 10.56 7.33 -4.11
CA PHE A 197 10.73 7.17 -5.53
C PHE A 197 12.09 6.54 -5.83
N GLY A 198 12.18 5.87 -6.97
CA GLY A 198 13.45 5.34 -7.48
C GLY A 198 14.46 6.39 -7.90
N GLN A 199 15.72 6.20 -7.50
CA GLN A 199 16.79 7.14 -7.78
C GLN A 199 17.22 7.00 -9.25
N ASP A 200 17.30 5.77 -9.78
CA ASP A 200 17.57 5.53 -11.21
C ASP A 200 17.02 4.17 -11.56
N ASN A 201 17.17 3.77 -12.82
CA ASN A 201 16.95 2.37 -13.20
C ASN A 201 18.23 1.55 -13.13
N VAL A 202 18.06 0.24 -12.95
CA VAL A 202 19.17 -0.73 -12.89
C VAL A 202 18.72 -1.95 -13.64
N ALA A 203 19.66 -2.65 -14.24
CA ALA A 203 19.37 -3.91 -14.95
C ALA A 203 20.41 -4.99 -14.67
N SER A 204 20.00 -6.24 -14.86
CA SER A 204 20.94 -7.34 -14.92
C SER A 204 20.47 -8.42 -15.84
N HIS A 205 21.37 -8.87 -16.70
CA HIS A 205 21.16 -10.04 -17.54
C HIS A 205 22.21 -11.04 -17.10
N PHE A 206 21.76 -12.25 -16.75
CA PHE A 206 22.65 -13.38 -16.37
C PHE A 206 22.13 -14.64 -17.06
N THR A 207 22.97 -15.70 -17.11
CA THR A 207 22.50 -17.04 -17.55
C THR A 207 22.53 -18.09 -16.43
N ILE A 208 21.70 -19.14 -16.58
CA ILE A 208 21.70 -20.31 -15.68
C ILE A 208 22.66 -21.40 -16.18
N GLY A 209 23.66 -21.74 -15.38
CA GLY A 209 24.66 -22.73 -15.76
C GLY A 209 24.27 -24.18 -15.52
N ASP A 210 25.25 -24.98 -15.11
CA ASP A 210 25.03 -26.41 -14.88
C ASP A 210 24.18 -26.65 -13.61
N ALA A 211 23.31 -27.66 -13.67
CA ALA A 211 22.49 -28.06 -12.52
C ALA A 211 23.30 -28.87 -11.49
N VAL A 212 24.15 -28.20 -10.72
CA VAL A 212 24.80 -28.81 -9.55
C VAL A 212 23.82 -28.79 -8.33
N ILE A 213 23.62 -29.97 -7.73
CA ILE A 213 22.78 -30.17 -6.53
C ILE A 213 23.49 -31.14 -5.59
N SER A 214 23.83 -30.67 -4.40
CA SER A 214 24.46 -31.48 -3.36
C SER A 214 23.41 -31.90 -2.36
N ARG A 215 23.61 -33.07 -1.75
CA ARG A 215 22.59 -33.72 -0.89
C ARG A 215 23.19 -34.40 0.30
N VAL A 216 22.52 -34.36 1.43
CA VAL A 216 22.99 -35.04 2.62
C VAL A 216 21.85 -35.49 3.54
N ASP A 217 21.93 -36.75 3.97
CA ASP A 217 20.97 -37.32 4.90
C ASP A 217 21.69 -37.58 6.22
N ASP A 218 21.15 -37.08 7.34
CA ASP A 218 21.76 -37.23 8.69
C ASP A 218 21.96 -38.71 9.12
N THR A 219 21.17 -39.62 8.54
CA THR A 219 21.47 -41.05 8.55
C THR A 219 22.95 -41.39 8.16
N ASN A 220 23.38 -41.03 6.95
CA ASN A 220 24.75 -41.31 6.46
C ASN A 220 25.81 -40.32 6.88
N LYS A 221 25.46 -39.03 6.83
CA LYS A 221 26.36 -37.87 7.00
C LYS A 221 27.42 -37.75 5.88
N ILE A 222 26.97 -38.10 4.67
CA ILE A 222 27.76 -38.08 3.43
C ILE A 222 27.09 -37.10 2.47
N LEU A 223 27.85 -36.09 2.11
CA LEU A 223 27.42 -35.08 1.18
C LEU A 223 27.64 -35.56 -0.24
N ASN A 224 26.59 -35.67 -1.03
CA ASN A 224 26.62 -36.28 -2.37
C ASN A 224 26.29 -35.27 -3.45
N ILE A 225 27.31 -34.83 -4.17
CA ILE A 225 27.18 -33.75 -5.19
C ILE A 225 26.86 -34.28 -6.60
N GLU A 226 25.65 -34.00 -7.09
CA GLU A 226 25.26 -34.32 -8.48
C GLU A 226 25.59 -33.18 -9.48
N ARG A 227 26.10 -33.53 -10.66
CA ARG A 227 26.21 -32.59 -11.80
C ARG A 227 25.29 -33.06 -12.96
N ASN A 228 24.18 -32.33 -13.17
CA ASN A 228 23.14 -32.70 -14.13
C ASN A 228 22.61 -34.11 -13.89
N GLY A 229 22.32 -34.44 -12.64
CA GLY A 229 21.76 -35.76 -12.28
C GLY A 229 22.72 -36.95 -12.29
N GLU A 230 24.01 -36.71 -12.05
CA GLU A 230 25.03 -37.74 -12.10
C GLU A 230 26.08 -37.36 -11.08
N ILE A 231 26.41 -38.28 -10.18
CA ILE A 231 27.28 -37.98 -9.04
C ILE A 231 28.73 -37.87 -9.49
N ILE A 232 29.47 -36.95 -8.89
CA ILE A 232 30.83 -36.66 -9.30
C ILE A 232 31.77 -36.40 -8.15
N LYS A 233 31.24 -36.30 -6.93
CA LYS A 233 32.05 -36.24 -5.73
C LYS A 233 31.13 -36.63 -4.57
N THR A 234 31.72 -37.19 -3.52
CA THR A 234 31.06 -37.32 -2.23
C THR A 234 32.04 -36.82 -1.21
N MET A 235 31.52 -36.44 -0.05
CA MET A 235 32.38 -36.17 1.09
C MET A 235 31.64 -36.35 2.39
N PRO A 236 32.36 -36.86 3.41
CA PRO A 236 31.79 -36.97 4.74
C PRO A 236 31.76 -35.65 5.50
N THR A 237 30.60 -35.29 6.03
CA THR A 237 30.45 -34.06 6.77
C THR A 237 30.03 -34.36 8.21
N SER A 238 30.50 -33.53 9.13
CA SER A 238 29.98 -33.46 10.49
C SER A 238 29.15 -32.21 10.55
N MET A 239 27.83 -32.36 10.70
CA MET A 239 26.88 -31.24 10.76
C MET A 239 26.71 -30.72 12.21
N GLY A 240 25.64 -29.96 12.46
CA GLY A 240 25.41 -29.35 13.74
C GLY A 240 24.94 -30.28 14.84
N LYS A 241 25.62 -30.22 15.98
CA LYS A 241 25.12 -30.75 17.27
C LYS A 241 23.60 -30.76 17.41
N ASP A 242 23.06 -31.74 18.13
CA ASP A 242 21.64 -31.73 18.57
C ASP A 242 21.17 -30.37 19.11
N LYS A 243 22.02 -29.81 19.98
CA LYS A 243 21.79 -28.52 20.63
C LYS A 243 21.90 -27.31 19.66
N ALA A 244 22.63 -27.43 18.54
CA ALA A 244 22.82 -26.33 17.56
C ALA A 244 22.72 -26.89 16.12
N PRO A 245 21.56 -27.49 15.81
CA PRO A 245 21.51 -28.31 14.62
C PRO A 245 21.51 -27.50 13.31
N THR A 246 22.01 -28.15 12.27
CA THR A 246 21.84 -27.74 10.91
C THR A 246 20.38 -27.91 10.60
N ASN A 247 19.76 -26.88 10.01
CA ASN A 247 18.36 -26.94 9.54
C ASN A 247 18.19 -27.96 8.42
N ASN A 248 16.98 -28.50 8.27
CA ASN A 248 16.61 -29.37 7.14
C ASN A 248 16.08 -28.49 6.05
N GLY A 249 16.13 -29.00 4.83
CA GLY A 249 15.48 -28.39 3.66
C GLY A 249 16.46 -28.00 2.59
N THR A 250 15.95 -27.24 1.63
CA THR A 250 16.77 -26.69 0.53
C THR A 250 17.50 -25.39 0.92
N TYR A 251 18.82 -25.37 0.73
CA TYR A 251 19.60 -24.13 0.83
C TYR A 251 20.15 -23.66 -0.52
N ILE A 252 19.99 -22.37 -0.83
CA ILE A 252 20.65 -21.73 -1.98
C ILE A 252 22.05 -21.23 -1.59
N ILE A 253 23.04 -21.54 -2.41
CA ILE A 253 24.39 -21.16 -2.10
C ILE A 253 24.54 -19.70 -2.50
N GLY A 254 25.39 -19.00 -1.78
CA GLY A 254 25.64 -17.59 -2.03
C GLY A 254 27.11 -17.32 -2.15
N GLU A 255 27.65 -16.64 -1.14
CA GLU A 255 29.02 -16.14 -1.20
C GLU A 255 30.02 -17.27 -1.08
N ARG A 256 31.30 -16.94 -1.26
CA ARG A 256 32.37 -17.79 -0.76
C ARG A 256 33.61 -17.04 -0.39
N PHE A 257 34.44 -17.68 0.42
CA PHE A 257 35.62 -17.01 0.99
C PHE A 257 36.76 -18.01 1.14
N LYS A 258 37.95 -17.60 0.70
CA LYS A 258 39.15 -18.40 0.88
C LYS A 258 39.48 -18.48 2.38
N ASP A 259 39.11 -17.43 3.12
CA ASP A 259 39.31 -17.37 4.56
C ASP A 259 38.10 -16.71 5.19
N LEU A 260 37.97 -16.80 6.51
CA LEU A 260 36.85 -16.20 7.19
C LEU A 260 37.06 -16.23 8.68
N ILE A 261 36.97 -15.09 9.34
CA ILE A 261 36.87 -15.12 10.79
C ILE A 261 35.39 -15.42 11.08
N MET A 262 35.12 -16.17 12.14
CA MET A 262 33.75 -16.47 12.54
C MET A 262 33.52 -16.01 13.99
N ASP A 263 32.45 -15.23 14.22
CA ASP A 263 32.17 -14.55 15.50
C ASP A 263 30.77 -14.85 16.05
N TYR A 277 33.86 -18.12 21.25
CA TYR A 277 34.66 -18.53 20.09
C TYR A 277 34.94 -17.37 19.12
N ARG A 278 36.18 -17.30 18.63
CA ARG A 278 36.52 -16.46 17.47
C ARG A 278 37.70 -17.13 16.74
N THR A 279 37.48 -17.66 15.52
CA THR A 279 38.56 -18.41 14.79
C THR A 279 38.49 -18.44 13.24
N LYS A 280 39.68 -18.65 12.64
CA LYS A 280 39.89 -18.63 11.18
C LYS A 280 39.51 -19.98 10.59
N VAL A 281 39.01 -19.94 9.36
CA VAL A 281 38.30 -21.04 8.76
C VAL A 281 38.50 -20.87 7.26
N GLN A 282 38.79 -21.95 6.53
CA GLN A 282 39.11 -21.85 5.09
C GLN A 282 38.06 -22.40 4.14
N TYR A 283 38.10 -21.94 2.89
CA TYR A 283 37.27 -22.51 1.87
C TYR A 283 35.82 -22.67 2.35
N ALA A 284 35.19 -21.53 2.64
CA ALA A 284 33.82 -21.48 3.13
C ALA A 284 32.88 -21.15 1.99
N THR A 285 32.13 -22.13 1.50
CA THR A 285 31.02 -21.87 0.60
C THR A 285 29.73 -21.72 1.43
N GLN A 286 29.14 -20.52 1.42
CA GLN A 286 27.98 -20.19 2.24
C GLN A 286 26.72 -20.89 1.82
N MET A 287 25.94 -21.38 2.79
CA MET A 287 24.56 -21.86 2.54
C MET A 287 23.37 -21.03 3.12
N SER A 288 23.58 -20.17 4.13
CA SER A 288 22.46 -19.40 4.70
C SER A 288 22.89 -18.09 5.36
N TYR A 289 21.99 -17.12 5.36
CA TYR A 289 22.28 -15.81 5.98
C TYR A 289 22.64 -15.96 7.45
N SER A 290 22.07 -17.00 8.06
CA SER A 290 22.30 -17.32 9.47
C SER A 290 23.62 -18.00 9.80
N GLY A 291 24.47 -18.26 8.83
CA GLY A 291 25.87 -18.60 9.15
C GLY A 291 26.30 -20.03 8.98
N ILE A 292 25.57 -20.72 8.12
CA ILE A 292 25.72 -22.14 7.85
C ILE A 292 26.57 -22.23 6.61
N TYR A 293 27.80 -22.71 6.77
CA TYR A 293 28.70 -22.92 5.62
C TYR A 293 29.18 -24.34 5.53
N VAL A 294 29.30 -24.85 4.31
CA VAL A 294 30.28 -25.89 4.03
C VAL A 294 31.65 -25.30 4.24
N HIS A 295 32.48 -25.91 5.08
CA HIS A 295 33.81 -25.38 5.33
C HIS A 295 34.85 -26.34 5.90
N ALA A 296 36.10 -25.89 5.88
CA ALA A 296 37.24 -26.73 6.23
C ALA A 296 37.43 -26.83 7.73
N ALA A 297 37.28 -28.06 8.23
CA ALA A 297 37.40 -28.37 9.66
C ALA A 297 38.36 -29.57 9.91
N PRO A 298 39.70 -29.33 9.88
CA PRO A 298 40.62 -30.44 10.15
C PRO A 298 40.44 -30.98 11.56
N TRP A 299 40.28 -30.08 12.54
CA TRP A 299 40.05 -30.44 13.95
C TRP A 299 38.97 -31.53 14.19
N SER A 300 38.02 -31.71 13.25
CA SER A 300 36.95 -32.71 13.38
C SER A 300 36.80 -33.71 12.20
N VAL A 301 37.91 -34.22 11.66
CA VAL A 301 37.81 -35.26 10.59
C VAL A 301 37.28 -36.59 11.18
N GLY A 302 37.84 -36.95 12.34
CA GLY A 302 37.36 -38.09 13.13
C GLY A 302 35.86 -38.23 13.17
N ALA A 303 35.17 -37.09 13.28
CA ALA A 303 33.70 -37.06 13.39
C ALA A 303 32.96 -37.09 12.07
N GLN A 304 33.59 -36.57 11.02
CA GLN A 304 32.92 -36.48 9.71
C GLN A 304 32.40 -37.86 9.29
N GLY A 305 31.21 -37.93 8.73
CA GLY A 305 30.59 -39.22 8.39
C GLY A 305 29.99 -40.04 9.53
N ARG A 306 30.05 -39.54 10.75
CA ARG A 306 29.76 -40.35 11.93
C ARG A 306 28.92 -39.69 13.01
N THR A 307 29.33 -38.48 13.43
CA THR A 307 28.67 -37.76 14.49
C THR A 307 28.70 -36.24 14.29
N ASN A 308 27.58 -35.56 14.56
CA ASN A 308 27.46 -34.09 14.39
C ASN A 308 28.12 -33.26 15.51
N THR A 309 29.20 -32.53 15.20
CA THR A 309 30.05 -31.88 16.21
C THR A 309 30.17 -30.36 16.13
N SER A 310 29.42 -29.73 15.22
CA SER A 310 29.49 -28.27 14.94
C SER A 310 28.25 -27.51 15.41
N HIS A 311 28.32 -26.18 15.32
CA HIS A 311 27.19 -25.34 15.72
C HIS A 311 26.20 -25.06 14.58
N GLY A 312 26.25 -25.83 13.50
CA GLY A 312 25.33 -25.66 12.37
C GLY A 312 25.98 -25.85 11.00
N CYS A 313 27.29 -25.64 10.94
CA CYS A 313 28.03 -25.70 9.69
C CYS A 313 28.22 -27.12 9.20
N LEU A 314 28.34 -27.32 7.89
CA LEU A 314 28.79 -28.59 7.31
C LEU A 314 30.30 -28.68 7.36
N ASN A 315 30.86 -29.07 8.51
CA ASN A 315 32.27 -29.47 8.64
C ASN A 315 32.67 -30.56 7.62
N VAL A 316 33.69 -30.28 6.80
CA VAL A 316 34.37 -31.26 5.94
C VAL A 316 35.88 -31.05 6.00
N SER A 317 36.62 -31.95 5.37
CA SER A 317 38.11 -31.90 5.37
C SER A 317 38.60 -30.76 4.50
N THR A 318 39.76 -30.20 4.86
CA THR A 318 40.35 -29.10 4.10
C THR A 318 40.38 -29.40 2.61
N ALA A 319 40.80 -30.61 2.24
CA ALA A 319 40.86 -30.98 0.83
C ALA A 319 39.47 -31.01 0.16
N ASN A 320 38.45 -31.48 0.88
CA ASN A 320 37.06 -31.53 0.37
C ASN A 320 36.33 -30.22 0.38
N ALA A 321 36.65 -29.36 1.36
CA ALA A 321 36.17 -27.97 1.41
C ALA A 321 36.62 -27.22 0.15
N LYS A 322 37.94 -27.21 -0.05
CA LYS A 322 38.60 -26.62 -1.22
C LYS A 322 38.00 -27.11 -2.53
N TRP A 323 37.54 -28.35 -2.58
CA TRP A 323 36.90 -28.83 -3.79
C TRP A 323 35.56 -28.17 -3.94
N PHE A 324 34.80 -28.09 -2.83
CA PHE A 324 33.44 -27.49 -2.81
C PHE A 324 33.51 -25.98 -3.11
N TYR A 325 34.58 -25.33 -2.60
CA TYR A 325 34.94 -23.94 -2.93
C TYR A 325 35.15 -23.70 -4.40
N GLU A 326 35.75 -24.68 -5.09
CA GLU A 326 36.18 -24.52 -6.47
C GLU A 326 35.19 -25.07 -7.47
N ASN A 327 34.25 -25.90 -7.07
CA ASN A 327 33.39 -26.63 -8.04
C ASN A 327 31.92 -26.25 -8.06
N THR A 328 31.49 -25.50 -7.04
CA THR A 328 30.17 -24.87 -7.03
C THR A 328 30.27 -23.37 -7.25
N LYS A 329 29.16 -22.86 -7.74
CA LYS A 329 28.96 -21.47 -8.07
C LYS A 329 27.77 -20.97 -7.24
N ARG A 330 27.70 -19.67 -7.05
CA ARG A 330 26.50 -19.06 -6.48
C ARG A 330 25.29 -19.60 -7.20
N GLY A 331 24.21 -19.84 -6.45
CA GLY A 331 22.92 -20.36 -7.00
C GLY A 331 22.75 -21.88 -7.05
N ASP A 332 23.83 -22.59 -6.76
CA ASP A 332 23.79 -24.04 -6.63
C ASP A 332 23.07 -24.46 -5.34
N VAL A 333 22.39 -25.61 -5.39
CA VAL A 333 21.63 -26.14 -4.25
C VAL A 333 22.45 -27.04 -3.31
N VAL A 334 22.08 -27.01 -2.03
CA VAL A 334 22.35 -28.05 -1.04
C VAL A 334 21.05 -28.44 -0.34
N ILE A 335 20.80 -29.74 -0.24
CA ILE A 335 19.60 -30.22 0.45
C ILE A 335 19.95 -31.05 1.66
N VAL A 336 19.23 -30.82 2.75
CA VAL A 336 19.45 -31.52 4.01
C VAL A 336 18.16 -32.27 4.42
N SER A 337 18.39 -33.47 4.96
CA SER A 337 17.34 -34.43 5.31
C SER A 337 17.66 -35.13 6.64
N ASN A 338 16.61 -35.28 7.47
CA ASN A 338 16.67 -36.04 8.75
C ASN A 338 17.58 -35.50 9.88
N THR A 339 18.00 -34.25 9.84
CA THR A 339 18.66 -33.69 11.02
C THR A 339 17.62 -33.49 12.09
N VAL A 340 18.07 -33.26 13.31
CA VAL A 340 17.11 -32.97 14.38
C VAL A 340 16.55 -31.56 14.26
N GLY A 341 17.19 -30.70 13.47
CA GLY A 341 16.82 -29.30 13.42
C GLY A 341 15.54 -29.03 12.64
N PRO A 342 15.03 -27.79 12.78
CA PRO A 342 13.85 -27.37 12.03
C PRO A 342 14.16 -27.23 10.55
N VAL A 343 13.13 -26.86 9.80
CA VAL A 343 13.25 -26.51 8.39
C VAL A 343 13.94 -25.15 8.38
N LEU A 344 14.83 -24.92 7.41
CA LEU A 344 15.35 -23.57 7.17
C LEU A 344 14.17 -22.63 6.87
N PRO A 345 14.02 -21.52 7.65
CA PRO A 345 12.89 -20.64 7.36
C PRO A 345 12.97 -19.95 5.97
N GLY A 346 11.84 -19.91 5.28
CA GLY A 346 11.75 -19.41 3.90
C GLY A 346 12.26 -18.02 3.61
N THR A 347 12.09 -17.10 4.54
CA THR A 347 12.37 -15.69 4.32
C THR A 347 13.73 -15.25 4.84
N GLU A 348 14.70 -16.16 4.80
CA GLU A 348 15.87 -16.10 5.69
C GLU A 348 17.06 -15.19 5.24
N GLY A 349 17.65 -15.30 4.03
CA GLY A 349 17.44 -16.38 3.03
C GLY A 349 18.10 -16.10 1.67
N LEU A 350 18.34 -17.06 0.77
CA LEU A 350 18.74 -18.48 0.93
C LEU A 350 17.75 -19.61 1.24
N GLY A 351 16.65 -19.35 1.91
CA GLY A 351 15.65 -20.40 2.18
C GLY A 351 14.49 -20.39 1.20
N ASP A 352 14.57 -19.58 0.17
CA ASP A 352 13.43 -19.30 -0.71
C ASP A 352 12.63 -20.54 -1.11
N TRP A 353 13.31 -21.65 -1.41
CA TRP A 353 12.66 -22.83 -2.02
C TRP A 353 11.80 -23.62 -1.04
N ASN A 354 12.14 -23.48 0.22
CA ASN A 354 11.37 -24.08 1.28
C ASN A 354 9.91 -23.62 1.32
N ILE A 355 9.61 -22.44 0.79
CA ILE A 355 8.21 -22.00 0.72
C ILE A 355 7.47 -22.75 -0.39
N PRO A 356 6.24 -23.22 -0.09
CA PRO A 356 5.55 -23.98 -1.11
C PRO A 356 5.06 -23.05 -2.22
N TRP A 357 5.14 -23.51 -3.47
CA TRP A 357 4.74 -22.70 -4.62
C TRP A 357 3.41 -22.00 -4.41
N ALA A 358 2.39 -22.72 -3.96
CA ALA A 358 1.06 -22.14 -3.72
C ALA A 358 1.13 -20.77 -3.01
N GLN A 359 1.76 -20.76 -1.85
CA GLN A 359 1.87 -19.60 -1.00
C GLN A 359 2.70 -18.48 -1.60
N TRP A 360 3.84 -18.87 -2.15
CA TRP A 360 4.77 -17.97 -2.82
C TRP A 360 4.07 -17.25 -3.99
N LYS A 361 3.46 -18.01 -4.88
CA LYS A 361 2.72 -17.43 -5.99
C LYS A 361 1.66 -16.43 -5.52
N ALA A 362 1.03 -16.71 -4.38
CA ALA A 362 0.11 -15.75 -3.76
C ALA A 362 0.81 -14.44 -3.43
N GLY A 363 2.09 -14.51 -3.07
CA GLY A 363 2.88 -13.34 -2.81
C GLY A 363 2.46 -12.76 -1.48
N ASN A 364 3.05 -11.63 -1.14
CA ASN A 364 2.66 -10.90 0.05
C ASN A 364 2.77 -9.39 -0.15
N ALA A 365 2.19 -8.91 -1.25
CA ALA A 365 2.06 -7.46 -1.51
C ALA A 365 1.16 -6.78 -0.46
N ARG A 366 -0.11 -7.24 -0.32
CA ARG A 366 -1.08 -6.66 0.65
C ARG A 366 -0.76 -7.10 2.08
N PRO B 19 17.61 -74.83 33.84
CA PRO B 19 18.57 -74.04 33.06
C PRO B 19 18.42 -72.56 33.34
N LYS B 20 19.43 -71.96 33.96
CA LYS B 20 19.42 -70.53 34.34
C LYS B 20 19.83 -69.57 33.19
N LEU B 21 19.12 -68.44 33.11
CA LEU B 21 19.36 -67.45 32.08
C LEU B 21 19.67 -66.11 32.76
N ALA B 22 20.90 -65.63 32.56
CA ALA B 22 21.48 -64.49 33.27
C ALA B 22 21.88 -63.34 32.34
N MET B 23 21.01 -62.35 32.17
CA MET B 23 21.33 -61.14 31.38
C MET B 23 22.01 -60.02 32.21
N SER B 24 22.99 -59.32 31.65
CA SER B 24 23.68 -58.22 32.37
C SER B 24 22.96 -56.87 32.34
N VAL B 25 21.76 -56.82 31.78
CA VAL B 25 20.85 -55.73 32.09
C VAL B 25 19.62 -56.32 32.78
N LYS B 26 18.87 -55.47 33.48
CA LYS B 26 17.68 -55.84 34.23
C LYS B 26 16.49 -55.28 33.48
N ASP B 27 15.35 -56.00 33.51
CA ASP B 27 14.12 -55.54 32.80
C ASP B 27 13.66 -54.17 33.37
N GLY B 28 12.98 -53.38 32.55
CA GLY B 28 12.45 -52.07 32.96
C GLY B 28 13.45 -50.96 33.24
N ALA B 29 14.75 -51.32 33.37
CA ALA B 29 15.84 -50.41 33.79
C ALA B 29 16.05 -49.21 32.85
N VAL B 30 16.75 -48.22 33.40
CA VAL B 30 17.16 -47.00 32.69
C VAL B 30 18.67 -46.84 32.97
N GLY B 31 19.32 -45.92 32.26
CA GLY B 31 20.69 -45.50 32.60
C GLY B 31 21.75 -46.55 32.34
N VAL B 32 21.52 -47.37 31.33
CA VAL B 32 22.39 -48.44 30.97
C VAL B 32 23.58 -47.86 30.21
N ALA B 33 24.78 -48.13 30.71
CA ALA B 33 26.02 -47.67 30.05
C ALA B 33 26.11 -48.11 28.60
N VAL B 34 26.63 -47.23 27.75
CA VAL B 34 26.92 -47.58 26.36
C VAL B 34 28.37 -48.01 26.08
N ASP B 35 29.30 -47.71 26.99
CA ASP B 35 30.69 -48.23 26.92
C ASP B 35 30.75 -49.75 26.92
N ALA B 36 30.02 -50.35 27.86
CA ALA B 36 30.00 -51.80 28.05
C ALA B 36 29.05 -52.47 27.07
N PRO B 37 29.40 -53.67 26.60
CA PRO B 37 28.44 -54.44 25.80
C PRO B 37 27.47 -55.20 26.72
N VAL B 38 26.24 -55.43 26.24
CA VAL B 38 25.25 -56.30 26.90
C VAL B 38 25.57 -57.80 26.73
N THR B 39 25.69 -58.53 27.84
CA THR B 39 25.88 -59.99 27.82
C THR B 39 24.66 -60.74 28.32
N VAL B 40 24.65 -62.04 27.95
CA VAL B 40 23.62 -63.01 28.38
C VAL B 40 24.29 -64.34 28.59
N THR B 41 24.05 -64.96 29.73
CA THR B 41 24.69 -66.23 30.07
C THR B 41 23.73 -67.31 30.53
N ALA B 42 23.97 -68.52 30.01
CA ALA B 42 23.28 -69.70 30.45
C ALA B 42 24.06 -70.38 31.59
N GLY B 43 23.29 -70.94 32.52
CA GLY B 43 23.80 -71.78 33.60
C GLY B 43 23.00 -73.08 33.58
N GLU B 44 23.71 -74.21 33.66
CA GLU B 44 23.17 -75.56 33.42
C GLU B 44 22.21 -75.54 32.21
N GLY B 45 22.81 -75.26 31.08
CA GLY B 45 22.14 -75.21 29.78
C GLY B 45 23.05 -74.57 28.76
N VAL B 46 22.62 -74.55 27.50
CA VAL B 46 23.34 -73.88 26.44
C VAL B 46 22.38 -72.95 25.72
N LEU B 47 22.89 -71.80 25.27
CA LEU B 47 22.07 -70.82 24.55
C LEU B 47 21.72 -71.36 23.18
N GLY B 48 20.47 -71.14 22.80
CA GLY B 48 20.00 -71.41 21.45
C GLY B 48 19.90 -70.12 20.69
N SER B 49 18.95 -69.28 21.11
CA SER B 49 18.63 -68.04 20.40
C SER B 49 18.56 -66.81 21.33
N VAL B 50 19.54 -65.92 21.21
CA VAL B 50 19.53 -64.60 21.84
C VAL B 50 19.26 -63.51 20.81
N THR B 51 18.36 -62.56 21.08
CA THR B 51 18.02 -61.50 20.09
C THR B 51 17.72 -60.14 20.71
N MET B 52 18.35 -59.09 20.19
CA MET B 52 18.23 -57.73 20.74
C MET B 52 17.83 -56.73 19.68
N VAL B 53 16.60 -56.24 19.72
CA VAL B 53 16.16 -55.14 18.82
C VAL B 53 16.07 -53.84 19.57
N ASN B 54 16.07 -52.72 18.83
CA ASN B 54 15.76 -51.42 19.42
C ASN B 54 14.28 -51.09 19.21
N SER B 55 13.84 -49.93 19.70
CA SER B 55 12.44 -49.52 19.53
C SER B 55 12.08 -49.23 18.06
N ASP B 56 13.06 -48.84 17.24
CA ASP B 56 12.84 -48.56 15.81
C ASP B 56 12.66 -49.81 14.98
N GLY B 57 12.90 -51.00 15.54
CA GLY B 57 12.79 -52.29 14.84
C GLY B 57 14.13 -52.93 14.47
N LYS B 58 15.17 -52.12 14.27
CA LYS B 58 16.49 -52.62 13.84
C LYS B 58 17.04 -53.63 14.86
N GLU B 59 17.56 -54.74 14.37
CA GLU B 59 18.21 -55.69 15.26
C GLU B 59 19.67 -55.33 15.39
N ILE B 60 20.28 -55.82 16.48
CA ILE B 60 21.55 -55.34 16.95
C ILE B 60 22.51 -56.49 16.89
N ALA B 61 23.65 -56.23 16.28
CA ALA B 61 24.64 -57.24 16.12
C ALA B 61 25.05 -57.76 17.48
N GLY B 62 24.85 -59.07 17.67
CA GLY B 62 25.58 -59.86 18.68
C GLY B 62 25.72 -61.33 18.31
N GLU B 63 26.62 -62.03 18.99
CA GLU B 63 26.90 -63.44 18.72
C GLU B 63 27.23 -64.29 19.94
N ILE B 64 26.89 -65.59 19.84
CA ILE B 64 27.10 -66.58 20.89
C ILE B 64 28.51 -67.13 20.78
N GLY B 65 29.22 -67.25 21.89
CA GLY B 65 30.60 -67.70 21.86
C GLY B 65 30.74 -69.18 21.55
N PRO B 66 31.96 -69.63 21.19
CA PRO B 66 32.35 -71.03 20.99
C PRO B 66 31.73 -72.08 21.91
N ASP B 67 31.77 -71.81 23.20
CA ASP B 67 31.26 -72.75 24.19
C ASP B 67 29.74 -72.78 24.32
N GLY B 68 29.02 -71.89 23.63
CA GLY B 68 27.56 -71.93 23.60
C GLY B 68 26.89 -71.39 24.85
N VAL B 69 27.69 -70.85 25.76
CA VAL B 69 27.24 -70.43 27.08
C VAL B 69 26.82 -68.95 27.09
N THR B 70 27.62 -68.06 26.46
CA THR B 70 27.43 -66.58 26.54
C THR B 70 27.33 -65.89 25.17
N TRP B 71 26.45 -64.90 25.10
CA TRP B 71 26.29 -64.04 23.93
C TRP B 71 26.66 -62.63 24.37
N THR B 72 27.55 -62.00 23.63
CA THR B 72 27.96 -60.60 23.83
C THR B 72 27.40 -59.82 22.67
N THR B 73 27.11 -58.55 22.88
CA THR B 73 26.84 -57.65 21.76
C THR B 73 28.19 -57.40 21.05
N THR B 74 28.12 -57.09 19.76
CA THR B 74 29.33 -56.86 18.95
C THR B 74 29.45 -55.39 18.54
N GLU B 75 28.38 -54.78 18.01
CA GLU B 75 28.30 -53.28 17.85
C GLU B 75 28.10 -52.54 19.22
N PRO B 76 28.47 -51.23 19.27
CA PRO B 76 28.28 -50.50 20.54
C PRO B 76 26.89 -49.86 20.56
N LEU B 77 26.41 -49.54 21.76
CA LEU B 77 25.03 -49.10 21.89
C LEU B 77 24.94 -47.60 21.76
N GLY B 78 23.75 -47.13 21.47
CA GLY B 78 23.49 -45.71 21.39
C GLY B 78 22.95 -45.11 22.67
N TYR B 79 23.19 -43.81 22.83
CA TYR B 79 22.54 -43.02 23.88
C TYR B 79 21.06 -42.90 23.57
N ASP B 80 20.24 -42.77 24.62
CA ASP B 80 18.80 -42.44 24.49
C ASP B 80 18.02 -43.38 23.54
N LYS B 81 18.31 -44.67 23.62
CA LYS B 81 17.58 -45.67 22.83
C LYS B 81 16.96 -46.67 23.78
N GLN B 82 15.84 -47.24 23.35
CA GLN B 82 15.20 -48.34 24.07
C GLN B 82 15.50 -49.66 23.35
N TYR B 83 15.90 -50.67 24.10
CA TYR B 83 16.25 -51.96 23.54
C TYR B 83 15.38 -53.04 24.18
N THR B 84 14.81 -53.95 23.38
CA THR B 84 14.25 -55.22 23.93
C THR B 84 15.14 -56.40 23.58
N ILE B 85 15.31 -57.33 24.51
CA ILE B 85 16.19 -58.49 24.31
C ILE B 85 15.42 -59.75 24.72
N ASN B 86 15.63 -60.87 24.01
CA ASN B 86 15.03 -62.18 24.37
C ASN B 86 16.04 -63.26 24.14
N ALA B 87 16.19 -64.16 25.09
CA ALA B 87 17.09 -65.29 24.96
C ALA B 87 16.37 -66.62 25.32
N ASP B 88 17.02 -67.76 25.03
CA ASP B 88 16.59 -69.05 25.57
C ASP B 88 17.70 -70.07 25.61
N ALA B 89 17.49 -71.15 26.39
CA ALA B 89 18.53 -72.14 26.66
C ALA B 89 18.01 -73.61 26.72
N ARG B 90 18.91 -74.54 27.09
CA ARG B 90 18.58 -75.97 27.27
C ARG B 90 19.33 -76.56 28.45
N VAL B 95 14.84 -76.33 29.16
CA VAL B 95 14.36 -75.10 28.53
C VAL B 95 14.12 -73.97 29.54
N ALA B 96 14.58 -72.76 29.19
CA ALA B 96 14.25 -71.53 29.90
C ALA B 96 14.14 -70.37 28.92
N ARG B 97 13.53 -69.27 29.35
CA ARG B 97 13.42 -68.04 28.58
C ARG B 97 13.74 -66.82 29.45
N ALA B 98 14.08 -65.72 28.78
CA ALA B 98 14.34 -64.46 29.47
C ALA B 98 13.95 -63.30 28.60
N ASN B 99 13.63 -62.22 29.27
CA ASN B 99 13.19 -61.03 28.61
C ASN B 99 13.67 -59.81 29.39
N ALA B 100 13.99 -58.76 28.67
CA ALA B 100 14.34 -57.46 29.25
C ALA B 100 14.04 -56.38 28.23
N THR B 101 13.44 -55.31 28.73
CA THR B 101 13.27 -54.08 27.97
C THR B 101 13.99 -53.04 28.82
N PHE B 102 14.67 -52.07 28.18
CA PHE B 102 15.57 -51.12 28.89
C PHE B 102 15.96 -49.95 28.02
N ARG B 103 16.41 -48.87 28.67
CA ARG B 103 16.88 -47.66 28.04
C ARG B 103 18.33 -47.47 28.41
N THR B 104 19.08 -46.87 27.48
CA THR B 104 20.49 -46.54 27.71
C THR B 104 20.58 -45.16 28.33
N GLN B 105 21.76 -44.78 28.80
CA GLN B 105 22.01 -43.43 29.35
C GLN B 105 21.41 -42.35 28.47
N SER B 106 20.79 -41.34 29.07
CA SER B 106 20.15 -40.30 28.27
C SER B 106 20.80 -39.01 28.59
N PRO B 107 21.77 -38.59 27.78
CA PRO B 107 22.50 -37.41 28.21
C PRO B 107 21.60 -36.17 28.26
N ASP B 108 21.72 -35.45 29.37
CA ASP B 108 21.21 -34.09 29.45
C ASP B 108 21.98 -33.38 28.32
N ASN B 109 23.32 -33.39 28.38
CA ASN B 109 24.15 -32.92 27.23
C ASN B 109 25.44 -33.72 26.89
N MET B 110 25.77 -33.72 25.58
CA MET B 110 26.83 -34.54 24.96
C MET B 110 28.08 -33.75 24.53
N THR B 111 29.25 -34.03 25.11
CA THR B 111 30.48 -33.24 24.85
C THR B 111 31.62 -33.91 24.06
N MET B 112 31.89 -33.42 22.84
CA MET B 112 33.05 -33.90 22.09
C MET B 112 34.37 -33.39 22.69
N PRO B 113 35.38 -34.28 22.84
CA PRO B 113 36.76 -33.85 23.08
C PRO B 113 37.53 -33.69 21.79
N TYR B 114 38.58 -32.86 21.88
CA TYR B 114 39.46 -32.47 20.78
C TYR B 114 40.91 -32.41 21.31
N VAL B 115 41.77 -33.32 20.90
CA VAL B 115 43.16 -33.36 21.38
C VAL B 115 44.09 -32.49 20.53
N MET B 116 45.10 -31.89 21.15
CA MET B 116 46.23 -31.25 20.47
C MET B 116 47.49 -31.75 21.18
N PRO B 117 48.60 -31.95 20.49
CA PRO B 117 48.74 -31.74 19.06
C PRO B 117 48.06 -32.80 18.24
N GLY B 118 48.03 -32.56 16.94
CA GLY B 118 47.40 -33.45 15.98
C GLY B 118 48.07 -34.81 15.94
N ASP B 119 47.28 -35.81 15.56
CA ASP B 119 47.77 -37.14 15.41
C ASP B 119 48.86 -37.18 14.32
N GLY B 120 49.96 -37.87 14.59
CA GLY B 120 51.08 -37.96 13.65
C GLY B 120 51.94 -36.72 13.57
N GLU B 121 51.79 -35.74 14.44
CA GLU B 121 52.58 -34.50 14.33
C GLU B 121 53.96 -34.71 14.90
N VAL B 122 54.86 -33.77 14.59
CA VAL B 122 56.15 -33.64 15.26
C VAL B 122 56.20 -32.24 15.84
N VAL B 123 56.35 -32.16 17.16
CA VAL B 123 56.20 -30.92 17.91
C VAL B 123 57.45 -30.70 18.75
N GLY B 124 57.62 -29.46 19.23
CA GLY B 124 58.75 -29.06 20.07
C GLY B 124 58.69 -29.49 21.52
N VAL B 125 59.76 -29.20 22.26
CA VAL B 125 59.87 -29.71 23.61
C VAL B 125 58.93 -29.00 24.60
N GLY B 126 58.37 -27.88 24.18
CA GLY B 126 57.41 -27.17 25.02
C GLY B 126 55.98 -27.63 24.94
N GLN B 127 55.67 -28.54 24.02
CA GLN B 127 54.28 -28.82 23.72
C GLN B 127 53.70 -29.47 24.93
N THR B 128 52.50 -29.02 25.28
CA THR B 128 51.69 -29.73 26.27
C THR B 128 50.52 -30.49 25.61
N VAL B 129 50.23 -31.68 26.12
CA VAL B 129 49.07 -32.41 25.67
C VAL B 129 47.83 -31.66 26.12
N ALA B 130 46.84 -31.48 25.23
CA ALA B 130 45.71 -30.62 25.52
C ALA B 130 44.40 -31.23 25.07
N ILE B 131 43.54 -31.59 26.03
CA ILE B 131 42.20 -32.10 25.75
C ILE B 131 41.17 -30.99 26.02
N ARG B 132 40.55 -30.49 24.94
CA ARG B 132 39.59 -29.40 24.95
C ARG B 132 38.19 -29.95 24.68
N PHE B 133 37.35 -29.93 25.70
CA PHE B 133 35.92 -30.27 25.57
C PHE B 133 35.14 -29.05 25.08
N ASP B 134 33.99 -29.29 24.46
CA ASP B 134 33.09 -28.20 24.03
C ASP B 134 31.91 -27.92 24.98
N GLU B 135 32.01 -28.34 26.22
CA GLU B 135 31.08 -27.91 27.28
C GLU B 135 31.84 -27.98 28.60
N ASN B 136 31.28 -27.37 29.63
CA ASN B 136 31.89 -27.44 30.95
C ASN B 136 31.83 -28.86 31.46
N ILE B 137 32.81 -29.22 32.26
CA ILE B 137 33.05 -30.60 32.66
C ILE B 137 32.89 -30.66 34.20
N PRO B 138 31.63 -30.70 34.69
CA PRO B 138 31.39 -30.76 36.14
C PRO B 138 32.38 -31.66 36.90
N ASN B 139 32.32 -32.96 36.72
CA ASN B 139 33.29 -33.80 37.39
C ASN B 139 34.49 -33.79 36.50
N ARG B 140 35.63 -33.44 37.07
CA ARG B 140 36.87 -33.31 36.33
C ARG B 140 37.86 -34.39 36.63
N ALA B 141 37.75 -35.03 37.80
CA ALA B 141 38.59 -36.20 38.05
C ALA B 141 38.09 -37.33 37.19
N ALA B 142 36.83 -37.22 36.73
CA ALA B 142 36.22 -38.18 35.81
C ALA B 142 36.92 -38.14 34.48
N ALA B 143 36.88 -36.97 33.86
CA ALA B 143 37.56 -36.73 32.61
C ALA B 143 39.04 -37.18 32.70
N GLU B 144 39.74 -36.83 33.77
CA GLU B 144 41.17 -37.25 33.92
C GLU B 144 41.38 -38.78 34.01
N LYS B 145 40.36 -39.50 34.52
CA LYS B 145 40.38 -40.98 34.57
C LYS B 145 40.27 -41.58 33.16
N ALA B 146 39.44 -40.92 32.34
CA ALA B 146 39.22 -41.27 30.95
C ALA B 146 40.38 -40.98 29.98
N ILE B 147 41.44 -40.30 30.42
CA ILE B 147 42.49 -39.84 29.52
C ILE B 147 43.78 -40.58 29.81
N LYS B 148 44.30 -41.35 28.84
CA LYS B 148 45.41 -42.29 29.08
C LYS B 148 46.62 -41.97 28.22
N ILE B 149 47.59 -41.35 28.85
CA ILE B 149 48.71 -40.77 28.20
C ILE B 149 49.81 -41.76 28.46
N THR B 150 50.54 -42.10 27.40
CA THR B 150 51.40 -43.26 27.44
C THR B 150 52.62 -42.68 26.73
N THR B 151 53.78 -42.84 27.36
CA THR B 151 54.93 -41.99 27.13
C THR B 151 56.19 -42.87 27.07
N ASN B 152 57.06 -42.65 26.08
CA ASN B 152 58.24 -43.47 25.84
C ASN B 152 59.36 -42.61 25.23
N PRO B 153 60.51 -42.47 25.89
CA PRO B 153 60.82 -43.05 27.20
C PRO B 153 59.87 -42.57 28.28
N PRO B 154 59.45 -43.46 29.20
CA PRO B 154 58.45 -43.07 30.20
C PRO B 154 58.88 -41.90 31.06
N VAL B 155 57.95 -40.99 31.33
CA VAL B 155 58.23 -39.82 32.18
C VAL B 155 56.93 -39.32 32.81
N GLU B 156 57.08 -38.86 34.05
CA GLU B 156 55.93 -38.49 34.84
C GLU B 156 55.29 -37.24 34.28
N GLY B 157 53.97 -37.17 34.41
CA GLY B 157 53.25 -35.92 34.20
C GLY B 157 51.98 -35.81 35.01
N ALA B 158 51.21 -34.78 34.75
CA ALA B 158 50.00 -34.60 35.49
C ALA B 158 49.14 -33.60 34.78
N PHE B 159 47.85 -33.65 35.11
CA PHE B 159 46.83 -32.83 34.48
C PHE B 159 46.72 -31.55 35.24
N TYR B 160 46.22 -30.52 34.55
CA TYR B 160 45.96 -29.23 35.18
C TYR B 160 45.01 -28.44 34.30
N TRP B 161 43.95 -27.90 34.87
CA TRP B 161 42.87 -27.27 34.08
C TRP B 161 43.10 -25.76 33.84
N LEU B 162 43.18 -25.36 32.59
CA LEU B 162 43.28 -23.94 32.27
C LEU B 162 41.97 -23.22 32.59
N ASN B 163 40.87 -23.83 32.23
CA ASN B 163 39.56 -23.29 32.51
C ASN B 163 38.62 -24.48 32.71
N ASN B 164 37.33 -24.26 32.52
CA ASN B 164 36.34 -25.32 32.80
C ASN B 164 36.26 -26.39 31.75
N ARG B 165 36.69 -26.06 30.53
CA ARG B 165 36.57 -27.00 29.47
C ARG B 165 37.85 -27.48 28.78
N GLU B 166 39.04 -27.12 29.29
CA GLU B 166 40.29 -27.54 28.65
C GLU B 166 41.22 -27.99 29.71
N VAL B 167 41.86 -29.13 29.49
CA VAL B 167 42.83 -29.66 30.46
C VAL B 167 44.14 -29.93 29.72
N ARG B 168 45.26 -29.79 30.43
CA ARG B 168 46.58 -29.94 29.86
C ARG B 168 47.34 -30.95 30.67
N TRP B 169 48.33 -31.58 30.07
CA TRP B 169 49.15 -32.56 30.75
C TRP B 169 50.56 -32.33 30.22
N ARG B 170 51.55 -32.46 31.10
CA ARG B 170 52.96 -32.24 30.75
C ARG B 170 53.85 -32.79 31.82
N PRO B 171 55.11 -33.08 31.49
CA PRO B 171 56.13 -33.44 32.51
C PRO B 171 56.68 -32.24 33.27
N GLU B 172 57.65 -32.47 34.18
CA GLU B 172 58.17 -31.41 35.05
C GLU B 172 58.97 -30.45 34.24
N SER B 173 59.82 -31.03 33.40
CA SER B 173 60.68 -30.29 32.49
C SER B 173 60.21 -30.47 31.05
N PHE B 174 60.82 -29.69 30.17
CA PHE B 174 60.62 -29.86 28.76
C PHE B 174 60.86 -31.33 28.33
N TRP B 175 60.26 -31.70 27.22
CA TRP B 175 60.30 -33.08 26.78
C TRP B 175 61.69 -33.34 26.23
N ASP B 176 62.21 -34.56 26.42
CA ASP B 176 63.40 -35.00 25.67
C ASP B 176 63.07 -35.33 24.22
N SER B 177 63.81 -34.73 23.28
CA SER B 177 63.70 -35.11 21.87
C SER B 177 63.62 -36.63 21.69
N GLY B 178 62.78 -37.07 20.76
CA GLY B 178 62.54 -38.49 20.50
C GLY B 178 61.48 -39.17 21.33
N THR B 179 60.85 -38.46 22.27
CA THR B 179 59.82 -39.08 23.08
C THR B 179 58.57 -39.28 22.21
N SER B 180 57.88 -40.38 22.46
CA SER B 180 56.62 -40.68 21.85
C SER B 180 55.57 -40.42 22.93
N VAL B 181 54.53 -39.68 22.58
CA VAL B 181 53.39 -39.44 23.44
C VAL B 181 52.19 -40.00 22.73
N ASP B 182 51.35 -40.72 23.47
CA ASP B 182 50.17 -41.40 22.97
C ASP B 182 49.01 -41.08 23.93
N VAL B 183 47.97 -40.44 23.40
CA VAL B 183 46.89 -39.88 24.15
C VAL B 183 45.60 -40.55 23.73
N LYS B 184 44.96 -41.26 24.64
CA LYS B 184 43.67 -41.88 24.33
C LYS B 184 42.64 -41.26 25.25
N VAL B 185 41.61 -40.69 24.67
CA VAL B 185 40.62 -39.98 25.39
C VAL B 185 39.40 -40.86 25.31
N ASN B 186 39.34 -41.81 26.24
CA ASN B 186 38.35 -42.88 26.26
C ASN B 186 37.11 -42.45 27.03
N THR B 187 36.35 -41.55 26.41
CA THR B 187 35.25 -40.83 27.06
C THR B 187 33.84 -41.25 26.63
N TYR B 188 33.71 -42.05 25.58
CA TYR B 188 32.36 -42.52 25.15
C TYR B 188 31.61 -43.26 26.26
N GLY B 189 30.43 -42.79 26.60
CA GLY B 189 29.68 -43.40 27.68
C GLY B 189 30.18 -43.15 29.09
N VAL B 190 31.15 -42.25 29.25
CA VAL B 190 31.62 -41.87 30.58
C VAL B 190 30.75 -40.73 31.08
N ASN B 191 30.47 -40.73 32.38
CA ASN B 191 29.72 -39.63 33.00
C ASN B 191 30.71 -38.62 33.46
N LEU B 192 30.55 -37.39 32.97
CA LEU B 192 31.46 -36.29 33.29
C LEU B 192 30.85 -35.30 34.30
N GLY B 193 30.20 -35.87 35.34
CA GLY B 193 29.26 -35.21 36.26
C GLY B 193 27.97 -34.71 35.60
N ASP B 194 26.99 -34.41 36.47
CA ASP B 194 25.78 -33.55 36.21
C ASP B 194 25.13 -33.54 34.81
N GLY B 195 24.87 -34.72 34.26
CA GLY B 195 24.15 -34.87 32.97
C GLY B 195 25.00 -34.77 31.71
N VAL B 196 26.33 -34.90 31.84
CA VAL B 196 27.24 -34.65 30.72
C VAL B 196 28.08 -35.87 30.35
N PHE B 197 27.93 -36.29 29.09
CA PHE B 197 28.44 -37.55 28.57
C PHE B 197 29.32 -37.33 27.35
N GLY B 198 30.50 -37.95 27.33
CA GLY B 198 31.36 -37.94 26.16
C GLY B 198 30.64 -38.45 24.91
N GLN B 199 30.71 -37.67 23.85
CA GLN B 199 30.03 -37.96 22.60
C GLN B 199 30.81 -38.98 21.78
N ASP B 200 32.12 -39.09 22.04
CA ASP B 200 33.01 -39.95 21.24
C ASP B 200 34.33 -40.22 21.96
N ASN B 201 35.08 -41.18 21.41
CA ASN B 201 36.45 -41.45 21.85
C ASN B 201 37.32 -40.87 20.82
N VAL B 202 38.40 -40.23 21.23
CA VAL B 202 39.37 -39.68 20.27
C VAL B 202 40.75 -40.07 20.68
N ALA B 203 41.70 -39.90 19.78
CA ALA B 203 43.10 -40.15 20.11
C ALA B 203 44.06 -39.40 19.21
N SER B 204 45.29 -39.24 19.72
CA SER B 204 46.41 -38.71 18.94
C SER B 204 47.70 -39.39 19.42
N HIS B 205 48.55 -39.76 18.48
CA HIS B 205 49.88 -40.26 18.78
C HIS B 205 50.84 -39.37 18.04
N PHE B 206 51.83 -38.83 18.75
CA PHE B 206 52.77 -37.85 18.17
C PHE B 206 54.18 -38.05 18.79
N THR B 207 55.14 -37.24 18.33
CA THR B 207 56.55 -37.35 18.70
C THR B 207 57.14 -35.96 19.01
N ILE B 208 58.15 -35.92 19.87
CA ILE B 208 58.83 -34.69 20.19
C ILE B 208 60.10 -34.66 19.38
N GLY B 209 60.17 -33.75 18.42
CA GLY B 209 61.35 -33.58 17.58
C GLY B 209 62.43 -32.80 18.29
N ASP B 210 63.04 -31.84 17.60
CA ASP B 210 64.21 -31.16 18.14
C ASP B 210 63.92 -30.07 19.15
N ALA B 211 64.88 -29.93 20.07
CA ALA B 211 64.83 -28.86 21.08
C ALA B 211 65.19 -27.52 20.44
N VAL B 212 64.19 -26.79 19.97
CA VAL B 212 64.44 -25.47 19.41
C VAL B 212 64.00 -24.38 20.41
N ILE B 213 64.96 -23.86 21.17
CA ILE B 213 64.67 -22.92 22.24
C ILE B 213 65.21 -21.56 21.90
N SER B 214 64.33 -20.60 21.68
CA SER B 214 64.71 -19.22 21.38
C SER B 214 64.66 -18.38 22.69
N ARG B 215 65.54 -17.37 22.81
CA ARG B 215 65.77 -16.64 24.08
C ARG B 215 66.09 -15.16 23.87
N VAL B 216 65.54 -14.30 24.73
CA VAL B 216 65.79 -12.87 24.59
C VAL B 216 65.72 -12.11 25.92
N ASP B 217 66.85 -11.49 26.28
CA ASP B 217 66.95 -10.60 27.45
C ASP B 217 66.69 -9.15 27.01
N ASP B 218 65.80 -8.43 27.71
CA ASP B 218 65.44 -7.04 27.35
C ASP B 218 66.70 -6.14 27.37
N THR B 219 67.68 -6.52 28.18
CA THR B 219 69.05 -5.96 28.20
C THR B 219 69.58 -5.56 26.81
N ASN B 220 69.77 -6.56 25.95
CA ASN B 220 70.40 -6.37 24.63
C ASN B 220 69.48 -6.66 23.44
N LYS B 221 68.32 -7.26 23.74
CA LYS B 221 67.22 -7.44 22.80
C LYS B 221 67.63 -8.27 21.58
N ILE B 222 68.43 -9.31 21.84
CA ILE B 222 68.82 -10.23 20.79
C ILE B 222 68.03 -11.51 21.04
N LEU B 223 67.21 -11.89 20.06
CA LEU B 223 66.54 -13.21 20.08
C LEU B 223 67.52 -14.29 19.62
N ASN B 224 67.89 -15.18 20.54
CA ASN B 224 68.85 -16.24 20.27
C ASN B 224 68.22 -17.61 20.18
N ILE B 225 68.14 -18.12 18.94
CA ILE B 225 67.59 -19.43 18.62
C ILE B 225 68.63 -20.56 18.72
N GLU B 226 68.59 -21.30 19.83
CA GLU B 226 69.33 -22.57 20.02
C GLU B 226 68.59 -23.75 19.39
N ARG B 227 69.37 -24.75 18.98
CA ARG B 227 68.87 -26.02 18.48
C ARG B 227 69.69 -27.13 19.15
N ASN B 228 69.11 -27.79 20.14
CA ASN B 228 69.83 -28.73 21.01
C ASN B 228 71.09 -28.07 21.58
N GLY B 229 70.91 -26.92 22.21
CA GLY B 229 71.99 -26.17 22.83
C GLY B 229 73.12 -25.77 21.90
N GLU B 230 72.83 -25.47 20.63
CA GLU B 230 73.84 -24.94 19.71
C GLU B 230 73.26 -23.81 18.85
N ILE B 231 73.59 -22.57 19.22
CA ILE B 231 73.02 -21.35 18.59
C ILE B 231 73.10 -21.41 17.06
N ILE B 232 71.96 -21.39 16.37
CA ILE B 232 71.97 -21.40 14.89
C ILE B 232 71.50 -20.11 14.28
N LYS B 233 70.87 -19.22 15.04
CA LYS B 233 70.39 -17.95 14.47
C LYS B 233 70.32 -16.91 15.57
N THR B 234 70.52 -15.63 15.22
CA THR B 234 70.25 -14.49 16.15
C THR B 234 69.39 -13.41 15.47
N MET B 235 68.59 -12.69 16.24
CA MET B 235 67.75 -11.58 15.71
C MET B 235 67.80 -10.35 16.60
N PRO B 236 67.68 -9.18 15.98
CA PRO B 236 67.36 -7.99 16.74
C PRO B 236 65.82 -7.82 16.84
N THR B 237 65.30 -7.55 18.06
CA THR B 237 63.84 -7.41 18.27
C THR B 237 63.46 -6.14 19.01
N SER B 238 62.44 -5.43 18.53
CA SER B 238 61.77 -4.40 19.30
C SER B 238 60.52 -5.06 19.89
N MET B 239 60.42 -5.02 21.22
CA MET B 239 59.35 -5.63 21.98
C MET B 239 58.41 -4.54 22.46
N GLY B 240 57.52 -4.86 23.39
CA GLY B 240 56.49 -3.95 23.85
C GLY B 240 57.08 -2.81 24.62
N LYS B 241 56.56 -1.61 24.37
CA LYS B 241 56.96 -0.39 25.11
C LYS B 241 56.39 -0.50 26.52
N ASP B 242 56.80 0.39 27.40
CA ASP B 242 56.56 0.18 28.82
C ASP B 242 55.07 0.19 29.23
N LYS B 243 54.25 0.96 28.51
CA LYS B 243 52.80 0.98 28.79
C LYS B 243 52.06 -0.30 28.38
N ALA B 244 52.72 -1.15 27.58
CA ALA B 244 52.12 -2.28 26.87
C ALA B 244 53.12 -3.47 26.76
N PRO B 245 53.87 -3.74 27.82
CA PRO B 245 55.04 -4.61 27.70
C PRO B 245 54.76 -6.06 27.27
N THR B 246 55.85 -6.68 26.82
CA THR B 246 55.94 -8.10 26.56
C THR B 246 56.22 -8.76 27.93
N ASN B 247 55.49 -9.84 28.23
CA ASN B 247 55.62 -10.55 29.52
C ASN B 247 56.87 -11.37 29.57
N ASN B 248 57.37 -11.55 30.77
CA ASN B 248 58.53 -12.40 30.98
C ASN B 248 58.02 -13.81 31.14
N GLY B 249 58.95 -14.74 31.01
CA GLY B 249 58.67 -16.16 31.19
C GLY B 249 58.84 -17.02 29.93
N THR B 250 58.60 -18.31 30.13
CA THR B 250 58.40 -19.27 29.05
C THR B 250 57.07 -19.06 28.25
N TYR B 251 57.18 -19.10 26.92
CA TYR B 251 56.05 -19.21 25.99
C TYR B 251 56.19 -20.51 25.13
N ILE B 252 55.07 -21.09 24.71
CA ILE B 252 55.07 -22.25 23.82
C ILE B 252 54.53 -21.78 22.50
N ILE B 253 55.16 -22.13 21.39
CA ILE B 253 54.71 -21.65 20.09
C ILE B 253 53.45 -22.43 19.70
N GLY B 254 52.48 -21.72 19.15
CA GLY B 254 51.25 -22.33 18.67
C GLY B 254 51.18 -22.20 17.17
N GLU B 255 50.18 -21.45 16.69
CA GLU B 255 49.95 -21.29 15.27
C GLU B 255 51.03 -20.47 14.58
N ARG B 256 50.97 -20.48 13.25
CA ARG B 256 51.79 -19.63 12.39
C ARG B 256 50.92 -19.21 11.27
N PHE B 257 51.01 -17.95 10.88
CA PHE B 257 50.21 -17.39 9.80
C PHE B 257 51.12 -16.64 8.85
N LYS B 258 50.97 -16.89 7.56
CA LYS B 258 51.75 -16.18 6.54
C LYS B 258 51.43 -14.70 6.57
N ASP B 259 50.13 -14.37 6.61
CA ASP B 259 49.60 -13.00 6.68
C ASP B 259 48.64 -13.01 7.88
N LEU B 260 48.56 -11.94 8.69
CA LEU B 260 47.65 -11.92 9.88
C LEU B 260 47.11 -10.53 10.31
N ILE B 261 45.79 -10.37 10.33
CA ILE B 261 45.13 -9.08 10.63
C ILE B 261 45.03 -8.89 12.16
N MET B 262 45.17 -7.65 12.65
CA MET B 262 45.11 -7.35 14.11
C MET B 262 44.29 -6.07 14.44
N ASP B 263 43.34 -6.15 15.39
CA ASP B 263 42.47 -5.01 15.84
C ASP B 263 42.63 -4.71 17.33
N ASP B 275 46.68 4.85 18.56
CA ASP B 275 46.91 3.58 19.27
C ASP B 275 45.85 2.48 18.95
N GLY B 276 44.88 2.81 18.08
CA GLY B 276 44.01 1.82 17.42
C GLY B 276 44.53 1.50 16.02
N TYR B 277 44.53 0.21 15.65
CA TYR B 277 45.22 -0.24 14.43
C TYR B 277 44.36 -1.18 13.58
N ARG B 278 44.42 -0.97 12.26
CA ARG B 278 43.74 -1.82 11.25
C ARG B 278 44.82 -2.50 10.40
N THR B 279 45.78 -3.11 11.08
CA THR B 279 47.02 -3.52 10.44
C THR B 279 47.11 -5.03 10.31
N LYS B 280 47.44 -5.48 9.08
CA LYS B 280 47.77 -6.90 8.80
C LYS B 280 49.24 -7.06 8.46
N VAL B 281 49.89 -7.88 9.28
CA VAL B 281 51.33 -8.14 9.23
C VAL B 281 51.52 -9.48 8.56
N GLN B 282 52.78 -9.86 8.41
CA GLN B 282 53.12 -11.14 7.85
C GLN B 282 54.23 -11.85 8.66
N TYR B 283 54.32 -13.17 8.48
CA TYR B 283 55.27 -14.06 9.20
C TYR B 283 55.11 -14.09 10.73
N ALA B 284 53.82 -14.20 11.07
CA ALA B 284 53.30 -14.26 12.43
C ALA B 284 53.46 -15.64 13.04
N THR B 285 54.32 -15.74 14.06
CA THR B 285 54.53 -16.98 14.79
C THR B 285 54.05 -16.76 16.24
N GLN B 286 53.06 -17.55 16.67
CA GLN B 286 52.33 -17.28 17.89
C GLN B 286 53.08 -17.76 19.12
N MET B 287 53.18 -16.89 20.13
CA MET B 287 53.72 -17.25 21.46
C MET B 287 52.67 -17.22 22.56
N SER B 288 51.61 -16.43 22.41
CA SER B 288 50.56 -16.34 23.46
C SER B 288 49.11 -16.30 22.93
N TYR B 289 48.18 -16.75 23.75
CA TYR B 289 46.76 -16.51 23.48
C TYR B 289 46.41 -15.03 23.53
N SER B 290 47.00 -14.28 24.46
CA SER B 290 46.86 -12.81 24.58
C SER B 290 47.22 -12.06 23.31
N GLY B 291 48.01 -12.66 22.43
CA GLY B 291 48.25 -12.11 21.10
C GLY B 291 49.66 -11.63 20.88
N ILE B 292 50.63 -12.30 21.48
CA ILE B 292 52.02 -11.98 21.30
C ILE B 292 52.62 -12.96 20.30
N TYR B 293 53.09 -12.40 19.17
CA TYR B 293 53.77 -13.15 18.13
C TYR B 293 55.15 -12.56 17.89
N VAL B 294 56.07 -13.38 17.39
CA VAL B 294 57.22 -12.90 16.64
C VAL B 294 56.69 -12.63 15.26
N HIS B 295 56.86 -11.40 14.75
CA HIS B 295 56.38 -11.06 13.39
C HIS B 295 57.22 -10.04 12.64
N ALA B 296 56.90 -9.89 11.36
CA ALA B 296 57.57 -8.94 10.47
C ALA B 296 57.09 -7.53 10.78
N ALA B 297 58.04 -6.65 11.07
CA ALA B 297 57.78 -5.23 11.31
C ALA B 297 58.93 -4.38 10.75
N PRO B 298 58.90 -4.14 9.42
CA PRO B 298 59.95 -3.33 8.80
C PRO B 298 59.76 -1.84 9.10
N TRP B 299 58.61 -1.46 9.67
CA TRP B 299 58.38 -0.11 10.21
C TRP B 299 59.09 0.19 11.54
N SER B 300 59.79 -0.80 12.14
CA SER B 300 60.54 -0.55 13.37
C SER B 300 61.97 -1.15 13.33
N VAL B 301 62.58 -1.17 12.15
CA VAL B 301 63.90 -1.81 11.97
C VAL B 301 64.95 -1.04 12.74
N GLY B 302 64.87 0.29 12.65
CA GLY B 302 65.76 1.15 13.42
C GLY B 302 65.78 0.72 14.86
N ALA B 303 64.59 0.57 15.46
CA ALA B 303 64.44 0.27 16.89
C ALA B 303 64.98 -1.07 17.32
N GLN B 304 64.80 -2.09 16.47
CA GLN B 304 65.04 -3.52 16.76
C GLN B 304 66.46 -3.76 17.25
N GLY B 305 66.60 -4.28 18.46
CA GLY B 305 67.91 -4.46 19.09
C GLY B 305 68.23 -3.40 20.12
N ARG B 306 67.61 -2.23 19.99
CA ARG B 306 67.95 -1.04 20.80
C ARG B 306 66.79 -0.58 21.73
N THR B 307 65.65 -0.20 21.14
CA THR B 307 64.48 0.23 21.91
C THR B 307 63.15 -0.47 21.56
N ASN B 308 62.28 -0.55 22.55
CA ASN B 308 61.00 -1.24 22.45
C ASN B 308 59.88 -0.34 21.93
N THR B 309 59.17 -0.77 20.87
CA THR B 309 58.20 0.10 20.19
C THR B 309 56.78 -0.45 20.02
N SER B 310 56.53 -1.70 20.41
CA SER B 310 55.32 -2.41 19.97
C SER B 310 54.27 -2.45 21.07
N HIS B 311 53.19 -3.21 20.85
CA HIS B 311 52.23 -3.42 21.91
C HIS B 311 52.42 -4.71 22.67
N GLY B 312 53.55 -5.38 22.48
CA GLY B 312 53.83 -6.66 23.17
C GLY B 312 54.41 -7.75 22.25
N CYS B 313 54.26 -7.58 20.93
CA CYS B 313 54.87 -8.48 20.00
C CYS B 313 56.38 -8.27 19.89
N LEU B 314 57.07 -9.31 19.46
CA LEU B 314 58.50 -9.24 19.14
C LEU B 314 58.63 -8.91 17.67
N ASN B 315 58.56 -7.60 17.37
CA ASN B 315 58.91 -7.07 16.06
C ASN B 315 60.30 -7.54 15.68
N VAL B 316 60.46 -7.91 14.41
CA VAL B 316 61.77 -8.27 13.85
C VAL B 316 61.73 -7.99 12.33
N SER B 317 62.90 -8.10 11.69
CA SER B 317 63.06 -7.81 10.24
C SER B 317 62.20 -8.75 9.41
N THR B 318 61.69 -8.29 8.27
CA THR B 318 60.81 -9.13 7.41
C THR B 318 61.52 -10.44 7.00
N ALA B 319 62.84 -10.36 6.77
CA ALA B 319 63.67 -11.57 6.58
C ALA B 319 63.59 -12.50 7.81
N ASN B 320 64.03 -11.98 8.97
CA ASN B 320 64.03 -12.69 10.24
C ASN B 320 62.68 -13.24 10.66
N ALA B 321 61.63 -12.45 10.52
CA ALA B 321 60.28 -12.96 10.75
C ALA B 321 60.01 -14.20 9.91
N LYS B 322 60.28 -14.08 8.60
CA LYS B 322 60.07 -15.16 7.65
C LYS B 322 60.90 -16.39 8.00
N TRP B 323 62.12 -16.20 8.46
CA TRP B 323 62.95 -17.31 8.89
C TRP B 323 62.30 -18.09 10.02
N PHE B 324 61.99 -17.38 11.10
CA PHE B 324 61.39 -17.91 12.31
C PHE B 324 60.14 -18.75 11.98
N TYR B 325 59.32 -18.27 11.04
CA TYR B 325 58.14 -18.99 10.54
C TYR B 325 58.42 -20.31 9.84
N GLU B 326 59.63 -20.46 9.30
CA GLU B 326 60.07 -21.66 8.59
C GLU B 326 60.95 -22.58 9.40
N ASN B 327 61.53 -22.11 10.49
CA ASN B 327 62.51 -22.90 11.26
C ASN B 327 62.11 -23.33 12.64
N THR B 328 61.03 -22.75 13.16
CA THR B 328 60.42 -23.24 14.38
C THR B 328 59.19 -24.03 13.98
N LYS B 329 58.69 -24.79 14.93
CA LYS B 329 57.49 -25.61 14.77
C LYS B 329 56.64 -25.44 16.03
N ARG B 330 55.35 -25.75 15.93
CA ARG B 330 54.48 -25.82 17.10
C ARG B 330 55.17 -26.66 18.19
N GLY B 331 55.06 -26.19 19.43
CA GLY B 331 55.66 -26.88 20.56
C GLY B 331 57.03 -26.35 20.89
N ASP B 332 57.56 -25.45 20.09
CA ASP B 332 58.86 -24.85 20.37
C ASP B 332 58.73 -23.75 21.43
N VAL B 333 59.86 -23.26 21.89
CA VAL B 333 59.94 -22.52 23.14
C VAL B 333 60.61 -21.16 22.93
N VAL B 334 60.08 -20.15 23.62
CA VAL B 334 60.65 -18.81 23.68
C VAL B 334 60.66 -18.36 25.14
N ILE B 335 61.84 -18.02 25.65
CA ILE B 335 61.97 -17.49 27.00
C ILE B 335 62.36 -15.99 26.92
N VAL B 336 61.49 -15.12 27.44
CA VAL B 336 61.74 -13.67 27.56
C VAL B 336 62.10 -13.34 29.00
N SER B 337 63.22 -12.65 29.23
CA SER B 337 63.62 -12.21 30.60
C SER B 337 63.91 -10.68 30.72
N ASN B 338 63.68 -10.18 31.94
CA ASN B 338 63.91 -8.77 32.34
C ASN B 338 63.19 -7.76 31.47
N THR B 339 61.98 -8.04 31.05
CA THR B 339 61.17 -6.98 30.48
C THR B 339 60.53 -6.30 31.64
N VAL B 340 59.93 -5.15 31.39
CA VAL B 340 59.17 -4.43 32.45
C VAL B 340 57.86 -5.13 32.79
N GLY B 341 57.27 -5.92 31.86
CA GLY B 341 55.93 -6.52 32.08
C GLY B 341 55.91 -7.59 33.17
N PRO B 342 54.70 -8.09 33.50
CA PRO B 342 54.62 -9.21 34.45
C PRO B 342 55.05 -10.55 33.86
N VAL B 343 55.22 -11.55 34.72
CA VAL B 343 55.35 -12.94 34.26
C VAL B 343 54.14 -13.24 33.37
N LEU B 344 54.28 -14.18 32.42
CA LEU B 344 53.13 -14.65 31.63
C LEU B 344 52.26 -15.58 32.50
N PRO B 345 50.92 -15.40 32.48
CA PRO B 345 50.06 -16.18 33.37
C PRO B 345 49.86 -17.66 32.96
N GLY B 346 50.27 -18.61 33.82
CA GLY B 346 50.04 -20.06 33.62
C GLY B 346 48.89 -20.55 32.75
N THR B 347 47.68 -20.10 33.06
CA THR B 347 46.45 -20.61 32.45
C THR B 347 46.03 -19.89 31.17
N GLU B 348 46.99 -19.23 30.54
CA GLU B 348 46.73 -18.14 29.60
C GLU B 348 46.03 -18.46 28.25
N GLY B 349 46.21 -19.63 27.57
CA GLY B 349 47.07 -20.77 27.93
C GLY B 349 47.97 -21.22 26.76
N LEU B 350 49.16 -20.65 26.78
CA LEU B 350 50.30 -21.08 26.01
C LEU B 350 51.53 -20.78 26.88
N GLY B 351 51.27 -20.67 28.19
CA GLY B 351 52.24 -20.21 29.17
C GLY B 351 52.25 -21.20 30.30
N ASP B 352 52.08 -22.48 29.96
CA ASP B 352 51.84 -23.52 30.93
C ASP B 352 53.08 -23.75 31.78
N TRP B 353 54.26 -23.46 31.25
CA TRP B 353 55.49 -23.81 31.93
C TRP B 353 55.82 -22.84 33.10
N ASN B 354 55.16 -21.68 33.09
CA ASN B 354 55.32 -20.69 34.15
C ASN B 354 54.78 -21.14 35.53
N ILE B 355 53.88 -22.12 35.52
CA ILE B 355 53.40 -22.71 36.74
C ILE B 355 54.46 -23.68 37.23
N PRO B 356 54.77 -23.64 38.54
CA PRO B 356 55.80 -24.59 38.98
C PRO B 356 55.24 -26.00 39.20
N TRP B 357 56.14 -26.97 39.02
CA TRP B 357 55.81 -28.38 39.05
C TRP B 357 54.96 -28.85 40.25
N ALA B 358 55.25 -28.30 41.42
CA ALA B 358 54.59 -28.66 42.67
C ALA B 358 53.11 -28.29 42.66
N GLN B 359 52.79 -27.16 42.04
CA GLN B 359 51.40 -26.68 42.03
C GLN B 359 50.59 -27.36 40.97
N TRP B 360 51.23 -27.48 39.80
CA TRP B 360 50.72 -28.23 38.65
C TRP B 360 50.38 -29.68 39.04
N LYS B 361 51.38 -30.47 39.47
CA LYS B 361 51.19 -31.89 39.79
C LYS B 361 50.00 -32.12 40.70
N ALA B 362 49.92 -31.35 41.78
CA ALA B 362 48.80 -31.50 42.72
C ALA B 362 47.48 -31.21 42.02
N GLY B 363 47.51 -30.39 40.97
CA GLY B 363 46.39 -30.31 40.06
C GLY B 363 45.32 -29.43 40.61
N ASN B 364 44.21 -29.34 39.89
CA ASN B 364 43.05 -28.54 40.26
C ASN B 364 41.69 -29.21 39.84
N ALA B 365 41.66 -30.51 40.12
CA ALA B 365 40.49 -31.35 39.92
C ALA B 365 39.27 -30.84 40.73
N ARG B 366 39.55 -30.49 41.99
CA ARG B 366 38.54 -30.14 43.02
C ARG B 366 38.31 -28.62 43.08
N VAL C 18 -0.65 -23.13 25.62
CA VAL C 18 -0.12 -24.28 26.42
C VAL C 18 0.65 -23.71 27.63
N PRO C 19 0.36 -24.20 28.86
CA PRO C 19 1.18 -23.78 30.01
C PRO C 19 2.54 -24.48 29.97
N LYS C 20 3.55 -23.82 30.52
CA LYS C 20 4.92 -24.30 30.45
C LYS C 20 5.27 -25.03 31.79
N LEU C 21 5.79 -26.26 31.65
CA LEU C 21 5.97 -27.20 32.77
C LEU C 21 7.36 -27.85 32.77
N ALA C 22 8.07 -27.77 33.90
CA ALA C 22 9.51 -28.11 33.95
C ALA C 22 9.97 -28.60 35.30
N MET C 23 10.46 -29.83 35.33
CA MET C 23 10.88 -30.53 36.54
C MET C 23 12.37 -30.37 36.81
N SER C 24 12.81 -30.65 38.03
CA SER C 24 14.24 -30.67 38.35
C SER C 24 14.95 -31.92 37.90
N VAL C 25 14.28 -32.84 37.22
CA VAL C 25 14.91 -34.02 36.63
C VAL C 25 14.53 -34.24 35.18
N LYS C 26 15.46 -34.82 34.45
CA LYS C 26 15.25 -35.09 33.05
C LYS C 26 14.80 -36.51 32.99
N ASP C 27 13.84 -36.79 32.13
CA ASP C 27 13.48 -38.18 31.89
C ASP C 27 14.74 -38.92 31.45
N GLY C 28 14.94 -40.14 31.95
CA GLY C 28 16.12 -40.95 31.57
C GLY C 28 17.40 -40.77 32.37
N ALA C 29 17.40 -39.80 33.30
CA ALA C 29 18.60 -39.42 34.03
C ALA C 29 19.04 -40.41 35.09
N VAL C 30 20.31 -40.28 35.44
CA VAL C 30 21.04 -41.20 36.29
C VAL C 30 21.81 -40.37 37.29
N GLY C 31 22.16 -40.96 38.41
CA GLY C 31 22.89 -40.23 39.45
C GLY C 31 22.15 -39.01 40.00
N VAL C 32 20.82 -39.04 40.07
CA VAL C 32 20.10 -37.96 40.74
C VAL C 32 20.41 -37.92 42.25
N ALA C 33 20.81 -36.74 42.73
CA ALA C 33 21.20 -36.56 44.11
C ALA C 33 20.03 -36.83 45.05
N VAL C 34 20.33 -37.42 46.21
CA VAL C 34 19.34 -37.76 47.21
C VAL C 34 19.19 -36.72 48.33
N ASP C 35 20.24 -35.94 48.59
CA ASP C 35 20.12 -34.81 49.53
C ASP C 35 19.17 -33.71 49.00
N ALA C 36 19.14 -33.53 47.69
CA ALA C 36 18.19 -32.60 47.05
C ALA C 36 16.80 -33.18 47.05
N PRO C 37 15.79 -32.33 47.22
CA PRO C 37 14.45 -32.76 46.84
C PRO C 37 14.23 -32.50 45.36
N VAL C 38 13.28 -33.24 44.81
CA VAL C 38 12.84 -33.11 43.41
C VAL C 38 11.70 -32.07 43.36
N THR C 39 11.76 -31.16 42.43
CA THR C 39 10.73 -30.17 42.30
C THR C 39 10.12 -30.19 40.93
N VAL C 40 8.87 -29.73 40.86
CA VAL C 40 8.22 -29.40 39.60
C VAL C 40 7.80 -27.95 39.72
N THR C 41 7.92 -27.21 38.62
CA THR C 41 7.47 -25.82 38.55
C THR C 41 6.63 -25.65 37.30
N ALA C 42 5.62 -24.78 37.42
CA ALA C 42 4.76 -24.39 36.30
C ALA C 42 4.86 -22.89 36.04
N GLY C 43 4.96 -22.52 34.76
CA GLY C 43 4.75 -21.14 34.30
C GLY C 43 3.57 -21.06 33.35
N GLU C 44 3.09 -19.83 33.09
CA GLU C 44 1.92 -19.55 32.21
C GLU C 44 0.64 -20.35 32.56
N GLY C 45 0.56 -20.79 33.81
CA GLY C 45 -0.43 -21.76 34.26
C GLY C 45 -0.24 -22.13 35.72
N VAL C 46 -1.01 -23.11 36.17
CA VAL C 46 -1.02 -23.54 37.56
C VAL C 46 -1.02 -25.08 37.66
N LEU C 47 -0.29 -25.65 38.63
CA LEU C 47 -0.24 -27.11 38.79
C LEU C 47 -1.60 -27.69 39.23
N GLY C 48 -1.88 -28.93 38.79
CA GLY C 48 -3.10 -29.67 39.15
C GLY C 48 -2.80 -30.90 40.00
N SER C 49 -2.29 -31.94 39.38
CA SER C 49 -1.71 -33.07 40.13
C SER C 49 -0.19 -33.28 39.84
N VAL C 50 0.53 -33.85 40.80
CA VAL C 50 1.91 -34.31 40.64
C VAL C 50 1.99 -35.59 41.42
N THR C 51 2.49 -36.65 40.82
CA THR C 51 2.70 -37.89 41.52
C THR C 51 4.07 -38.35 41.21
N MET C 52 4.80 -38.78 42.23
CA MET C 52 6.07 -39.47 42.06
C MET C 52 5.90 -40.85 42.71
N VAL C 53 6.14 -41.91 41.94
CA VAL C 53 6.21 -43.26 42.52
C VAL C 53 7.58 -43.88 42.26
N ASN C 54 7.93 -44.86 43.08
CA ASN C 54 9.16 -45.61 42.89
C ASN C 54 8.80 -46.86 42.09
N SER C 55 9.79 -47.66 41.71
CA SER C 55 9.58 -48.83 40.82
C SER C 55 8.52 -49.82 41.31
N ASP C 56 8.38 -49.95 42.63
CA ASP C 56 7.43 -50.88 43.25
C ASP C 56 6.09 -50.23 43.57
N GLY C 57 5.55 -49.41 42.65
CA GLY C 57 4.28 -48.68 42.84
C GLY C 57 4.13 -47.67 43.99
N LYS C 58 5.12 -47.57 44.89
CA LYS C 58 4.95 -46.96 46.23
C LYS C 58 5.20 -45.46 46.18
N GLU C 59 4.17 -44.70 46.54
CA GLU C 59 4.16 -43.25 46.36
C GLU C 59 5.13 -42.50 47.25
N ILE C 60 5.98 -41.68 46.65
CA ILE C 60 6.80 -40.71 47.39
C ILE C 60 5.96 -39.45 47.56
N ALA C 61 6.22 -38.75 48.65
CA ALA C 61 5.30 -37.79 49.20
C ALA C 61 5.75 -36.37 48.95
N GLY C 62 4.87 -35.59 48.34
CA GLY C 62 5.08 -34.18 48.11
C GLY C 62 3.81 -33.34 48.00
N GLU C 63 4.04 -32.04 48.23
CA GLU C 63 3.00 -31.04 48.31
C GLU C 63 3.21 -29.95 47.31
N ILE C 64 2.11 -29.52 46.72
CA ILE C 64 2.11 -28.32 45.89
C ILE C 64 2.20 -27.20 46.89
N GLY C 65 2.92 -26.15 46.56
CA GLY C 65 3.08 -25.04 47.47
C GLY C 65 1.87 -24.15 47.50
N PRO C 66 1.95 -23.03 48.24
CA PRO C 66 0.77 -22.19 48.36
C PRO C 66 0.36 -21.43 47.10
N ASP C 67 1.28 -21.18 46.17
CA ASP C 67 0.91 -20.44 44.96
C ASP C 67 0.62 -21.32 43.72
N GLY C 68 0.39 -22.63 43.90
CA GLY C 68 -0.13 -23.53 42.84
C GLY C 68 0.78 -23.58 41.62
N VAL C 69 2.07 -23.68 41.90
CA VAL C 69 3.09 -23.31 40.93
C VAL C 69 4.33 -24.22 41.03
N THR C 70 4.77 -24.54 42.25
CA THR C 70 5.80 -25.51 42.49
C THR C 70 5.23 -26.71 43.27
N TRP C 71 5.91 -27.84 43.19
CA TRP C 71 5.67 -29.00 44.04
C TRP C 71 7.05 -29.46 44.49
N THR C 72 7.13 -30.13 45.63
CA THR C 72 8.39 -30.62 46.17
C THR C 72 8.14 -31.94 46.85
N THR C 73 9.10 -32.84 46.71
CA THR C 73 9.19 -34.01 47.56
C THR C 73 9.41 -33.54 48.98
N THR C 74 8.78 -34.22 49.93
CA THR C 74 8.81 -33.79 51.34
C THR C 74 9.83 -34.64 52.09
N GLU C 75 9.71 -35.96 52.01
CA GLU C 75 10.82 -36.85 52.44
C GLU C 75 12.06 -36.87 51.50
N PRO C 76 13.12 -37.62 51.90
CA PRO C 76 14.24 -37.78 50.98
C PRO C 76 14.28 -39.14 50.24
N LEU C 77 15.26 -39.27 49.36
CA LEU C 77 15.26 -40.36 48.37
C LEU C 77 16.28 -41.44 48.73
N GLY C 78 15.95 -42.68 48.35
CA GLY C 78 16.83 -43.80 48.58
C GLY C 78 17.89 -43.74 47.50
N TYR C 79 19.12 -44.09 47.86
CA TYR C 79 20.15 -44.41 46.88
C TYR C 79 19.69 -45.56 45.98
N ASP C 80 20.21 -45.63 44.74
CA ASP C 80 19.97 -46.76 43.82
C ASP C 80 18.49 -47.19 43.76
N LYS C 81 17.64 -46.24 43.49
CA LYS C 81 16.24 -46.50 43.26
C LYS C 81 15.83 -45.77 41.99
N GLN C 82 14.63 -46.08 41.54
CA GLN C 82 14.15 -45.65 40.26
C GLN C 82 12.74 -45.16 40.43
N TYR C 83 12.51 -43.92 40.00
CA TYR C 83 11.27 -43.23 40.29
C TYR C 83 10.69 -42.74 39.02
N THR C 84 9.38 -42.65 39.00
CA THR C 84 8.67 -42.03 37.92
C THR C 84 7.78 -40.94 38.47
N ILE C 85 7.72 -39.82 37.78
CA ILE C 85 6.95 -38.67 38.20
C ILE C 85 6.11 -38.13 37.05
N ASN C 86 4.86 -37.77 37.39
CA ASN C 86 3.84 -37.29 36.47
C ASN C 86 3.19 -36.03 36.93
N ALA C 87 3.30 -34.97 36.14
CA ALA C 87 2.76 -33.67 36.51
C ALA C 87 1.80 -33.17 35.44
N ASP C 88 0.76 -32.43 35.85
CA ASP C 88 -0.06 -31.65 34.91
C ASP C 88 -0.27 -30.21 35.40
N ALA C 89 -0.31 -29.27 34.46
CA ALA C 89 -0.57 -27.86 34.73
C ALA C 89 -1.76 -27.37 33.89
N ARG C 90 -2.43 -26.30 34.33
CA ARG C 90 -3.66 -25.80 33.71
C ARG C 90 -3.73 -24.28 33.71
N GLY C 91 -4.03 -23.69 32.55
CA GLY C 91 -3.96 -22.23 32.34
C GLY C 91 -5.30 -21.51 32.35
N GLY C 93 -5.64 -21.54 29.12
CA GLY C 93 -5.65 -22.99 28.86
C GLY C 93 -4.61 -23.43 27.84
N GLY C 94 -4.55 -24.74 27.48
CA GLY C 94 -5.28 -25.86 28.13
C GLY C 94 -4.38 -26.66 29.08
N VAL C 95 -4.44 -28.00 29.02
CA VAL C 95 -3.56 -28.89 29.82
C VAL C 95 -2.14 -28.93 29.21
N ALA C 96 -1.14 -29.05 30.09
CA ALA C 96 0.22 -29.51 29.71
C ALA C 96 0.58 -30.65 30.66
N ARG C 97 1.29 -31.64 30.17
CA ARG C 97 1.62 -32.82 30.95
C ARG C 97 3.11 -33.07 30.86
N ALA C 98 3.63 -33.93 31.73
CA ALA C 98 5.08 -34.21 31.78
C ALA C 98 5.37 -35.50 32.53
N ASN C 99 6.32 -36.24 32.02
CA ASN C 99 6.67 -37.51 32.58
C ASN C 99 8.19 -37.45 32.74
N ALA C 100 8.70 -38.15 33.75
CA ALA C 100 10.13 -38.48 33.82
C ALA C 100 10.34 -39.72 34.68
N THR C 101 11.29 -40.54 34.23
CA THR C 101 11.66 -41.76 34.95
C THR C 101 13.18 -41.67 35.08
N PHE C 102 13.68 -41.75 36.30
CA PHE C 102 15.11 -41.53 36.57
C PHE C 102 15.66 -42.44 37.67
N ARG C 103 16.99 -42.47 37.75
CA ARG C 103 17.68 -43.30 38.71
C ARG C 103 18.51 -42.41 39.66
N THR C 104 18.42 -42.69 40.96
CA THR C 104 19.24 -41.97 41.94
C THR C 104 20.72 -42.43 41.94
N GLN C 105 21.60 -41.68 42.60
CA GLN C 105 23.03 -42.07 42.71
C GLN C 105 23.09 -43.53 43.07
N SER C 106 23.95 -44.27 42.36
CA SER C 106 24.21 -45.69 42.64
C SER C 106 25.55 -45.89 43.30
N PRO C 107 25.58 -45.83 44.63
CA PRO C 107 26.90 -45.75 45.21
C PRO C 107 27.54 -47.14 45.12
N ASP C 108 28.84 -47.21 44.84
CA ASP C 108 29.58 -48.49 44.87
C ASP C 108 29.60 -49.01 46.31
N ASN C 109 30.02 -48.13 47.22
CA ASN C 109 30.05 -48.41 48.65
C ASN C 109 29.49 -47.22 49.51
N MET C 110 28.69 -47.56 50.52
CA MET C 110 28.22 -46.58 51.51
C MET C 110 29.05 -46.55 52.84
N THR C 111 29.78 -45.46 53.07
CA THR C 111 30.49 -45.26 54.35
C THR C 111 29.60 -44.55 55.40
N MET C 112 29.85 -44.80 56.69
CA MET C 112 29.01 -44.26 57.77
C MET C 112 29.83 -43.50 58.80
N PRO C 113 29.48 -42.24 59.03
CA PRO C 113 30.25 -41.44 59.95
C PRO C 113 29.94 -41.78 61.42
N TYR C 114 30.93 -41.69 62.30
CA TYR C 114 30.73 -41.84 63.75
C TYR C 114 31.45 -40.71 64.39
N VAL C 115 30.76 -39.88 65.17
CA VAL C 115 31.31 -38.64 65.69
C VAL C 115 31.64 -38.73 67.16
N MET C 116 32.74 -38.10 67.56
CA MET C 116 33.14 -38.05 68.96
C MET C 116 33.58 -36.64 69.29
N PRO C 117 33.30 -36.12 70.47
CA PRO C 117 32.55 -36.78 71.54
C PRO C 117 31.10 -37.01 71.21
N GLY C 118 30.47 -37.96 71.91
CA GLY C 118 29.03 -38.21 71.78
C GLY C 118 28.19 -37.02 72.23
N ASP C 119 26.91 -37.04 71.87
CA ASP C 119 25.98 -35.91 72.11
C ASP C 119 25.75 -35.74 73.63
N GLY C 120 25.84 -34.51 74.11
CA GLY C 120 25.60 -34.21 75.51
C GLY C 120 26.86 -33.80 76.25
N GLU C 121 27.95 -34.56 76.08
CA GLU C 121 29.05 -34.62 77.04
C GLU C 121 29.71 -33.26 77.37
N VAL C 122 30.23 -33.15 78.60
CA VAL C 122 31.27 -32.16 78.94
C VAL C 122 32.63 -32.86 78.75
N VAL C 123 33.62 -32.09 78.29
CA VAL C 123 34.94 -32.57 77.81
C VAL C 123 36.04 -31.52 78.10
N GLY C 124 37.26 -31.95 78.32
CA GLY C 124 38.32 -31.01 78.73
C GLY C 124 38.78 -30.12 77.59
N VAL C 125 39.67 -29.18 77.89
CA VAL C 125 40.06 -28.22 76.85
C VAL C 125 40.94 -28.77 75.72
N GLY C 126 41.27 -30.06 75.78
CA GLY C 126 42.12 -30.68 74.78
C GLY C 126 41.37 -31.53 73.80
N GLN C 127 40.13 -31.91 74.15
CA GLN C 127 39.25 -32.71 73.31
C GLN C 127 39.14 -32.12 71.95
N THR C 128 39.35 -32.93 70.92
CA THR C 128 39.21 -32.53 69.53
C THR C 128 37.95 -33.17 68.99
N VAL C 129 37.31 -32.55 68.01
CA VAL C 129 36.12 -33.16 67.38
C VAL C 129 36.68 -34.25 66.51
N ALA C 130 36.06 -35.43 66.53
CA ALA C 130 36.47 -36.55 65.68
C ALA C 130 35.33 -37.10 64.86
N ILE C 131 35.53 -37.16 63.54
CA ILE C 131 34.58 -37.77 62.63
C ILE C 131 35.36 -38.89 62.01
N ARG C 132 35.02 -40.13 62.40
CA ARG C 132 35.63 -41.36 61.91
C ARG C 132 34.64 -42.06 60.97
N PHE C 133 35.07 -42.34 59.76
CA PHE C 133 34.23 -43.06 58.78
C PHE C 133 34.62 -44.50 58.85
N ASP C 134 33.71 -45.38 58.46
CA ASP C 134 33.99 -46.82 58.44
C ASP C 134 34.52 -47.35 57.10
N GLU C 135 35.12 -46.49 56.28
CA GLU C 135 35.73 -46.84 54.99
C GLU C 135 36.71 -45.75 54.66
N ASN C 136 37.66 -46.01 53.79
CA ASN C 136 38.63 -44.97 53.43
C ASN C 136 37.92 -43.93 52.55
N ILE C 137 38.39 -42.70 52.64
CA ILE C 137 37.71 -41.52 52.10
C ILE C 137 38.60 -40.94 50.99
N PRO C 138 38.29 -41.30 49.74
CA PRO C 138 39.11 -40.82 48.62
C PRO C 138 39.10 -39.32 48.44
N ASN C 139 37.95 -38.67 48.59
CA ASN C 139 37.89 -37.20 48.46
C ASN C 139 37.70 -36.52 49.82
N ARG C 140 38.81 -36.24 50.47
CA ARG C 140 38.76 -35.69 51.81
C ARG C 140 38.25 -34.25 51.81
N ALA C 141 38.39 -33.54 50.69
CA ALA C 141 37.82 -32.18 50.56
C ALA C 141 36.29 -32.18 50.74
N ALA C 142 35.63 -33.17 50.15
CA ALA C 142 34.16 -33.37 50.18
C ALA C 142 33.63 -33.70 51.57
N ALA C 143 34.42 -34.47 52.30
CA ALA C 143 34.10 -34.86 53.64
C ALA C 143 34.25 -33.64 54.52
N GLU C 144 35.41 -32.99 54.49
CA GLU C 144 35.60 -31.71 55.20
C GLU C 144 34.46 -30.73 54.86
N LYS C 145 34.04 -30.68 53.60
CA LYS C 145 32.97 -29.77 53.13
C LYS C 145 31.66 -29.98 53.85
N ALA C 146 31.33 -31.26 54.03
CA ALA C 146 30.07 -31.69 54.58
C ALA C 146 29.97 -31.65 56.11
N ILE C 147 31.03 -31.28 56.80
CA ILE C 147 31.02 -31.31 58.24
C ILE C 147 30.93 -29.87 58.66
N LYS C 148 29.80 -29.48 59.22
CA LYS C 148 29.58 -28.10 59.62
C LYS C 148 29.72 -27.99 61.12
N ILE C 149 30.76 -27.27 61.53
CA ILE C 149 31.11 -27.12 62.92
C ILE C 149 30.82 -25.69 63.35
N THR C 150 30.11 -25.56 64.46
CA THR C 150 29.55 -24.30 64.91
C THR C 150 30.03 -24.12 66.35
N THR C 151 30.82 -23.10 66.60
CA THR C 151 31.39 -22.92 67.91
C THR C 151 30.86 -21.64 68.52
N ASN C 152 30.65 -21.64 69.84
CA ASN C 152 30.14 -20.45 70.53
C ASN C 152 30.72 -20.21 71.95
N PRO C 153 31.63 -19.24 72.10
CA PRO C 153 31.95 -18.20 71.10
C PRO C 153 32.82 -18.68 69.94
N PRO C 154 32.57 -18.15 68.71
CA PRO C 154 33.24 -18.66 67.49
C PRO C 154 34.76 -18.74 67.56
N VAL C 155 35.31 -19.95 67.37
CA VAL C 155 36.77 -20.18 67.37
C VAL C 155 37.21 -20.69 66.00
N GLU C 156 38.26 -20.08 65.44
CA GLU C 156 38.86 -20.53 64.18
C GLU C 156 39.40 -21.92 64.46
N GLY C 157 39.00 -22.89 63.63
CA GLY C 157 39.59 -24.22 63.65
C GLY C 157 39.65 -24.83 62.26
N ALA C 158 40.17 -26.05 62.17
CA ALA C 158 40.52 -26.63 60.91
C ALA C 158 40.69 -28.12 61.03
N PHE C 159 40.57 -28.81 59.90
CA PHE C 159 40.64 -30.25 59.83
C PHE C 159 42.04 -30.77 59.50
N TYR C 160 42.56 -31.68 60.35
CA TYR C 160 43.69 -32.54 59.99
C TYR C 160 43.29 -34.01 60.09
N TRP C 161 43.61 -34.80 59.07
CA TRP C 161 43.32 -36.27 59.03
C TRP C 161 44.37 -37.16 59.71
N LEU C 162 43.95 -38.05 60.59
CA LEU C 162 44.89 -38.91 61.30
C LEU C 162 45.28 -40.07 60.43
N ASN C 163 44.38 -40.46 59.55
CA ASN C 163 44.64 -41.55 58.61
C ASN C 163 43.54 -41.48 57.54
N ASN C 164 43.31 -42.54 56.79
CA ASN C 164 42.40 -42.40 55.67
C ASN C 164 40.95 -42.34 56.08
N ARG C 165 40.62 -42.83 57.27
CA ARG C 165 39.23 -43.01 57.70
C ARG C 165 38.72 -42.02 58.72
N GLU C 166 39.62 -41.42 59.51
CA GLU C 166 39.23 -40.59 60.64
C GLU C 166 39.83 -39.23 60.47
N VAL C 167 39.06 -38.19 60.80
CA VAL C 167 39.47 -36.80 60.69
C VAL C 167 39.18 -36.01 61.96
N ARG C 168 40.07 -35.08 62.26
CA ARG C 168 40.03 -34.34 63.48
C ARG C 168 39.88 -32.88 63.17
N TRP C 169 39.20 -32.14 64.05
CA TRP C 169 39.04 -30.71 63.93
C TRP C 169 39.30 -30.16 65.30
N ARG C 170 40.04 -29.06 65.36
CA ARG C 170 40.28 -28.34 66.60
C ARG C 170 40.79 -26.93 66.35
N PRO C 171 40.82 -26.10 67.39
CA PRO C 171 41.43 -24.77 67.27
C PRO C 171 42.96 -24.74 67.14
N GLU C 172 43.51 -23.54 67.07
CA GLU C 172 44.96 -23.32 67.08
C GLU C 172 45.51 -23.70 68.44
N SER C 173 44.77 -23.31 69.49
CA SER C 173 45.14 -23.54 70.86
C SER C 173 43.98 -24.19 71.61
N PHE C 174 44.28 -24.64 72.82
CA PHE C 174 43.30 -25.32 73.67
C PHE C 174 42.02 -24.50 73.71
N TRP C 175 40.88 -25.18 73.64
CA TRP C 175 39.60 -24.50 73.69
C TRP C 175 39.50 -23.59 74.93
N ASP C 176 38.86 -22.43 74.77
CA ASP C 176 38.46 -21.58 75.92
C ASP C 176 37.31 -22.24 76.71
N SER C 177 37.46 -22.35 78.02
CA SER C 177 36.46 -23.00 78.89
C SER C 177 35.11 -22.34 78.72
N GLY C 178 34.06 -23.17 78.66
CA GLY C 178 32.70 -22.69 78.36
C GLY C 178 32.23 -22.68 76.90
N THR C 179 33.10 -23.00 75.94
CA THR C 179 32.73 -22.93 74.52
C THR C 179 31.74 -24.06 74.21
N SER C 180 30.83 -23.80 73.26
CA SER C 180 29.79 -24.75 72.82
C SER C 180 30.17 -25.21 71.45
N VAL C 181 30.05 -26.52 71.21
CA VAL C 181 30.42 -27.12 69.93
C VAL C 181 29.27 -27.94 69.38
N ASP C 182 28.88 -27.60 68.16
CA ASP C 182 27.84 -28.29 67.43
C ASP C 182 28.50 -28.91 66.18
N VAL C 183 28.29 -30.22 65.97
CA VAL C 183 28.95 -30.93 64.87
C VAL C 183 27.87 -31.54 64.02
N LYS C 184 27.76 -31.06 62.79
CA LYS C 184 26.80 -31.59 61.84
C LYS C 184 27.55 -32.31 60.74
N VAL C 185 27.45 -33.64 60.70
CA VAL C 185 28.08 -34.41 59.66
C VAL C 185 27.00 -34.74 58.65
N ASN C 186 26.90 -33.92 57.60
CA ASN C 186 25.81 -33.94 56.58
C ASN C 186 26.34 -34.58 55.34
N THR C 187 26.50 -35.89 55.45
CA THR C 187 27.15 -36.73 54.45
C THR C 187 26.15 -37.50 53.61
N TYR C 188 24.85 -37.40 53.89
CA TYR C 188 23.89 -38.18 53.11
C TYR C 188 23.82 -37.60 51.74
N GLY C 189 23.90 -38.46 50.74
CA GLY C 189 23.95 -38.04 49.35
C GLY C 189 25.24 -37.40 48.86
N VAL C 190 26.23 -37.29 49.72
CA VAL C 190 27.46 -36.61 49.35
C VAL C 190 28.37 -37.61 48.69
N ASN C 191 28.63 -37.45 47.39
CA ASN C 191 29.73 -38.17 46.74
C ASN C 191 31.06 -37.79 47.42
N LEU C 192 31.74 -38.77 48.02
CA LEU C 192 33.01 -38.57 48.76
C LEU C 192 34.24 -39.07 47.99
N GLY C 193 34.03 -39.45 46.72
CA GLY C 193 35.11 -39.89 45.83
C GLY C 193 35.00 -41.35 45.40
N ASP C 194 35.41 -41.62 44.14
CA ASP C 194 35.52 -42.98 43.57
C ASP C 194 34.34 -43.89 43.95
N GLY C 195 33.12 -43.35 43.81
CA GLY C 195 31.89 -44.08 44.10
C GLY C 195 31.63 -44.43 45.57
N VAL C 196 32.26 -43.69 46.48
CA VAL C 196 31.99 -43.80 47.92
C VAL C 196 31.08 -42.63 48.35
N PHE C 197 29.93 -43.00 48.90
CA PHE C 197 28.91 -42.05 49.33
C PHE C 197 28.62 -42.19 50.83
N GLY C 198 28.06 -41.15 51.43
CA GLY C 198 27.69 -41.19 52.83
C GLY C 198 26.37 -41.91 53.01
N GLN C 199 26.34 -42.80 53.97
CA GLN C 199 25.17 -43.61 54.26
C GLN C 199 24.05 -42.84 54.95
N ASP C 200 24.40 -41.80 55.70
CA ASP C 200 23.48 -41.13 56.63
C ASP C 200 24.14 -39.85 57.14
N ASN C 201 23.36 -38.95 57.70
CA ASN C 201 23.92 -37.83 58.49
C ASN C 201 23.92 -38.21 59.93
N VAL C 202 24.90 -37.67 60.67
CA VAL C 202 24.92 -37.75 62.11
C VAL C 202 25.18 -36.38 62.65
N ALA C 203 24.95 -36.25 63.96
CA ALA C 203 25.15 -35.02 64.69
C ALA C 203 25.51 -35.24 66.17
N SER C 204 26.32 -34.32 66.70
CA SER C 204 26.57 -34.26 68.12
C SER C 204 26.74 -32.78 68.51
N HIS C 205 26.24 -32.49 69.72
CA HIS C 205 26.37 -31.18 70.35
C HIS C 205 26.98 -31.37 71.74
N PHE C 206 27.90 -30.49 72.14
CA PHE C 206 28.64 -30.73 73.37
C PHE C 206 29.33 -29.48 73.85
N THR C 207 30.09 -29.61 74.96
CA THR C 207 30.53 -28.48 75.77
C THR C 207 31.93 -28.60 76.41
N ILE C 208 32.74 -27.54 76.31
CA ILE C 208 34.10 -27.49 76.90
C ILE C 208 34.04 -27.00 78.36
N GLY C 209 34.35 -27.88 79.31
CA GLY C 209 34.24 -27.58 80.76
C GLY C 209 35.37 -26.76 81.36
N ASP C 210 35.90 -27.24 82.49
CA ASP C 210 37.07 -26.61 83.15
C ASP C 210 38.41 -26.84 82.41
N ALA C 211 39.30 -25.84 82.46
CA ALA C 211 40.69 -25.96 81.96
C ALA C 211 41.53 -26.69 82.99
N VAL C 212 41.67 -28.01 82.80
CA VAL C 212 42.33 -28.90 83.77
C VAL C 212 43.53 -29.58 83.07
N ILE C 213 44.61 -28.82 82.93
CA ILE C 213 45.87 -29.28 82.38
C ILE C 213 46.80 -29.89 83.46
N SER C 214 47.09 -31.19 83.37
CA SER C 214 48.13 -31.81 84.23
C SER C 214 49.52 -31.67 83.57
N ARG C 215 50.55 -31.32 84.35
CA ARG C 215 51.93 -31.18 83.85
C ARG C 215 52.91 -32.11 84.59
N VAL C 216 53.98 -32.57 83.91
CA VAL C 216 55.08 -33.30 84.61
C VAL C 216 56.46 -33.29 83.91
N ASP C 217 57.48 -33.18 84.74
CA ASP C 217 58.89 -33.28 84.35
C ASP C 217 59.48 -34.57 84.94
N ASP C 218 60.24 -35.36 84.14
CA ASP C 218 61.01 -36.54 84.69
C ASP C 218 62.17 -36.11 85.63
N THR C 219 62.77 -34.93 85.38
CA THR C 219 63.72 -34.27 86.32
C THR C 219 63.17 -34.30 87.74
N ASN C 220 61.93 -33.84 87.85
CA ASN C 220 61.21 -33.76 89.10
C ASN C 220 60.53 -35.10 89.39
N LYS C 221 59.93 -35.70 88.34
CA LYS C 221 59.01 -36.88 88.42
C LYS C 221 57.68 -36.58 89.18
N ILE C 222 57.32 -35.29 89.28
CA ILE C 222 56.15 -34.82 90.07
C ILE C 222 55.09 -34.21 89.12
N LEU C 223 53.93 -34.87 89.04
CA LEU C 223 52.81 -34.43 88.21
C LEU C 223 51.93 -33.35 88.89
N ASN C 224 52.02 -32.11 88.37
CA ASN C 224 51.18 -30.97 88.77
C ASN C 224 49.87 -30.91 87.94
N ILE C 225 48.72 -30.92 88.63
CA ILE C 225 47.38 -30.69 88.05
C ILE C 225 46.91 -29.24 88.33
N GLU C 226 46.84 -28.42 87.29
CA GLU C 226 46.29 -27.07 87.44
C GLU C 226 44.83 -27.07 86.99
N ARG C 227 43.96 -26.39 87.75
CA ARG C 227 42.60 -26.00 87.32
C ARG C 227 42.57 -24.49 87.13
N ASN C 228 42.25 -24.07 85.90
CA ASN C 228 42.05 -22.67 85.52
C ASN C 228 43.23 -21.77 85.81
N GLY C 229 44.44 -22.28 85.56
CA GLY C 229 45.70 -21.54 85.77
C GLY C 229 46.41 -21.79 87.10
N GLU C 230 45.77 -22.54 88.02
CA GLU C 230 46.25 -22.73 89.42
C GLU C 230 46.48 -24.20 89.80
N ILE C 231 47.65 -24.53 90.38
CA ILE C 231 47.95 -25.90 90.80
C ILE C 231 47.04 -26.26 91.97
N ILE C 232 46.33 -27.37 91.83
CA ILE C 232 45.33 -27.81 92.84
C ILE C 232 45.59 -29.24 93.36
N LYS C 233 46.70 -29.85 92.92
CA LYS C 233 47.13 -31.19 93.33
C LYS C 233 48.55 -31.44 92.78
N THR C 234 49.41 -32.09 93.56
CA THR C 234 50.66 -32.60 93.04
C THR C 234 50.62 -34.10 93.27
N MET C 235 51.37 -34.83 92.44
CA MET C 235 51.58 -36.26 92.65
C MET C 235 52.88 -36.78 92.03
N PRO C 236 53.72 -37.40 92.89
CA PRO C 236 54.91 -38.04 92.35
C PRO C 236 54.57 -39.29 91.55
N THR C 237 55.43 -39.59 90.57
CA THR C 237 55.18 -40.73 89.70
C THR C 237 56.44 -41.46 89.22
N SER C 238 56.19 -42.75 88.88
CA SER C 238 57.15 -43.66 88.24
C SER C 238 56.61 -44.02 86.84
N MET C 239 57.34 -43.60 85.80
CA MET C 239 56.85 -43.62 84.44
C MET C 239 57.62 -44.64 83.59
N GLY C 240 58.27 -44.20 82.52
CA GLY C 240 58.77 -45.11 81.54
C GLY C 240 60.19 -45.50 81.85
N LYS C 241 60.43 -46.79 82.09
CA LYS C 241 61.80 -47.29 82.33
C LYS C 241 62.74 -47.34 81.08
N ASP C 242 63.33 -46.21 80.72
CA ASP C 242 64.42 -46.12 79.72
C ASP C 242 64.20 -46.79 78.35
N LYS C 243 64.24 -48.13 78.35
CA LYS C 243 64.04 -48.95 77.15
C LYS C 243 62.56 -49.03 76.73
N ALA C 244 61.67 -48.92 77.73
CA ALA C 244 60.21 -48.76 77.53
C ALA C 244 59.75 -47.44 78.17
N PRO C 245 60.25 -46.29 77.63
CA PRO C 245 60.02 -44.97 78.24
C PRO C 245 58.53 -44.54 78.23
N THR C 246 58.30 -43.30 78.65
CA THR C 246 57.01 -42.64 78.56
C THR C 246 57.24 -41.43 77.65
N ASN C 247 56.39 -41.20 76.64
CA ASN C 247 56.63 -40.14 75.64
C ASN C 247 56.52 -38.71 76.16
N ASN C 248 57.26 -37.85 75.47
CA ASN C 248 57.32 -36.44 75.80
C ASN C 248 56.25 -35.77 74.96
N GLY C 249 55.51 -34.87 75.59
CA GLY C 249 54.55 -34.04 74.90
C GLY C 249 53.19 -34.05 75.55
N THR C 250 52.24 -33.44 74.85
CA THR C 250 50.85 -33.31 75.27
C THR C 250 50.01 -34.53 74.93
N TYR C 251 49.25 -35.01 75.92
CA TYR C 251 48.32 -36.13 75.73
C TYR C 251 46.91 -35.63 75.99
N ILE C 252 45.97 -36.04 75.16
CA ILE C 252 44.55 -35.83 75.41
C ILE C 252 44.02 -37.07 76.09
N ILE C 253 43.39 -36.94 77.25
CA ILE C 253 42.77 -38.10 77.90
C ILE C 253 41.61 -38.60 77.05
N GLY C 254 41.49 -39.90 77.00
CA GLY C 254 40.48 -40.55 76.21
C GLY C 254 39.60 -41.29 77.18
N GLU C 255 39.61 -42.62 77.10
CA GLU C 255 38.80 -43.50 77.93
C GLU C 255 39.32 -43.58 79.36
N ARG C 256 38.56 -44.26 80.23
CA ARG C 256 38.95 -44.39 81.63
C ARG C 256 38.21 -45.54 82.29
N PHE C 257 38.95 -46.54 82.76
CA PHE C 257 38.35 -47.74 83.35
C PHE C 257 38.62 -47.89 84.87
N LYS C 258 37.56 -48.12 85.66
CA LYS C 258 37.67 -48.36 87.12
C LYS C 258 38.58 -49.57 87.48
N ASP C 259 38.49 -50.64 86.67
CA ASP C 259 39.44 -51.78 86.63
C ASP C 259 39.72 -52.14 85.17
N LEU C 260 40.80 -52.87 84.87
CA LEU C 260 41.29 -53.12 83.47
C LEU C 260 42.40 -54.18 83.36
N ILE C 261 42.49 -54.93 82.25
CA ILE C 261 43.70 -55.76 81.94
C ILE C 261 44.48 -55.20 80.76
N MET C 262 45.76 -55.59 80.66
CA MET C 262 46.69 -55.05 79.64
C MET C 262 47.46 -56.14 78.90
N ASP C 263 47.64 -55.93 77.60
CA ASP C 263 48.22 -56.93 76.66
C ASP C 263 49.62 -57.41 77.10
N ARG C 278 51.27 -59.35 80.69
CA ARG C 278 49.89 -59.84 80.84
C ARG C 278 49.42 -59.79 82.33
N THR C 279 48.84 -58.65 82.76
CA THR C 279 48.37 -58.43 84.16
C THR C 279 47.14 -57.49 84.26
N LYS C 280 46.62 -57.33 85.49
CA LYS C 280 45.42 -56.48 85.78
C LYS C 280 45.78 -54.99 85.93
N VAL C 281 44.96 -54.22 86.71
CA VAL C 281 45.19 -52.79 87.21
C VAL C 281 43.90 -52.05 87.72
N GLN C 282 44.07 -51.15 88.71
CA GLN C 282 42.97 -50.29 89.24
C GLN C 282 43.15 -48.79 88.83
N TYR C 283 42.04 -48.09 88.53
CA TYR C 283 41.98 -46.60 88.30
C TYR C 283 42.70 -46.09 87.02
N ALA C 284 42.42 -46.77 85.91
CA ALA C 284 43.19 -46.64 84.64
C ALA C 284 42.72 -45.54 83.68
N THR C 285 43.25 -44.33 83.86
CA THR C 285 42.91 -43.18 83.01
C THR C 285 43.77 -43.18 81.72
N GLN C 286 43.19 -43.50 80.56
CA GLN C 286 43.91 -43.47 79.26
C GLN C 286 44.53 -42.15 78.88
N MET C 287 45.77 -42.20 78.38
CA MET C 287 46.42 -41.05 77.74
C MET C 287 46.75 -41.25 76.27
N SER C 288 46.75 -42.47 75.76
CA SER C 288 47.16 -42.70 74.37
C SER C 288 46.59 -43.98 73.79
N TYR C 289 46.65 -44.11 72.48
CA TYR C 289 46.37 -45.38 71.82
C TYR C 289 47.56 -46.37 72.01
N SER C 290 48.77 -45.84 72.20
CA SER C 290 49.97 -46.61 72.55
C SER C 290 49.71 -47.61 73.70
N GLY C 291 49.12 -47.14 74.77
CA GLY C 291 48.97 -47.93 75.99
C GLY C 291 49.25 -47.16 77.28
N ILE C 292 49.79 -45.94 77.17
CA ILE C 292 49.99 -45.12 78.33
C ILE C 292 48.63 -44.87 78.99
N TYR C 293 48.53 -45.17 80.28
CA TYR C 293 47.39 -44.75 81.12
C TYR C 293 48.00 -44.05 82.33
N VAL C 294 47.17 -43.68 83.28
CA VAL C 294 47.60 -43.27 84.60
C VAL C 294 46.78 -44.18 85.47
N HIS C 295 47.46 -45.02 86.24
CA HIS C 295 46.78 -45.97 87.08
C HIS C 295 47.47 -46.19 88.43
N ALA C 296 46.77 -46.91 89.31
CA ALA C 296 47.22 -47.22 90.67
C ALA C 296 48.38 -48.22 90.69
N ALA C 297 49.41 -47.89 91.47
CA ALA C 297 50.62 -48.71 91.59
C ALA C 297 51.22 -48.70 93.01
N PRO C 298 50.46 -49.24 94.01
CA PRO C 298 50.97 -49.52 95.37
C PRO C 298 52.38 -50.14 95.43
N TRP C 299 52.58 -51.20 94.65
CA TRP C 299 53.84 -51.93 94.54
C TRP C 299 55.06 -51.02 94.36
N SER C 300 54.92 -49.95 93.58
CA SER C 300 56.03 -49.04 93.34
C SER C 300 55.88 -47.69 94.09
N VAL C 301 55.41 -47.76 95.34
CA VAL C 301 55.16 -46.55 96.19
C VAL C 301 56.44 -45.81 96.59
N GLY C 302 57.51 -46.54 96.89
CA GLY C 302 58.84 -45.94 97.11
C GLY C 302 59.61 -45.67 95.82
N ALA C 303 59.03 -46.05 94.67
CA ALA C 303 59.56 -45.73 93.34
C ALA C 303 59.17 -44.32 92.85
N GLN C 304 57.99 -43.89 93.31
CA GLN C 304 57.38 -42.62 92.93
C GLN C 304 57.79 -41.51 93.93
N GLY C 305 58.51 -40.45 93.53
CA GLY C 305 59.03 -40.21 92.20
C GLY C 305 60.52 -40.05 92.34
N ARG C 306 61.23 -41.14 92.04
CA ARG C 306 62.69 -41.13 91.83
C ARG C 306 63.03 -42.11 90.70
N THR C 307 62.58 -43.35 90.84
CA THR C 307 62.82 -44.44 89.86
C THR C 307 61.63 -44.66 88.87
N ASN C 308 61.96 -44.80 87.58
CA ASN C 308 61.00 -45.25 86.54
C ASN C 308 61.00 -46.79 86.48
N THR C 309 59.85 -47.42 86.67
CA THR C 309 59.77 -48.89 86.87
C THR C 309 58.94 -49.68 85.83
N SER C 310 58.44 -49.03 84.77
CA SER C 310 57.36 -49.62 83.94
C SER C 310 57.38 -49.29 82.44
N HIS C 311 56.51 -50.00 81.72
CA HIS C 311 56.56 -50.07 80.28
C HIS C 311 56.01 -48.85 79.58
N GLY C 312 55.43 -47.92 80.35
CA GLY C 312 55.03 -46.62 79.82
C GLY C 312 54.04 -45.84 80.63
N CYS C 313 53.08 -46.54 81.21
CA CYS C 313 52.07 -45.93 82.07
C CYS C 313 52.66 -45.00 83.15
N LEU C 314 51.83 -44.08 83.62
CA LEU C 314 52.16 -43.27 84.80
C LEU C 314 51.67 -44.00 86.05
N ASN C 315 52.61 -44.66 86.75
CA ASN C 315 52.30 -45.34 88.02
C ASN C 315 52.23 -44.35 89.15
N VAL C 316 51.11 -44.36 89.86
CA VAL C 316 50.94 -43.48 91.03
C VAL C 316 50.21 -44.26 92.12
N SER C 317 50.25 -43.77 93.35
CA SER C 317 49.52 -44.44 94.44
C SER C 317 48.05 -44.65 94.10
N THR C 318 47.41 -45.64 94.73
CA THR C 318 45.98 -45.82 94.55
C THR C 318 45.20 -44.50 94.77
N ALA C 319 45.56 -43.72 95.79
CA ALA C 319 44.85 -42.47 96.11
C ALA C 319 45.27 -41.30 95.21
N ASN C 320 46.45 -41.38 94.59
CA ASN C 320 46.79 -40.56 93.40
C ASN C 320 46.31 -41.18 92.05
N ALA C 321 45.66 -42.34 92.08
CA ALA C 321 44.98 -42.91 90.94
C ALA C 321 43.54 -42.47 90.99
N LYS C 322 42.85 -42.87 92.06
CA LYS C 322 41.42 -42.60 92.26
C LYS C 322 41.05 -41.13 92.09
N TRP C 323 41.70 -40.23 92.85
CA TRP C 323 41.57 -38.76 92.71
C TRP C 323 41.58 -38.24 91.26
N PHE C 324 42.48 -38.81 90.42
CA PHE C 324 42.69 -38.48 88.97
C PHE C 324 41.66 -39.12 88.01
N TYR C 325 41.27 -40.36 88.34
CA TYR C 325 40.09 -40.98 87.78
C TYR C 325 38.83 -40.10 87.98
N GLU C 326 38.63 -39.61 89.20
CA GLU C 326 37.47 -38.79 89.56
C GLU C 326 37.56 -37.39 88.94
N ASN C 327 38.61 -36.63 89.28
CA ASN C 327 38.80 -35.22 88.85
C ASN C 327 39.40 -34.92 87.45
N THR C 328 39.87 -35.92 86.70
CA THR C 328 40.25 -35.63 85.30
C THR C 328 38.97 -35.84 84.49
N LYS C 329 38.98 -35.36 83.26
CA LYS C 329 37.81 -35.40 82.39
C LYS C 329 38.25 -35.93 81.03
N ARG C 330 37.43 -36.74 80.36
CA ARG C 330 37.73 -37.05 78.96
C ARG C 330 38.09 -35.73 78.32
N GLY C 331 39.17 -35.71 77.56
CA GLY C 331 39.56 -34.51 76.86
C GLY C 331 40.39 -33.54 77.67
N ASP C 332 40.76 -33.91 78.91
CA ASP C 332 41.66 -33.07 79.69
C ASP C 332 43.12 -33.32 79.28
N VAL C 333 43.91 -32.27 79.32
CA VAL C 333 45.28 -32.31 78.87
C VAL C 333 46.16 -32.95 79.94
N VAL C 334 47.25 -33.60 79.51
CA VAL C 334 48.41 -34.03 80.34
C VAL C 334 49.70 -33.69 79.56
N ILE C 335 50.62 -32.96 80.19
CA ILE C 335 51.86 -32.59 79.51
C ILE C 335 53.06 -33.15 80.28
N VAL C 336 53.88 -33.90 79.53
CA VAL C 336 55.05 -34.59 80.03
C VAL C 336 56.22 -34.01 79.24
N SER C 337 57.27 -33.59 79.93
CA SER C 337 58.53 -33.27 79.23
C SER C 337 59.78 -33.76 80.01
N ASN C 338 60.87 -33.85 79.25
CA ASN C 338 62.21 -34.33 79.70
C ASN C 338 62.20 -35.76 80.33
N THR C 339 61.71 -36.69 79.53
CA THR C 339 61.95 -38.12 79.70
C THR C 339 62.79 -38.53 78.52
N VAL C 340 63.34 -39.73 78.67
CA VAL C 340 64.23 -40.33 77.68
C VAL C 340 63.49 -40.69 76.37
N GLY C 341 62.17 -40.88 76.43
CA GLY C 341 61.33 -41.10 75.23
C GLY C 341 61.34 -39.97 74.20
N PRO C 342 60.77 -40.22 72.98
CA PRO C 342 60.62 -39.18 71.95
C PRO C 342 59.22 -38.57 71.99
N VAL C 343 58.96 -37.65 71.07
CA VAL C 343 57.68 -36.98 71.09
C VAL C 343 56.60 -38.08 70.92
N LEU C 344 55.45 -37.91 71.57
CA LEU C 344 54.23 -38.71 71.28
C LEU C 344 53.74 -38.29 69.90
N PRO C 345 53.64 -39.25 68.97
CA PRO C 345 53.44 -38.82 67.58
C PRO C 345 52.07 -38.19 67.38
N GLY C 346 52.00 -37.26 66.44
CA GLY C 346 50.80 -36.45 66.18
C GLY C 346 49.51 -37.16 65.85
N THR C 347 49.59 -38.20 65.01
CA THR C 347 48.41 -38.86 64.44
C THR C 347 48.05 -40.16 65.16
N GLU C 348 48.42 -40.21 66.43
CA GLU C 348 48.55 -41.45 67.22
C GLU C 348 47.29 -42.31 67.59
N GLY C 349 46.10 -41.82 68.01
CA GLY C 349 45.59 -40.47 67.90
C GLY C 349 44.76 -39.96 69.08
N LEU C 350 45.48 -39.75 70.16
CA LEU C 350 45.16 -38.76 71.20
C LEU C 350 46.37 -37.81 71.29
N GLY C 351 47.18 -37.68 70.25
CA GLY C 351 48.38 -36.84 70.31
C GLY C 351 48.29 -35.61 69.43
N ASP C 352 47.07 -35.15 69.18
CA ASP C 352 46.77 -34.17 68.14
C ASP C 352 47.52 -32.84 68.37
N TRP C 353 47.67 -32.48 69.65
CA TRP C 353 48.21 -31.18 70.02
C TRP C 353 49.69 -31.02 69.71
N ASN C 354 50.42 -32.14 69.65
CA ASN C 354 51.85 -32.16 69.31
C ASN C 354 52.13 -31.90 67.81
N ILE C 355 51.14 -31.45 67.04
CA ILE C 355 51.34 -30.97 65.69
C ILE C 355 51.26 -29.42 65.74
N PRO C 356 52.21 -28.72 65.04
CA PRO C 356 52.11 -27.26 64.94
C PRO C 356 50.89 -26.80 64.12
N TRP C 357 50.32 -25.67 64.53
CA TRP C 357 49.11 -25.16 63.91
C TRP C 357 49.25 -24.97 62.42
N ALA C 358 50.41 -24.50 61.97
CA ALA C 358 50.65 -24.23 60.53
C ALA C 358 50.50 -25.47 59.64
N GLN C 359 50.94 -26.61 60.18
CA GLN C 359 50.87 -27.89 59.48
C GLN C 359 49.46 -28.43 59.55
N TRP C 360 48.86 -28.29 60.74
CA TRP C 360 47.45 -28.63 60.98
C TRP C 360 46.56 -27.82 60.02
N LYS C 361 46.50 -26.49 60.18
CA LYS C 361 45.65 -25.64 59.34
C LYS C 361 45.88 -25.87 57.84
N ALA C 362 47.14 -26.00 57.44
CA ALA C 362 47.47 -26.35 56.04
C ALA C 362 46.46 -27.34 55.52
N GLY C 363 46.25 -28.38 56.34
CA GLY C 363 45.37 -29.48 56.03
C GLY C 363 46.22 -30.59 55.48
N ASN C 364 45.56 -31.69 55.16
CA ASN C 364 46.14 -32.78 54.42
C ASN C 364 45.07 -33.47 53.57
N ALA C 365 44.25 -32.65 52.89
CA ALA C 365 43.24 -33.20 51.97
C ALA C 365 43.83 -34.06 50.81
N ARG C 366 45.06 -33.75 50.36
CA ARG C 366 45.69 -34.45 49.22
C ARG C 366 46.68 -35.52 49.71
N VAL D 18 -55.29 -8.19 -49.94
CA VAL D 18 -55.97 -8.66 -51.19
C VAL D 18 -57.02 -7.60 -51.69
N PRO D 19 -56.63 -6.62 -52.55
CA PRO D 19 -55.26 -6.13 -52.80
C PRO D 19 -55.14 -4.62 -52.45
N LYS D 20 -53.92 -4.15 -52.19
CA LYS D 20 -53.69 -2.80 -51.60
C LYS D 20 -53.47 -1.73 -52.69
N LEU D 21 -53.59 -0.46 -52.31
CA LEU D 21 -53.68 0.60 -53.31
C LEU D 21 -53.47 1.97 -52.68
N ALA D 22 -52.26 2.51 -52.80
CA ALA D 22 -51.89 3.77 -52.16
C ALA D 22 -51.82 4.90 -53.19
N MET D 23 -52.22 6.11 -52.81
CA MET D 23 -51.91 7.32 -53.59
C MET D 23 -51.08 8.30 -52.79
N SER D 24 -50.33 9.16 -53.46
CA SER D 24 -49.49 10.16 -52.82
C SER D 24 -50.25 11.44 -52.42
N VAL D 25 -51.57 11.36 -52.32
CA VAL D 25 -52.48 12.47 -51.91
C VAL D 25 -53.62 11.78 -51.20
N LYS D 26 -54.30 12.48 -50.31
CA LYS D 26 -55.50 11.91 -49.67
C LYS D 26 -56.60 12.89 -49.87
N ASP D 27 -57.83 12.42 -50.00
CA ASP D 27 -58.90 13.40 -50.17
C ASP D 27 -59.45 13.78 -48.82
N GLY D 28 -59.95 14.99 -48.66
CA GLY D 28 -59.92 16.08 -49.61
C GLY D 28 -58.89 17.01 -49.05
N ALA D 29 -57.62 16.62 -49.26
CA ALA D 29 -56.48 17.47 -48.96
C ALA D 29 -56.41 18.73 -49.83
N VAL D 30 -55.65 19.67 -49.33
CA VAL D 30 -55.58 21.00 -49.88
C VAL D 30 -54.09 21.30 -49.81
N GLY D 31 -53.63 22.26 -50.59
CA GLY D 31 -52.21 22.58 -50.64
C GLY D 31 -51.27 21.54 -51.27
N VAL D 32 -51.75 20.62 -52.11
CA VAL D 32 -50.85 19.61 -52.72
C VAL D 32 -49.73 20.28 -53.48
N ALA D 33 -48.54 19.72 -53.38
CA ALA D 33 -47.39 20.34 -54.00
C ALA D 33 -47.42 20.12 -55.53
N VAL D 34 -47.20 21.18 -56.32
CA VAL D 34 -47.04 21.04 -57.78
C VAL D 34 -45.62 20.80 -58.29
N ASP D 35 -44.62 20.93 -57.43
CA ASP D 35 -43.24 20.55 -57.77
C ASP D 35 -42.96 19.05 -57.88
N ALA D 36 -43.94 18.21 -57.57
CA ALA D 36 -43.77 16.76 -57.62
C ALA D 36 -44.89 16.12 -58.44
N PRO D 37 -44.57 15.02 -59.14
CA PRO D 37 -45.71 14.27 -59.70
C PRO D 37 -46.58 13.70 -58.59
N VAL D 38 -47.85 13.43 -58.91
CA VAL D 38 -48.72 12.57 -58.11
C VAL D 38 -48.50 11.14 -58.54
N THR D 39 -48.50 10.19 -57.60
CA THR D 39 -48.37 8.77 -57.95
C THR D 39 -49.43 7.90 -57.32
N VAL D 40 -49.60 6.70 -57.88
CA VAL D 40 -50.48 5.66 -57.34
C VAL D 40 -49.74 4.33 -57.40
N THR D 41 -49.40 3.73 -56.27
CA THR D 41 -48.77 2.43 -56.33
C THR D 41 -49.75 1.39 -55.81
N ALA D 42 -49.39 0.12 -56.01
CA ALA D 42 -50.24 -1.02 -55.72
C ALA D 42 -49.48 -2.13 -55.03
N GLY D 43 -49.94 -2.48 -53.82
CA GLY D 43 -49.50 -3.67 -53.11
C GLY D 43 -50.30 -4.93 -53.46
N GLU D 44 -49.57 -6.03 -53.55
CA GLU D 44 -50.13 -7.36 -53.85
C GLU D 44 -50.63 -7.43 -55.31
N GLY D 45 -51.75 -6.78 -55.62
CA GLY D 45 -52.22 -6.70 -57.02
C GLY D 45 -51.35 -5.92 -58.02
N VAL D 46 -51.89 -5.73 -59.22
CA VAL D 46 -51.33 -4.77 -60.21
C VAL D 46 -52.42 -3.80 -60.66
N LEU D 47 -52.01 -2.63 -61.16
CA LEU D 47 -52.98 -1.59 -61.57
C LEU D 47 -53.70 -1.98 -62.84
N GLY D 48 -55.00 -1.67 -62.88
CA GLY D 48 -55.83 -1.82 -64.08
C GLY D 48 -55.90 -0.51 -64.86
N SER D 49 -56.50 0.50 -64.28
CA SER D 49 -56.45 1.83 -64.89
C SER D 49 -56.46 2.92 -63.83
N VAL D 50 -55.92 4.08 -64.19
CA VAL D 50 -55.82 5.24 -63.32
C VAL D 50 -56.17 6.47 -64.12
N THR D 51 -57.12 7.26 -63.66
CA THR D 51 -57.51 8.42 -64.42
C THR D 51 -57.73 9.57 -63.50
N MET D 52 -57.15 10.70 -63.92
CA MET D 52 -57.13 11.92 -63.16
C MET D 52 -57.70 13.00 -64.06
N VAL D 53 -58.72 13.69 -63.60
CA VAL D 53 -59.21 14.88 -64.31
C VAL D 53 -59.27 16.01 -63.34
N ASN D 54 -59.23 17.23 -63.87
CA ASN D 54 -59.54 18.42 -63.08
C ASN D 54 -61.05 18.63 -63.00
N SER D 55 -61.50 19.80 -62.57
CA SER D 55 -62.94 20.07 -62.43
C SER D 55 -63.57 20.62 -63.72
N ASP D 56 -62.79 20.74 -64.79
CA ASP D 56 -63.29 20.94 -66.15
C ASP D 56 -63.50 19.62 -66.89
N GLY D 57 -63.37 18.48 -66.20
CA GLY D 57 -63.37 17.16 -66.86
C GLY D 57 -62.17 16.81 -67.73
N LYS D 58 -61.21 17.74 -67.90
CA LYS D 58 -60.03 17.54 -68.75
C LYS D 58 -59.05 16.48 -68.16
N GLU D 59 -58.87 15.37 -68.87
CA GLU D 59 -57.94 14.31 -68.45
C GLU D 59 -56.54 14.87 -68.30
N ILE D 60 -55.91 14.61 -67.16
CA ILE D 60 -54.51 14.93 -66.95
C ILE D 60 -53.79 13.67 -67.32
N ALA D 61 -52.65 13.84 -67.98
CA ALA D 61 -52.00 12.73 -68.62
C ALA D 61 -51.15 12.03 -67.59
N GLY D 62 -51.14 10.71 -67.63
CA GLY D 62 -50.16 9.94 -66.86
C GLY D 62 -50.12 8.50 -67.29
N GLU D 63 -49.08 7.79 -66.87
CA GLU D 63 -48.92 6.40 -67.25
C GLU D 63 -48.43 5.41 -66.15
N ILE D 64 -49.08 4.25 -66.17
CA ILE D 64 -48.65 3.05 -65.43
C ILE D 64 -47.25 2.67 -65.89
N GLY D 65 -46.39 2.21 -64.99
CA GLY D 65 -45.02 1.86 -65.35
C GLY D 65 -44.94 0.46 -65.89
N PRO D 66 -43.77 0.05 -66.40
CA PRO D 66 -43.61 -1.27 -67.05
C PRO D 66 -43.98 -2.47 -66.18
N ASP D 67 -43.83 -2.33 -64.87
CA ASP D 67 -44.14 -3.42 -63.93
C ASP D 67 -45.55 -3.44 -63.41
N GLY D 68 -46.39 -2.47 -63.81
CA GLY D 68 -47.82 -2.51 -63.51
C GLY D 68 -48.22 -2.13 -62.11
N VAL D 69 -47.25 -1.65 -61.34
CA VAL D 69 -47.44 -1.44 -59.89
C VAL D 69 -47.64 0.01 -59.53
N THR D 70 -46.91 0.91 -60.18
CA THR D 70 -47.00 2.34 -59.92
C THR D 70 -47.45 3.10 -61.18
N TRP D 71 -48.22 4.16 -60.95
CA TRP D 71 -48.69 5.07 -61.97
C TRP D 71 -48.07 6.39 -61.61
N THR D 72 -47.90 7.28 -62.56
CA THR D 72 -47.37 8.61 -62.25
C THR D 72 -47.83 9.61 -63.27
N THR D 73 -48.22 10.81 -62.84
CA THR D 73 -48.49 11.89 -63.78
C THR D 73 -47.24 12.18 -64.64
N THR D 74 -47.47 12.66 -65.84
CA THR D 74 -46.41 12.90 -66.82
C THR D 74 -46.35 14.35 -67.27
N GLU D 75 -47.34 15.16 -66.87
CA GLU D 75 -47.31 16.62 -67.07
C GLU D 75 -47.47 17.34 -65.73
N PRO D 76 -46.92 18.56 -65.61
CA PRO D 76 -47.09 19.25 -64.33
C PRO D 76 -48.52 19.74 -64.07
N LEU D 77 -48.83 19.91 -62.78
CA LEU D 77 -50.15 20.34 -62.35
C LEU D 77 -50.10 21.82 -62.15
N GLY D 78 -51.24 22.49 -62.37
CA GLY D 78 -51.33 23.93 -62.16
C GLY D 78 -51.49 24.25 -60.69
N TYR D 79 -51.15 25.49 -60.34
CA TYR D 79 -51.55 26.08 -59.08
C TYR D 79 -53.06 26.25 -59.02
N ASP D 80 -53.57 26.28 -57.79
CA ASP D 80 -54.99 26.58 -57.47
C ASP D 80 -55.95 25.85 -58.41
N LYS D 81 -56.00 24.54 -58.27
CA LYS D 81 -56.80 23.72 -59.14
C LYS D 81 -57.22 22.46 -58.40
N GLN D 82 -58.41 21.98 -58.69
CA GLN D 82 -58.93 20.78 -58.06
C GLN D 82 -58.90 19.63 -59.05
N TYR D 83 -58.33 18.50 -58.61
CA TYR D 83 -58.17 17.29 -59.40
C TYR D 83 -58.86 16.14 -58.67
N THR D 84 -59.34 15.19 -59.46
CA THR D 84 -60.00 14.02 -58.93
C THR D 84 -59.38 12.83 -59.62
N ILE D 85 -59.07 11.79 -58.86
CA ILE D 85 -58.32 10.69 -59.38
C ILE D 85 -58.95 9.43 -58.86
N ASN D 86 -59.12 8.47 -59.77
CA ASN D 86 -59.70 7.18 -59.51
C ASN D 86 -58.71 6.17 -59.97
N ALA D 87 -58.69 5.03 -59.32
CA ALA D 87 -57.70 4.04 -59.65
C ALA D 87 -58.19 2.72 -59.17
N ASP D 88 -57.73 1.65 -59.82
CA ASP D 88 -58.08 0.30 -59.37
C ASP D 88 -56.93 -0.67 -59.50
N ALA D 89 -56.99 -1.75 -58.73
CA ALA D 89 -55.94 -2.77 -58.76
C ALA D 89 -56.55 -4.17 -58.77
N ARG D 90 -55.71 -5.17 -59.01
CA ARG D 90 -56.16 -6.58 -59.12
C ARG D 90 -55.28 -7.50 -58.27
N GLY D 94 -59.04 -10.05 -54.89
CA GLY D 94 -59.59 -9.80 -56.22
C GLY D 94 -59.37 -8.38 -56.76
N VAL D 95 -60.40 -7.52 -56.60
CA VAL D 95 -60.38 -6.10 -57.05
C VAL D 95 -60.29 -5.12 -55.86
N ALA D 96 -59.61 -3.99 -56.06
CA ALA D 96 -59.62 -2.87 -55.11
C ALA D 96 -59.74 -1.57 -55.88
N ARG D 97 -60.42 -0.59 -55.29
CA ARG D 97 -60.61 0.73 -55.88
C ARG D 97 -60.17 1.80 -54.91
N ALA D 98 -59.87 2.96 -55.45
CA ALA D 98 -59.51 4.09 -54.62
C ALA D 98 -59.89 5.35 -55.35
N ASN D 99 -60.00 6.41 -54.59
CA ASN D 99 -60.64 7.58 -55.09
C ASN D 99 -60.26 8.80 -54.23
N ALA D 100 -59.84 9.86 -54.89
CA ALA D 100 -59.31 10.99 -54.18
C ALA D 100 -59.52 12.24 -55.00
N THR D 101 -60.04 13.27 -54.36
CA THR D 101 -60.15 14.59 -54.88
C THR D 101 -59.34 15.55 -54.00
N PHE D 102 -58.63 16.50 -54.61
CA PHE D 102 -57.75 17.40 -53.85
C PHE D 102 -57.48 18.71 -54.57
N ARG D 103 -56.88 19.65 -53.84
CA ARG D 103 -56.50 20.96 -54.37
C ARG D 103 -55.01 21.13 -54.27
N THR D 104 -54.42 21.78 -55.27
CA THR D 104 -53.00 22.06 -55.28
C THR D 104 -52.81 23.38 -54.63
N GLN D 105 -51.58 23.66 -54.22
CA GLN D 105 -51.29 24.86 -53.45
C GLN D 105 -51.78 26.10 -54.18
N SER D 106 -52.54 26.89 -53.43
CA SER D 106 -53.11 28.10 -53.95
C SER D 106 -52.22 29.16 -53.35
N PRO D 107 -51.32 29.75 -54.16
CA PRO D 107 -50.29 30.59 -53.59
C PRO D 107 -50.80 32.00 -53.48
N ASP D 108 -50.27 32.72 -52.51
CA ASP D 108 -50.74 34.06 -52.22
C ASP D 108 -50.13 35.01 -53.20
N ASN D 109 -48.82 34.88 -53.40
CA ASN D 109 -48.06 35.58 -54.45
C ASN D 109 -47.31 34.59 -55.29
N MET D 110 -47.20 34.90 -56.59
CA MET D 110 -46.33 34.15 -57.50
C MET D 110 -45.19 35.08 -57.85
N THR D 111 -43.98 34.53 -57.92
CA THR D 111 -42.75 35.31 -58.16
C THR D 111 -41.98 34.70 -59.31
N MET D 112 -41.43 35.54 -60.17
CA MET D 112 -40.68 35.11 -61.34
C MET D 112 -39.18 35.42 -61.19
N PRO D 113 -38.34 34.38 -61.19
CA PRO D 113 -36.91 34.59 -61.18
C PRO D 113 -36.32 34.88 -62.57
N TYR D 114 -35.35 35.80 -62.61
CA TYR D 114 -34.61 36.14 -63.81
C TYR D 114 -33.15 35.88 -63.51
N VAL D 115 -32.46 35.21 -64.40
CA VAL D 115 -31.05 34.96 -64.17
C VAL D 115 -30.19 35.90 -65.01
N MET D 116 -29.09 36.33 -64.41
CA MET D 116 -27.99 37.02 -65.07
C MET D 116 -26.73 36.27 -64.77
N PRO D 117 -25.77 36.20 -65.69
CA PRO D 117 -25.89 36.67 -67.05
C PRO D 117 -26.85 35.81 -67.92
N GLY D 118 -27.24 36.34 -69.07
CA GLY D 118 -28.21 35.66 -69.93
C GLY D 118 -27.70 34.36 -70.55
N ASP D 119 -28.63 33.50 -70.95
CA ASP D 119 -28.26 32.23 -71.59
C ASP D 119 -27.36 32.45 -72.82
N GLY D 120 -26.26 31.71 -72.91
CA GLY D 120 -25.35 31.81 -74.06
C GLY D 120 -24.27 32.89 -73.99
N GLU D 121 -24.28 33.71 -72.95
CA GLU D 121 -23.36 34.85 -72.86
C GLU D 121 -21.96 34.40 -72.55
N VAL D 122 -20.99 35.19 -72.99
CA VAL D 122 -19.60 35.02 -72.65
C VAL D 122 -19.28 36.21 -71.79
N VAL D 123 -18.87 35.96 -70.55
CA VAL D 123 -18.69 37.05 -69.58
C VAL D 123 -17.30 37.00 -69.01
N GLY D 124 -16.85 38.14 -68.48
CA GLY D 124 -15.54 38.27 -67.90
C GLY D 124 -15.34 37.51 -66.59
N VAL D 125 -14.08 37.51 -66.17
CA VAL D 125 -13.65 36.84 -64.94
C VAL D 125 -14.32 37.30 -63.65
N GLY D 126 -14.94 38.47 -63.67
CA GLY D 126 -15.57 39.01 -62.46
C GLY D 126 -17.07 38.87 -62.34
N GLN D 127 -17.73 38.25 -63.33
CA GLN D 127 -19.20 38.12 -63.31
C GLN D 127 -19.64 37.25 -62.15
N THR D 128 -20.62 37.72 -61.39
CA THR D 128 -21.30 36.89 -60.40
C THR D 128 -22.61 36.38 -60.97
N VAL D 129 -23.05 35.25 -60.47
CA VAL D 129 -24.33 34.69 -60.90
C VAL D 129 -25.38 35.38 -60.07
N ALA D 130 -26.42 35.90 -60.73
CA ALA D 130 -27.47 36.67 -60.05
C ALA D 130 -28.83 36.12 -60.36
N ILE D 131 -29.67 35.93 -59.33
CA ILE D 131 -31.05 35.47 -59.49
C ILE D 131 -32.00 36.47 -58.84
N ARG D 132 -32.62 37.33 -59.65
CA ARG D 132 -33.48 38.42 -59.14
C ARG D 132 -34.93 37.94 -59.19
N PHE D 133 -35.65 38.08 -58.08
CA PHE D 133 -37.10 37.87 -58.04
C PHE D 133 -37.86 39.19 -58.13
N ASP D 134 -39.10 39.13 -58.59
CA ASP D 134 -39.98 40.30 -58.66
C ASP D 134 -40.88 40.44 -57.43
N GLU D 135 -40.59 39.64 -56.40
CA GLU D 135 -41.25 39.70 -55.11
C GLU D 135 -40.21 39.40 -53.99
N ASN D 136 -40.42 39.97 -52.81
CA ASN D 136 -39.59 39.65 -51.63
C ASN D 136 -39.69 38.16 -51.31
N ILE D 137 -38.57 37.57 -50.93
CA ILE D 137 -38.49 36.13 -50.72
C ILE D 137 -38.25 35.87 -49.24
N PRO D 138 -39.30 35.39 -48.52
CA PRO D 138 -39.19 34.99 -47.13
C PRO D 138 -38.11 33.93 -46.84
N ASN D 139 -38.28 32.71 -47.36
CA ASN D 139 -37.39 31.62 -47.01
C ASN D 139 -36.13 31.55 -47.91
N ARG D 140 -35.26 32.51 -47.70
CA ARG D 140 -34.02 32.59 -48.40
C ARG D 140 -33.30 31.24 -48.55
N ALA D 141 -33.33 30.40 -47.52
CA ALA D 141 -32.68 29.08 -47.60
C ALA D 141 -33.42 28.12 -48.54
N ALA D 142 -34.73 28.29 -48.73
CA ALA D 142 -35.52 27.46 -49.67
C ALA D 142 -35.16 27.78 -51.15
N ALA D 143 -35.14 29.07 -51.45
CA ALA D 143 -34.60 29.62 -52.68
C ALA D 143 -33.22 29.06 -53.08
N GLU D 144 -32.30 28.91 -52.12
CA GLU D 144 -30.93 28.42 -52.41
C GLU D 144 -30.96 26.93 -52.69
N LYS D 145 -31.72 26.17 -51.89
CA LYS D 145 -31.88 24.74 -52.18
C LYS D 145 -32.41 24.55 -53.59
N ALA D 146 -33.31 25.44 -54.01
CA ALA D 146 -33.96 25.33 -55.30
C ALA D 146 -33.04 25.59 -56.51
N ILE D 147 -31.93 26.31 -56.29
CA ILE D 147 -31.00 26.66 -57.38
C ILE D 147 -29.83 25.68 -57.54
N LYS D 148 -29.72 24.99 -58.67
CA LYS D 148 -28.55 24.11 -58.91
C LYS D 148 -27.50 24.71 -59.89
N ILE D 149 -26.39 25.15 -59.32
CA ILE D 149 -25.26 25.66 -60.08
C ILE D 149 -24.18 24.56 -60.26
N THR D 150 -23.56 24.49 -61.43
CA THR D 150 -22.72 23.35 -61.84
C THR D 150 -21.53 23.86 -62.66
N THR D 151 -20.35 23.77 -62.08
CA THR D 151 -19.19 24.45 -62.63
C THR D 151 -18.22 23.44 -63.27
N ASN D 152 -17.56 23.83 -64.35
CA ASN D 152 -16.62 22.95 -65.04
C ASN D 152 -15.45 23.72 -65.70
N PRO D 153 -14.23 23.63 -65.16
CA PRO D 153 -13.87 22.77 -64.00
C PRO D 153 -14.60 23.16 -62.70
N PRO D 154 -14.93 22.17 -61.82
CA PRO D 154 -15.66 22.48 -60.57
C PRO D 154 -14.91 23.45 -59.66
N VAL D 155 -15.64 24.28 -58.93
CA VAL D 155 -15.03 25.23 -58.05
C VAL D 155 -16.06 25.62 -56.99
N GLU D 156 -15.64 25.58 -55.73
CA GLU D 156 -16.49 25.95 -54.61
C GLU D 156 -17.02 27.40 -54.78
N GLY D 157 -18.29 27.59 -54.42
CA GLY D 157 -18.90 28.93 -54.28
C GLY D 157 -20.09 28.82 -53.35
N ALA D 158 -20.67 29.95 -52.95
CA ALA D 158 -21.92 29.94 -52.17
C ALA D 158 -22.69 31.25 -52.31
N PHE D 159 -23.90 31.27 -51.72
CA PHE D 159 -24.90 32.31 -51.99
C PHE D 159 -24.76 33.48 -51.05
N TYR D 160 -25.01 34.67 -51.56
CA TYR D 160 -25.09 35.86 -50.73
C TYR D 160 -26.15 36.80 -51.30
N TRP D 161 -27.11 37.20 -50.45
CA TRP D 161 -28.22 38.08 -50.82
C TRP D 161 -27.78 39.52 -50.76
N LEU D 162 -28.14 40.34 -51.74
CA LEU D 162 -27.84 41.77 -51.71
C LEU D 162 -28.98 42.53 -51.12
N ASN D 163 -30.20 42.15 -51.50
CA ASN D 163 -31.44 42.71 -50.96
C ASN D 163 -32.39 41.54 -50.74
N ASN D 164 -33.66 41.82 -50.38
CA ASN D 164 -34.64 40.74 -50.20
C ASN D 164 -35.06 40.05 -51.49
N ARG D 165 -34.72 40.64 -52.64
CA ARG D 165 -35.09 40.11 -53.96
C ARG D 165 -33.99 39.40 -54.76
N GLU D 166 -32.72 39.77 -54.61
CA GLU D 166 -31.68 39.29 -55.53
C GLU D 166 -30.57 38.56 -54.79
N VAL D 167 -30.36 37.31 -55.16
CA VAL D 167 -29.34 36.48 -54.54
C VAL D 167 -28.24 36.35 -55.55
N ARG D 168 -27.02 36.16 -55.06
CA ARG D 168 -25.83 36.09 -55.89
C ARG D 168 -25.07 34.81 -55.61
N TRP D 169 -24.06 34.53 -56.42
CA TRP D 169 -23.22 33.34 -56.22
C TRP D 169 -21.88 33.50 -56.96
N ARG D 170 -20.80 33.11 -56.30
CA ARG D 170 -19.47 33.26 -56.83
C ARG D 170 -18.48 32.40 -56.09
N PRO D 171 -17.32 32.16 -56.72
CA PRO D 171 -16.22 31.52 -56.06
C PRO D 171 -15.41 32.46 -55.17
N GLU D 172 -14.45 31.87 -54.47
CA GLU D 172 -13.61 32.54 -53.47
C GLU D 172 -12.85 33.73 -54.02
N SER D 173 -12.37 33.61 -55.25
CA SER D 173 -11.99 34.78 -56.03
C SER D 173 -12.17 34.47 -57.53
N PHE D 174 -11.82 35.44 -58.37
CA PHE D 174 -12.21 35.50 -59.80
C PHE D 174 -12.31 34.18 -60.55
N TRP D 175 -13.12 34.15 -61.61
CA TRP D 175 -13.30 32.95 -62.40
C TRP D 175 -12.10 32.72 -63.31
N ASP D 176 -11.81 31.44 -63.57
CA ASP D 176 -10.81 31.04 -64.56
C ASP D 176 -11.40 31.03 -65.97
N SER D 177 -10.71 31.72 -66.90
CA SER D 177 -11.08 31.71 -68.32
C SER D 177 -11.40 30.30 -68.81
N GLY D 178 -12.51 30.15 -69.53
CA GLY D 178 -12.91 28.87 -70.09
C GLY D 178 -13.77 28.00 -69.19
N THR D 179 -14.08 28.46 -67.98
CA THR D 179 -14.97 27.70 -67.11
C THR D 179 -16.43 27.85 -67.57
N SER D 180 -17.21 26.78 -67.37
CA SER D 180 -18.61 26.66 -67.81
C SER D 180 -19.55 26.71 -66.63
N VAL D 181 -20.63 27.45 -66.77
CA VAL D 181 -21.46 27.78 -65.63
C VAL D 181 -22.91 27.55 -65.99
N ASP D 182 -23.50 26.54 -65.36
CA ASP D 182 -24.91 26.17 -65.52
C ASP D 182 -25.67 26.68 -64.29
N VAL D 183 -26.75 27.41 -64.48
CA VAL D 183 -27.63 27.84 -63.40
C VAL D 183 -28.99 27.27 -63.69
N LYS D 184 -29.44 26.28 -62.93
CA LYS D 184 -30.84 25.82 -63.02
C LYS D 184 -31.66 26.31 -61.81
N VAL D 185 -32.56 27.27 -62.03
CA VAL D 185 -33.46 27.72 -60.99
C VAL D 185 -34.75 26.89 -61.04
N ASN D 186 -34.80 25.82 -60.23
CA ASN D 186 -35.91 24.85 -60.20
C ASN D 186 -36.98 25.24 -59.14
N THR D 187 -37.60 26.40 -59.34
CA THR D 187 -38.51 27.03 -58.37
C THR D 187 -40.02 26.84 -58.65
N TYR D 188 -40.37 26.10 -59.70
CA TYR D 188 -41.80 25.82 -59.96
C TYR D 188 -42.37 24.97 -58.83
N GLY D 189 -43.44 25.45 -58.18
CA GLY D 189 -44.08 24.70 -57.10
C GLY D 189 -43.36 24.70 -55.77
N VAL D 190 -42.34 25.53 -55.65
CA VAL D 190 -41.52 25.54 -54.46
C VAL D 190 -42.10 26.60 -53.57
N ASN D 191 -42.45 26.19 -52.36
CA ASN D 191 -42.83 27.09 -51.29
C ASN D 191 -41.63 27.91 -50.86
N LEU D 192 -41.71 29.23 -51.00
CA LEU D 192 -40.61 30.12 -50.59
C LEU D 192 -41.00 30.85 -49.30
N GLY D 193 -41.87 30.21 -48.52
CA GLY D 193 -42.41 30.80 -47.31
C GLY D 193 -43.48 31.88 -47.50
N ASP D 194 -44.43 31.91 -46.57
CA ASP D 194 -45.33 33.03 -46.39
C ASP D 194 -46.14 33.30 -47.66
N GLY D 195 -46.62 32.22 -48.30
CA GLY D 195 -47.48 32.30 -49.51
C GLY D 195 -46.85 32.68 -50.86
N VAL D 196 -45.51 32.72 -50.89
CA VAL D 196 -44.74 33.06 -52.07
C VAL D 196 -44.22 31.75 -52.68
N PHE D 197 -44.75 31.42 -53.85
CA PHE D 197 -44.43 30.21 -54.60
C PHE D 197 -43.87 30.61 -55.95
N GLY D 198 -42.94 29.80 -56.48
CA GLY D 198 -42.26 30.14 -57.73
C GLY D 198 -43.15 29.92 -58.93
N GLN D 199 -43.32 30.96 -59.76
CA GLN D 199 -44.17 30.93 -60.97
C GLN D 199 -43.71 29.98 -62.11
N ASP D 200 -42.41 29.79 -62.24
CA ASP D 200 -41.84 28.96 -63.29
C ASP D 200 -40.37 28.68 -62.97
N ASN D 201 -39.74 27.88 -63.82
CA ASN D 201 -38.32 27.63 -63.74
C ASN D 201 -37.64 28.48 -64.76
N VAL D 202 -36.36 28.75 -64.55
CA VAL D 202 -35.53 29.37 -65.57
C VAL D 202 -34.16 28.73 -65.56
N ALA D 203 -33.40 29.00 -66.62
CA ALA D 203 -32.04 28.51 -66.70
C ALA D 203 -31.16 29.35 -67.63
N SER D 204 -29.90 29.47 -67.26
CA SER D 204 -28.87 30.03 -68.10
C SER D 204 -27.74 29.04 -68.09
N HIS D 205 -27.09 28.90 -69.22
CA HIS D 205 -25.79 28.31 -69.27
C HIS D 205 -24.95 29.36 -69.94
N PHE D 206 -23.71 29.46 -69.49
CA PHE D 206 -22.80 30.50 -69.97
C PHE D 206 -21.36 30.14 -69.66
N THR D 207 -20.44 30.92 -70.22
CA THR D 207 -19.02 30.61 -70.16
C THR D 207 -18.20 31.85 -69.79
N ILE D 208 -17.03 31.60 -69.20
CA ILE D 208 -16.12 32.66 -68.78
C ILE D 208 -15.03 32.86 -69.86
N GLY D 209 -14.94 34.07 -70.42
CA GLY D 209 -13.97 34.40 -71.48
C GLY D 209 -12.67 34.97 -70.95
N ASP D 210 -12.01 35.80 -71.77
CA ASP D 210 -10.69 36.34 -71.40
C ASP D 210 -10.71 37.11 -70.07
N ALA D 211 -9.55 37.18 -69.43
CA ALA D 211 -9.41 37.79 -68.12
C ALA D 211 -8.94 39.24 -68.20
N VAL D 212 -9.72 40.06 -68.91
CA VAL D 212 -9.51 41.50 -68.90
C VAL D 212 -9.71 42.00 -67.46
N ILE D 213 -8.68 42.66 -66.93
CA ILE D 213 -8.79 43.46 -65.73
C ILE D 213 -8.15 44.82 -66.00
N SER D 214 -8.94 45.87 -65.86
CA SER D 214 -8.47 47.25 -65.93
C SER D 214 -8.05 47.68 -64.52
N ARG D 215 -6.92 48.36 -64.41
CA ARG D 215 -6.47 48.89 -63.13
C ARG D 215 -6.13 50.35 -63.27
N VAL D 216 -6.09 51.03 -62.12
CA VAL D 216 -5.64 52.40 -62.09
C VAL D 216 -5.44 52.88 -60.65
N ASP D 217 -4.28 53.44 -60.40
CA ASP D 217 -4.01 54.16 -59.16
C ASP D 217 -4.40 55.62 -59.38
N ASP D 218 -4.76 56.31 -58.29
CA ASP D 218 -5.03 57.76 -58.34
C ASP D 218 -3.74 58.50 -58.68
N THR D 219 -2.64 58.07 -58.06
CA THR D 219 -1.33 58.67 -58.30
C THR D 219 -0.83 58.44 -59.76
N ASN D 220 -1.30 57.36 -60.42
CA ASN D 220 -1.09 57.18 -61.88
C ASN D 220 -2.04 58.05 -62.71
N LYS D 221 -3.35 57.88 -62.47
CA LYS D 221 -4.47 58.38 -63.33
C LYS D 221 -4.43 57.85 -64.78
N ILE D 222 -3.74 56.71 -64.98
CA ILE D 222 -3.59 56.12 -66.30
C ILE D 222 -4.08 54.69 -66.17
N LEU D 223 -4.97 54.29 -67.09
CA LEU D 223 -5.70 53.02 -67.01
C LEU D 223 -4.80 51.88 -67.50
N ASN D 224 -5.02 50.66 -67.00
CA ASN D 224 -4.20 49.47 -67.30
C ASN D 224 -4.99 48.23 -67.76
N ILE D 225 -5.37 48.22 -69.03
CA ILE D 225 -6.25 47.18 -69.58
C ILE D 225 -5.45 45.93 -69.95
N GLU D 226 -5.32 44.99 -69.02
CA GLU D 226 -4.46 43.78 -69.19
C GLU D 226 -5.16 42.42 -69.50
N ARG D 227 -5.34 42.12 -70.79
CA ARG D 227 -5.88 40.81 -71.23
C ARG D 227 -4.98 39.64 -70.81
N ASN D 228 -5.38 38.94 -69.74
CA ASN D 228 -4.66 37.77 -69.16
C ASN D 228 -3.23 38.11 -68.75
N GLY D 229 -3.06 38.83 -67.65
CA GLY D 229 -1.73 39.13 -67.07
C GLY D 229 -0.66 39.90 -67.87
N GLU D 230 -1.01 40.51 -69.00
CA GLU D 230 -0.07 41.31 -69.79
C GLU D 230 -0.78 42.53 -70.40
N ILE D 231 -0.36 43.73 -69.97
CA ILE D 231 -1.00 44.99 -70.37
C ILE D 231 -1.07 45.10 -71.90
N ILE D 232 -2.23 45.44 -72.47
CA ILE D 232 -2.40 45.62 -73.95
C ILE D 232 -2.97 46.98 -74.38
N LYS D 233 -3.24 47.86 -73.42
CA LYS D 233 -3.65 49.24 -73.67
C LYS D 233 -3.57 50.00 -72.36
N THR D 234 -3.13 51.25 -72.46
CA THR D 234 -3.17 52.20 -71.35
C THR D 234 -3.68 53.55 -71.89
N MET D 235 -4.69 54.09 -71.20
CA MET D 235 -5.32 55.39 -71.49
C MET D 235 -5.36 56.29 -70.24
N PRO D 236 -5.22 57.62 -70.42
CA PRO D 236 -5.29 58.51 -69.27
C PRO D 236 -6.74 58.93 -68.96
N THR D 237 -7.05 59.04 -67.67
CA THR D 237 -8.39 59.37 -67.19
C THR D 237 -8.43 60.65 -66.33
N SER D 238 -9.58 61.32 -66.35
CA SER D 238 -9.93 62.33 -65.37
C SER D 238 -10.97 61.71 -64.41
N MET D 239 -10.58 61.50 -63.16
CA MET D 239 -11.38 60.66 -62.28
C MET D 239 -12.25 61.47 -61.33
N GLY D 240 -12.84 60.80 -60.31
CA GLY D 240 -13.83 61.41 -59.42
C GLY D 240 -13.27 62.49 -58.53
N LYS D 241 -13.70 63.73 -58.75
CA LYS D 241 -13.22 64.90 -57.97
C LYS D 241 -13.55 64.78 -56.47
N ASP D 242 -13.05 65.70 -55.65
CA ASP D 242 -12.95 65.45 -54.21
C ASP D 242 -14.24 65.46 -53.41
N LYS D 243 -15.19 66.31 -53.84
CA LYS D 243 -16.55 66.34 -53.26
C LYS D 243 -17.35 65.08 -53.68
N ALA D 244 -17.26 64.67 -54.96
CA ALA D 244 -17.93 63.46 -55.51
C ALA D 244 -16.91 62.43 -56.05
N PRO D 245 -16.19 61.76 -55.12
CA PRO D 245 -15.09 60.88 -55.50
C PRO D 245 -15.51 59.57 -56.23
N THR D 246 -14.54 58.92 -56.88
CA THR D 246 -14.65 57.52 -57.36
C THR D 246 -14.25 56.57 -56.22
N ASN D 247 -15.05 55.54 -55.94
CA ASN D 247 -14.73 54.58 -54.86
C ASN D 247 -13.50 53.72 -55.13
N ASN D 248 -13.02 53.05 -54.08
CA ASN D 248 -11.81 52.23 -54.17
C ASN D 248 -12.24 50.78 -54.08
N GLY D 249 -11.76 49.94 -54.99
CA GLY D 249 -12.02 48.50 -54.90
C GLY D 249 -12.35 47.89 -56.24
N THR D 250 -12.95 46.70 -56.21
CA THR D 250 -13.27 45.94 -57.41
C THR D 250 -14.67 46.27 -57.94
N TYR D 251 -14.68 46.91 -59.11
CA TYR D 251 -15.88 47.12 -59.91
C TYR D 251 -16.04 45.97 -60.93
N ILE D 252 -17.29 45.56 -61.17
CA ILE D 252 -17.66 44.60 -62.21
C ILE D 252 -18.31 45.37 -63.34
N ILE D 253 -17.90 45.09 -64.57
CA ILE D 253 -18.49 45.80 -65.70
C ILE D 253 -19.92 45.27 -65.87
N GLY D 254 -20.83 46.18 -66.20
CA GLY D 254 -22.22 45.86 -66.36
C GLY D 254 -22.61 46.11 -67.79
N GLU D 255 -23.58 47.00 -67.98
CA GLU D 255 -24.10 47.34 -69.31
C GLU D 255 -23.13 48.32 -69.94
N ARG D 256 -23.41 48.66 -71.19
CA ARG D 256 -22.74 49.73 -71.89
C ARG D 256 -23.73 50.38 -72.84
N PHE D 257 -23.55 51.68 -73.06
CA PHE D 257 -24.45 52.49 -73.92
C PHE D 257 -23.64 53.40 -74.87
N LYS D 258 -23.93 53.26 -76.16
CA LYS D 258 -23.44 54.17 -77.22
C LYS D 258 -23.69 55.62 -76.83
N ASP D 259 -24.93 55.91 -76.43
CA ASP D 259 -25.33 57.23 -75.95
C ASP D 259 -26.18 57.14 -74.67
N LEU D 260 -25.72 57.85 -73.63
CA LEU D 260 -26.35 57.83 -72.29
C LEU D 260 -26.51 59.24 -71.75
N ILE D 261 -27.71 59.55 -71.26
CA ILE D 261 -28.06 60.84 -70.63
C ILE D 261 -27.95 60.68 -69.12
N MET D 262 -27.15 61.55 -68.49
CA MET D 262 -26.86 61.46 -67.04
C MET D 262 -27.43 62.63 -66.22
N ASP D 263 -28.43 62.30 -65.39
CA ASP D 263 -29.33 63.26 -64.80
C ASP D 263 -29.30 63.13 -63.27
N SER D 264 -29.10 64.24 -62.58
CA SER D 264 -29.08 64.28 -61.11
C SER D 264 -30.47 63.95 -60.49
N SER D 265 -30.54 62.85 -59.72
CA SER D 265 -31.81 62.27 -59.22
C SER D 265 -31.87 62.08 -57.69
N ARG D 278 -27.62 67.34 -65.98
CA ARG D 278 -28.21 66.70 -67.16
C ARG D 278 -27.33 66.80 -68.42
N THR D 279 -26.41 65.83 -68.62
CA THR D 279 -25.52 65.77 -69.81
C THR D 279 -25.62 64.44 -70.57
N LYS D 280 -25.72 64.57 -71.90
CA LYS D 280 -25.69 63.44 -72.82
C LYS D 280 -24.23 63.12 -73.13
N VAL D 281 -23.88 61.87 -72.88
CA VAL D 281 -22.51 61.39 -72.89
C VAL D 281 -22.41 60.30 -73.99
N GLN D 282 -21.19 60.09 -74.50
CA GLN D 282 -20.91 59.00 -75.44
C GLN D 282 -20.12 57.80 -74.80
N TYR D 283 -20.21 56.64 -75.45
CA TYR D 283 -19.41 55.44 -75.12
C TYR D 283 -19.28 55.16 -73.62
N ALA D 284 -20.45 55.09 -73.00
CA ALA D 284 -20.57 54.89 -71.56
C ALA D 284 -20.56 53.40 -71.32
N THR D 285 -19.79 52.98 -70.31
CA THR D 285 -19.55 51.57 -70.03
C THR D 285 -19.55 51.43 -68.53
N GLN D 286 -20.67 50.87 -68.04
CA GLN D 286 -21.04 50.87 -66.62
C GLN D 286 -20.07 50.12 -65.74
N MET D 287 -19.69 50.74 -64.64
CA MET D 287 -18.95 50.08 -63.56
C MET D 287 -19.76 49.85 -62.27
N SER D 288 -20.84 50.60 -62.06
CA SER D 288 -21.61 50.50 -60.81
C SER D 288 -23.06 50.96 -60.99
N TYR D 289 -23.96 50.53 -60.12
CA TYR D 289 -25.32 51.10 -60.05
C TYR D 289 -25.34 52.57 -59.58
N SER D 290 -24.51 52.88 -58.57
CA SER D 290 -24.15 54.26 -58.15
C SER D 290 -24.12 55.26 -59.29
N GLY D 291 -23.66 54.81 -60.46
CA GLY D 291 -23.55 55.62 -61.67
C GLY D 291 -22.12 55.92 -62.06
N ILE D 292 -21.18 55.08 -61.68
CA ILE D 292 -19.79 55.25 -62.10
C ILE D 292 -19.64 54.54 -63.47
N TYR D 293 -19.14 55.27 -64.47
CA TYR D 293 -18.95 54.77 -65.84
C TYR D 293 -17.56 55.10 -66.35
N VAL D 294 -17.22 54.55 -67.51
CA VAL D 294 -16.08 55.02 -68.28
C VAL D 294 -16.72 55.59 -69.56
N HIS D 295 -16.52 56.88 -69.81
CA HIS D 295 -17.22 57.55 -70.90
C HIS D 295 -16.52 58.75 -71.51
N ALA D 296 -16.97 59.15 -72.70
CA ALA D 296 -16.42 60.30 -73.46
C ALA D 296 -16.47 61.61 -72.67
N ALA D 297 -15.36 62.36 -72.74
CA ALA D 297 -15.21 63.64 -72.03
C ALA D 297 -14.26 64.59 -72.76
N PRO D 298 -14.63 64.98 -74.00
CA PRO D 298 -13.79 65.88 -74.79
C PRO D 298 -13.66 67.27 -74.14
N TRP D 299 -14.60 67.64 -73.26
CA TRP D 299 -14.50 68.87 -72.47
C TRP D 299 -13.29 68.88 -71.52
N SER D 300 -13.09 67.81 -70.73
CA SER D 300 -12.00 67.74 -69.75
C SER D 300 -10.82 66.90 -70.27
N VAL D 301 -10.44 67.14 -71.53
CA VAL D 301 -9.22 66.56 -72.10
C VAL D 301 -7.97 67.16 -71.43
N GLY D 302 -8.05 68.43 -71.01
CA GLY D 302 -7.01 69.08 -70.21
C GLY D 302 -6.68 68.41 -68.88
N ALA D 303 -7.65 67.71 -68.30
CA ALA D 303 -7.49 67.01 -67.02
C ALA D 303 -7.10 65.54 -67.16
N GLN D 304 -7.28 64.99 -68.38
CA GLN D 304 -6.86 63.60 -68.70
C GLN D 304 -5.40 63.31 -68.28
N GLY D 305 -5.26 62.43 -67.28
CA GLY D 305 -3.96 61.94 -66.85
C GLY D 305 -3.47 62.65 -65.60
N ARG D 306 -3.95 63.87 -65.39
CA ARG D 306 -3.38 64.79 -64.42
C ARG D 306 -4.26 65.02 -63.19
N THR D 307 -5.53 65.40 -63.41
CA THR D 307 -6.42 65.92 -62.34
C THR D 307 -7.81 65.25 -62.29
N ASN D 308 -8.40 65.26 -61.08
CA ASN D 308 -9.76 64.74 -60.79
C ASN D 308 -10.86 65.79 -60.99
N THR D 309 -11.78 65.54 -61.92
CA THR D 309 -12.66 66.60 -62.49
C THR D 309 -14.17 66.30 -62.50
N SER D 310 -14.56 65.03 -62.45
CA SER D 310 -15.94 64.59 -62.70
C SER D 310 -16.63 64.15 -61.41
N HIS D 311 -17.96 63.98 -61.51
CA HIS D 311 -18.80 63.68 -60.36
C HIS D 311 -18.63 62.25 -59.83
N GLY D 312 -17.85 61.43 -60.54
CA GLY D 312 -17.49 60.08 -60.07
C GLY D 312 -17.01 59.15 -61.17
N CYS D 313 -17.52 59.36 -62.38
CA CYS D 313 -17.07 58.62 -63.53
C CYS D 313 -15.56 58.72 -63.80
N LEU D 314 -15.10 57.88 -64.70
CA LEU D 314 -13.76 57.92 -65.22
C LEU D 314 -13.83 58.52 -66.64
N ASN D 315 -13.53 59.81 -66.75
CA ASN D 315 -13.49 60.50 -68.05
C ASN D 315 -12.30 60.07 -68.87
N VAL D 316 -12.53 59.82 -70.15
CA VAL D 316 -11.47 59.50 -71.11
C VAL D 316 -11.86 60.10 -72.47
N SER D 317 -10.91 60.19 -73.40
CA SER D 317 -11.21 60.72 -74.73
C SER D 317 -12.34 59.97 -75.46
N THR D 318 -12.99 60.64 -76.42
CA THR D 318 -13.93 59.99 -77.35
C THR D 318 -13.34 58.79 -78.15
N ALA D 319 -12.02 58.78 -78.42
CA ALA D 319 -11.33 57.59 -78.98
C ALA D 319 -11.05 56.49 -77.91
N ASN D 320 -10.65 56.91 -76.69
CA ASN D 320 -10.40 55.99 -75.56
C ASN D 320 -11.64 55.29 -74.97
N ALA D 321 -12.75 56.03 -74.90
CA ALA D 321 -14.02 55.48 -74.40
C ALA D 321 -14.64 54.61 -75.48
N LYS D 322 -14.60 55.07 -76.73
CA LYS D 322 -14.98 54.21 -77.86
C LYS D 322 -14.12 52.94 -77.91
N TRP D 323 -12.85 53.02 -77.54
CA TRP D 323 -12.06 51.81 -77.39
C TRP D 323 -12.58 50.93 -76.24
N PHE D 324 -12.63 51.50 -75.02
CA PHE D 324 -13.07 50.78 -73.79
C PHE D 324 -14.50 50.18 -73.88
N TYR D 325 -15.34 50.75 -74.73
CA TYR D 325 -16.68 50.24 -75.01
C TYR D 325 -16.64 48.99 -75.87
N GLU D 326 -15.89 49.05 -76.98
CA GLU D 326 -15.81 47.89 -77.91
C GLU D 326 -14.79 46.82 -77.46
N ASN D 327 -13.96 47.11 -76.46
CA ASN D 327 -12.86 46.20 -76.06
C ASN D 327 -12.97 45.61 -74.65
N THR D 328 -14.01 45.98 -73.91
CA THR D 328 -14.28 45.35 -72.61
C THR D 328 -15.71 44.76 -72.75
N LYS D 329 -16.07 43.86 -71.85
CA LYS D 329 -17.32 43.08 -71.95
C LYS D 329 -17.88 42.77 -70.59
N ARG D 330 -19.21 42.64 -70.53
CA ARG D 330 -19.93 42.30 -69.29
C ARG D 330 -19.14 41.33 -68.44
N GLY D 331 -19.01 41.61 -67.15
CA GLY D 331 -18.27 40.75 -66.24
C GLY D 331 -16.79 41.01 -66.11
N ASP D 332 -16.25 41.88 -66.97
CA ASP D 332 -14.87 42.32 -66.82
C ASP D 332 -14.68 43.20 -65.58
N VAL D 333 -13.44 43.45 -65.21
CA VAL D 333 -13.12 43.98 -63.91
C VAL D 333 -12.37 45.28 -64.08
N VAL D 334 -12.53 46.16 -63.08
CA VAL D 334 -11.79 47.42 -62.93
C VAL D 334 -11.40 47.54 -61.47
N ILE D 335 -10.09 47.67 -61.19
CA ILE D 335 -9.63 47.89 -59.81
C ILE D 335 -9.09 49.31 -59.61
N VAL D 336 -9.66 49.97 -58.60
CA VAL D 336 -9.41 51.37 -58.28
C VAL D 336 -8.76 51.40 -56.91
N SER D 337 -7.84 52.36 -56.74
CA SER D 337 -6.89 52.39 -55.62
C SER D 337 -6.39 53.81 -55.29
N ASN D 338 -6.44 54.16 -53.99
CA ASN D 338 -5.88 55.42 -53.46
C ASN D 338 -6.57 56.70 -53.89
N THR D 339 -7.88 56.66 -54.02
CA THR D 339 -8.70 57.87 -54.12
C THR D 339 -9.22 58.20 -52.74
N VAL D 340 -9.72 59.43 -52.62
CA VAL D 340 -10.22 59.96 -51.35
C VAL D 340 -11.48 59.21 -50.77
N GLY D 341 -12.26 58.55 -51.63
CA GLY D 341 -13.52 57.90 -51.20
C GLY D 341 -13.33 56.63 -50.38
N PRO D 342 -14.46 56.02 -49.90
CA PRO D 342 -14.37 54.70 -49.26
C PRO D 342 -14.38 53.55 -50.31
N VAL D 343 -14.44 52.32 -49.81
CA VAL D 343 -14.61 51.18 -50.68
C VAL D 343 -15.97 51.35 -51.39
N LEU D 344 -16.16 50.70 -52.53
CA LEU D 344 -17.50 50.55 -53.15
C LEU D 344 -18.24 49.55 -52.29
N PRO D 345 -19.47 49.87 -51.84
CA PRO D 345 -20.13 48.97 -50.87
C PRO D 345 -20.55 47.61 -51.46
N GLY D 346 -20.52 46.59 -50.61
CA GLY D 346 -20.75 45.17 -51.00
C GLY D 346 -21.99 44.85 -51.82
N THR D 347 -23.13 45.35 -51.39
CA THR D 347 -24.42 44.96 -51.91
C THR D 347 -25.00 45.98 -52.91
N GLU D 348 -24.13 46.58 -53.72
CA GLU D 348 -24.42 47.84 -54.43
C GLU D 348 -25.29 47.83 -55.74
N GLY D 349 -25.18 46.87 -56.67
CA GLY D 349 -24.35 45.67 -56.61
C GLY D 349 -23.78 45.32 -57.99
N LEU D 350 -22.72 46.05 -58.33
CA LEU D 350 -21.67 45.58 -59.22
C LEU D 350 -20.33 45.52 -58.42
N GLY D 351 -20.41 45.46 -57.09
CA GLY D 351 -19.24 45.53 -56.23
C GLY D 351 -19.38 44.46 -55.18
N ASP D 352 -19.63 43.25 -55.65
CA ASP D 352 -19.87 42.10 -54.80
C ASP D 352 -18.56 41.65 -54.21
N TRP D 353 -17.49 41.80 -55.01
CA TRP D 353 -16.17 41.22 -54.69
C TRP D 353 -15.54 41.88 -53.46
N ASN D 354 -15.85 43.15 -53.27
CA ASN D 354 -15.33 43.94 -52.17
C ASN D 354 -15.73 43.36 -50.80
N ILE D 355 -16.81 42.60 -50.74
CA ILE D 355 -17.08 41.79 -49.55
C ILE D 355 -15.98 40.71 -49.43
N PRO D 356 -15.50 40.44 -48.18
CA PRO D 356 -14.54 39.36 -47.95
C PRO D 356 -15.14 37.96 -48.00
N TRP D 357 -14.43 37.03 -48.63
CA TRP D 357 -14.91 35.66 -48.84
C TRP D 357 -15.52 34.95 -47.60
N ALA D 358 -15.03 35.25 -46.40
CA ALA D 358 -15.54 34.58 -45.19
C ALA D 358 -16.98 35.00 -44.85
N GLN D 359 -17.25 36.28 -45.06
CA GLN D 359 -18.56 36.86 -44.83
C GLN D 359 -19.55 36.35 -45.88
N TRP D 360 -19.08 36.30 -47.12
CA TRP D 360 -19.85 35.80 -48.26
C TRP D 360 -20.23 34.34 -48.03
N LYS D 361 -19.22 33.47 -47.94
CA LYS D 361 -19.41 32.04 -47.74
C LYS D 361 -20.34 31.73 -46.55
N ALA D 362 -20.38 32.62 -45.56
CA ALA D 362 -21.32 32.46 -44.44
C ALA D 362 -22.76 32.58 -44.92
N GLY D 363 -22.98 33.45 -45.90
CA GLY D 363 -24.30 33.65 -46.45
C GLY D 363 -25.08 34.51 -45.49
N ASN D 364 -26.28 34.89 -45.89
CA ASN D 364 -27.20 35.60 -45.01
C ASN D 364 -28.64 35.11 -45.19
N ALA D 365 -28.78 33.78 -45.17
CA ALA D 365 -30.10 33.12 -45.15
C ALA D 365 -31.01 33.60 -44.01
N ARG D 366 -30.41 33.99 -42.86
CA ARG D 366 -31.11 34.63 -41.73
C ARG D 366 -30.95 36.17 -41.78
N GLN D 367 -32.02 36.89 -42.18
CA GLN D 367 -31.98 38.36 -42.32
C GLN D 367 -31.66 39.07 -41.00
N VAL E 18 -84.52 38.93 -63.60
CA VAL E 18 -84.34 37.59 -62.96
C VAL E 18 -83.16 37.73 -61.97
N PRO E 19 -83.40 37.53 -60.64
CA PRO E 19 -82.37 37.91 -59.64
C PRO E 19 -81.12 36.99 -59.54
N LYS E 20 -79.96 37.63 -59.34
CA LYS E 20 -78.66 36.95 -59.13
C LYS E 20 -78.56 36.50 -57.67
N LEU E 21 -77.64 35.55 -57.44
CA LEU E 21 -77.64 34.73 -56.25
C LEU E 21 -76.24 34.10 -56.01
N ALA E 22 -75.34 34.89 -55.43
CA ALA E 22 -73.97 34.44 -55.10
C ALA E 22 -73.83 33.75 -53.71
N MET E 23 -73.34 32.50 -53.70
CA MET E 23 -72.82 31.85 -52.47
C MET E 23 -71.32 32.16 -52.27
N SER E 24 -70.67 31.48 -51.33
CA SER E 24 -69.23 31.60 -51.12
C SER E 24 -68.64 30.21 -51.03
N VAL E 25 -69.28 29.26 -51.67
CA VAL E 25 -68.69 27.96 -51.88
C VAL E 25 -69.07 27.54 -53.30
N LYS E 26 -68.13 26.97 -54.05
CA LYS E 26 -68.44 26.32 -55.33
C LYS E 26 -69.02 24.93 -55.04
N ASP E 27 -70.06 24.55 -55.78
CA ASP E 27 -70.59 23.17 -55.80
C ASP E 27 -69.42 22.21 -56.04
N GLY E 28 -69.41 21.08 -55.34
CA GLY E 28 -68.39 20.01 -55.53
C GLY E 28 -67.00 20.26 -54.94
N ALA E 29 -66.78 21.48 -54.43
CA ALA E 29 -65.50 21.93 -53.88
C ALA E 29 -65.06 21.10 -52.67
N VAL E 30 -63.85 21.39 -52.21
CA VAL E 30 -63.10 20.57 -51.28
C VAL E 30 -62.18 21.51 -50.49
N GLY E 31 -61.91 21.12 -49.26
CA GLY E 31 -61.14 21.97 -48.37
C GLY E 31 -61.75 23.33 -48.03
N VAL E 32 -63.06 23.43 -47.86
CA VAL E 32 -63.62 24.73 -47.47
C VAL E 32 -63.18 25.04 -46.03
N ALA E 33 -62.92 26.32 -45.77
CA ALA E 33 -62.43 26.77 -44.48
C ALA E 33 -63.49 26.61 -43.39
N VAL E 34 -63.09 26.10 -42.22
CA VAL E 34 -63.98 26.12 -41.03
C VAL E 34 -63.92 27.41 -40.18
N ASP E 35 -62.87 28.21 -40.35
CA ASP E 35 -62.70 29.47 -39.60
C ASP E 35 -63.62 30.59 -40.03
N ALA E 36 -64.26 30.45 -41.19
CA ALA E 36 -65.31 31.41 -41.65
C ALA E 36 -66.67 30.74 -41.71
N PRO E 37 -67.71 31.55 -41.58
CA PRO E 37 -69.04 31.05 -41.86
C PRO E 37 -69.30 31.13 -43.36
N VAL E 38 -70.12 30.22 -43.85
CA VAL E 38 -70.59 30.25 -45.23
C VAL E 38 -71.67 31.32 -45.44
N THR E 39 -71.45 32.30 -46.30
CA THR E 39 -72.54 33.24 -46.61
C THR E 39 -73.33 32.86 -47.85
N VAL E 40 -74.45 33.56 -48.02
CA VAL E 40 -75.19 33.67 -49.27
C VAL E 40 -75.66 35.14 -49.44
N THR E 41 -75.45 35.69 -50.63
CA THR E 41 -76.01 36.97 -51.01
C THR E 41 -77.04 36.70 -52.13
N ALA E 42 -77.97 37.65 -52.29
CA ALA E 42 -78.79 37.76 -53.49
C ALA E 42 -78.67 39.19 -54.04
N GLY E 43 -78.49 39.31 -55.35
CA GLY E 43 -78.50 40.61 -56.02
C GLY E 43 -79.85 40.82 -56.68
N GLU E 44 -80.22 42.10 -56.88
CA GLU E 44 -81.40 42.49 -57.66
C GLU E 44 -82.70 41.87 -57.15
N GLY E 45 -82.72 41.54 -55.87
CA GLY E 45 -83.72 40.62 -55.34
C GLY E 45 -83.69 40.55 -53.84
N VAL E 46 -84.26 39.46 -53.33
CA VAL E 46 -84.53 39.33 -51.91
C VAL E 46 -84.65 37.84 -51.55
N LEU E 47 -84.07 37.46 -50.43
CA LEU E 47 -83.88 36.06 -50.09
C LEU E 47 -85.17 35.40 -49.61
N GLY E 48 -85.45 34.24 -50.22
CA GLY E 48 -86.62 33.41 -49.93
C GLY E 48 -86.38 32.46 -48.80
N SER E 49 -85.67 31.38 -49.06
CA SER E 49 -85.16 30.54 -47.96
C SER E 49 -83.80 29.86 -48.33
N VAL E 50 -83.03 29.48 -47.30
CA VAL E 50 -81.65 28.97 -47.44
C VAL E 50 -81.36 27.84 -46.43
N THR E 51 -81.25 26.60 -46.86
CA THR E 51 -81.17 25.47 -45.91
C THR E 51 -79.89 24.67 -46.02
N MET E 52 -78.95 24.94 -45.10
CA MET E 52 -77.71 24.16 -44.99
C MET E 52 -77.90 22.96 -44.07
N VAL E 53 -77.33 21.85 -44.50
CA VAL E 53 -77.56 20.56 -43.91
C VAL E 53 -76.24 19.84 -43.93
N ASN E 54 -75.95 19.02 -42.92
CA ASN E 54 -74.77 18.14 -42.95
C ASN E 54 -75.12 16.80 -43.62
N SER E 55 -74.09 15.99 -43.91
CA SER E 55 -74.23 14.67 -44.57
C SER E 55 -75.31 13.81 -43.93
N ASP E 56 -75.17 13.60 -42.62
CA ASP E 56 -76.03 12.69 -41.83
C ASP E 56 -77.54 13.01 -41.94
N GLY E 57 -77.87 14.29 -41.94
CA GLY E 57 -79.24 14.75 -41.86
C GLY E 57 -79.38 16.13 -41.23
N LYS E 58 -78.60 16.42 -40.19
CA LYS E 58 -78.81 17.61 -39.33
C LYS E 58 -78.69 18.97 -40.05
N GLU E 59 -79.76 19.77 -39.99
CA GLU E 59 -79.72 21.17 -40.43
C GLU E 59 -78.70 21.97 -39.59
N ILE E 60 -78.07 22.96 -40.24
CA ILE E 60 -77.02 23.79 -39.63
C ILE E 60 -77.57 25.17 -39.43
N ALA E 61 -77.21 25.78 -38.31
CA ALA E 61 -77.84 27.04 -37.95
C ALA E 61 -77.34 28.15 -38.84
N GLY E 62 -78.29 28.92 -39.34
CA GLY E 62 -78.03 30.22 -39.94
C GLY E 62 -79.31 31.02 -40.11
N GLU E 63 -79.13 32.24 -40.62
CA GLU E 63 -80.15 33.26 -40.57
C GLU E 63 -80.03 34.34 -41.60
N ILE E 64 -81.17 34.81 -42.05
CA ILE E 64 -81.27 35.89 -43.02
C ILE E 64 -81.26 37.22 -42.31
N GLY E 65 -80.57 38.20 -42.86
CA GLY E 65 -80.33 39.46 -42.18
C GLY E 65 -81.58 40.31 -42.16
N PRO E 66 -81.56 41.38 -41.36
CA PRO E 66 -82.62 42.37 -41.40
C PRO E 66 -83.08 42.76 -42.82
N ASP E 67 -82.13 43.12 -43.70
CA ASP E 67 -82.47 43.66 -45.03
C ASP E 67 -83.04 42.61 -45.98
N GLY E 68 -82.99 41.32 -45.61
CA GLY E 68 -83.48 40.24 -46.46
C GLY E 68 -82.55 39.86 -47.58
N VAL E 69 -81.40 40.53 -47.69
CA VAL E 69 -80.46 40.39 -48.81
C VAL E 69 -79.48 39.24 -48.54
N THR E 70 -78.85 39.28 -47.37
CA THR E 70 -77.69 38.44 -47.02
C THR E 70 -78.14 37.28 -46.12
N TRP E 71 -77.45 36.15 -46.16
CA TRP E 71 -77.61 35.05 -45.18
C TRP E 71 -76.23 34.63 -44.72
N THR E 72 -76.16 33.81 -43.66
CA THR E 72 -74.89 33.41 -43.07
C THR E 72 -75.10 32.30 -42.06
N THR E 73 -74.10 31.44 -41.89
CA THR E 73 -74.16 30.45 -40.83
C THR E 73 -73.88 31.18 -39.53
N THR E 74 -74.34 30.59 -38.43
CA THR E 74 -74.25 31.21 -37.09
C THR E 74 -73.70 30.21 -36.08
N GLU E 75 -72.75 29.39 -36.51
CA GLU E 75 -72.33 28.20 -35.78
C GLU E 75 -71.06 27.69 -36.46
N PRO E 76 -70.04 27.31 -35.67
CA PRO E 76 -68.78 27.05 -36.33
C PRO E 76 -68.89 25.77 -37.14
N LEU E 77 -68.10 25.68 -38.21
CA LEU E 77 -68.20 24.55 -39.14
C LEU E 77 -67.30 23.41 -38.77
N GLY E 78 -67.58 22.20 -39.25
CA GLY E 78 -66.86 20.99 -38.81
C GLY E 78 -65.77 20.55 -39.76
N TYR E 79 -64.65 20.03 -39.24
CA TYR E 79 -63.63 19.40 -40.10
C TYR E 79 -64.17 18.09 -40.63
N ASP E 80 -63.61 17.66 -41.77
CA ASP E 80 -63.83 16.32 -42.36
C ASP E 80 -65.29 16.04 -42.65
N LYS E 81 -66.03 17.07 -43.04
CA LYS E 81 -67.49 16.96 -43.20
C LYS E 81 -67.90 17.43 -44.58
N GLN E 82 -69.09 16.98 -45.01
CA GLN E 82 -69.69 17.33 -46.30
C GLN E 82 -71.06 17.94 -46.08
N TYR E 83 -71.32 19.06 -46.74
CA TYR E 83 -72.46 19.94 -46.44
C TYR E 83 -73.17 20.30 -47.74
N THR E 84 -74.50 20.30 -47.70
CA THR E 84 -75.35 20.64 -48.84
C THR E 84 -76.20 21.84 -48.46
N ILE E 85 -76.32 22.80 -49.36
CA ILE E 85 -76.98 24.07 -49.10
C ILE E 85 -77.72 24.50 -50.36
N ASN E 86 -79.01 24.84 -50.25
CA ASN E 86 -79.86 25.23 -51.41
C ASN E 86 -80.54 26.51 -51.08
N ALA E 87 -80.42 27.51 -51.95
CA ALA E 87 -81.03 28.82 -51.72
C ALA E 87 -82.13 29.06 -52.74
N ASP E 88 -82.79 30.20 -52.60
CA ASP E 88 -83.66 30.75 -53.65
C ASP E 88 -83.94 32.20 -53.36
N ALA E 89 -84.33 32.94 -54.38
CA ALA E 89 -84.68 34.34 -54.22
C ALA E 89 -85.81 34.71 -55.15
N ARG E 90 -86.46 35.82 -54.81
CA ARG E 90 -87.52 36.37 -55.60
C ARG E 90 -87.19 37.85 -55.69
N GLY E 91 -87.44 38.40 -56.86
CA GLY E 91 -87.54 39.84 -57.07
C GLY E 91 -88.77 40.04 -57.93
N LEU E 92 -89.08 41.31 -58.20
CA LEU E 92 -90.15 41.65 -59.15
C LEU E 92 -90.00 40.87 -60.48
N GLY E 93 -88.77 40.82 -61.00
CA GLY E 93 -88.45 40.14 -62.27
C GLY E 93 -88.28 38.61 -62.31
N GLY E 94 -88.94 37.86 -61.42
CA GLY E 94 -88.94 36.39 -61.48
C GLY E 94 -88.29 35.70 -60.29
N VAL E 95 -87.86 34.45 -60.49
CA VAL E 95 -87.20 33.63 -59.43
C VAL E 95 -85.72 33.34 -59.80
N ALA E 96 -84.93 32.96 -58.79
CA ALA E 96 -83.65 32.24 -58.97
C ALA E 96 -83.50 31.14 -57.89
N ARG E 97 -82.85 30.03 -58.24
CA ARG E 97 -82.47 29.03 -57.26
C ARG E 97 -80.95 28.76 -57.34
N ALA E 98 -80.45 27.95 -56.42
CA ALA E 98 -79.03 27.62 -56.37
C ALA E 98 -78.84 26.44 -55.41
N ASN E 99 -77.61 25.94 -55.41
CA ASN E 99 -77.32 24.64 -54.85
C ASN E 99 -75.79 24.49 -54.83
N ALA E 100 -75.29 23.72 -53.87
CA ALA E 100 -73.88 23.44 -53.75
C ALA E 100 -73.72 22.30 -52.78
N THR E 101 -72.92 21.29 -53.11
CA THR E 101 -72.50 20.27 -52.13
C THR E 101 -70.98 20.24 -51.99
N PHE E 102 -70.45 20.69 -50.84
CA PHE E 102 -69.00 20.90 -50.64
C PHE E 102 -68.46 20.11 -49.48
N ARG E 103 -67.13 20.03 -49.41
CA ARG E 103 -66.42 19.39 -48.32
C ARG E 103 -65.52 20.43 -47.69
N THR E 104 -65.24 20.25 -46.41
CA THR E 104 -64.50 21.22 -45.61
C THR E 104 -63.16 20.61 -45.51
N GLN E 105 -62.16 21.39 -45.09
CA GLN E 105 -60.77 20.90 -44.85
C GLN E 105 -60.72 19.53 -44.17
N SER E 106 -59.65 18.78 -44.40
CA SER E 106 -59.47 17.47 -43.78
C SER E 106 -58.05 17.36 -43.24
N PRO E 107 -57.84 17.70 -41.96
CA PRO E 107 -56.43 17.76 -41.51
C PRO E 107 -55.73 16.40 -41.51
N ASP E 108 -54.45 16.38 -41.88
CA ASP E 108 -53.61 15.18 -41.74
C ASP E 108 -53.42 15.02 -40.25
N ASN E 109 -52.74 15.99 -39.64
CA ASN E 109 -52.51 16.08 -38.18
C ASN E 109 -53.19 17.34 -37.61
N MET E 110 -54.02 17.15 -36.57
CA MET E 110 -54.53 18.25 -35.77
C MET E 110 -53.49 18.66 -34.73
N THR E 111 -53.49 19.94 -34.35
CA THR E 111 -52.60 20.43 -33.29
C THR E 111 -53.37 21.31 -32.34
N MET E 112 -53.06 21.23 -31.05
CA MET E 112 -53.78 21.89 -29.97
C MET E 112 -52.74 22.74 -29.26
N PRO E 113 -52.87 24.08 -29.32
CA PRO E 113 -51.93 24.93 -28.58
C PRO E 113 -52.18 24.99 -27.04
N TYR E 114 -51.14 25.32 -26.27
CA TYR E 114 -51.22 25.54 -24.82
C TYR E 114 -50.62 26.87 -24.50
N VAL E 115 -51.41 27.80 -23.96
CA VAL E 115 -50.85 29.07 -23.55
C VAL E 115 -50.28 28.94 -22.14
N MET E 116 -49.26 29.74 -21.84
CA MET E 116 -48.67 29.88 -20.50
C MET E 116 -48.27 31.33 -20.38
N PRO E 117 -48.43 31.97 -19.23
CA PRO E 117 -49.10 31.39 -18.07
C PRO E 117 -50.59 31.21 -18.32
N GLY E 118 -51.24 30.59 -17.36
CA GLY E 118 -52.63 30.20 -17.52
C GLY E 118 -53.56 31.34 -17.16
N ASP E 119 -54.79 31.24 -17.66
CA ASP E 119 -55.88 32.21 -17.44
C ASP E 119 -55.97 32.47 -15.92
N GLY E 120 -55.93 33.75 -15.54
CA GLY E 120 -56.06 34.14 -14.13
C GLY E 120 -54.77 34.50 -13.41
N GLU E 121 -53.76 33.66 -13.64
CA GLU E 121 -52.41 33.83 -13.03
C GLU E 121 -51.89 35.26 -12.87
N VAL E 122 -51.13 35.42 -11.81
CA VAL E 122 -50.38 36.67 -11.58
C VAL E 122 -48.88 36.33 -11.65
N VAL E 123 -48.14 37.02 -12.51
CA VAL E 123 -46.80 36.58 -12.81
C VAL E 123 -45.77 37.68 -12.62
N GLY E 124 -44.51 37.26 -12.53
CA GLY E 124 -43.41 38.18 -12.41
C GLY E 124 -43.09 38.93 -13.70
N VAL E 125 -42.31 39.99 -13.53
CA VAL E 125 -42.00 40.91 -14.62
C VAL E 125 -41.07 40.37 -15.72
N GLY E 126 -40.63 39.11 -15.59
CA GLY E 126 -39.88 38.44 -16.65
C GLY E 126 -40.60 37.29 -17.32
N GLN E 127 -41.91 37.20 -17.16
CA GLN E 127 -42.67 36.13 -17.78
C GLN E 127 -42.74 36.37 -19.27
N THR E 128 -42.58 35.30 -20.05
CA THR E 128 -42.83 35.36 -21.49
C THR E 128 -44.14 34.64 -21.82
N VAL E 129 -44.86 35.13 -22.82
CA VAL E 129 -46.06 34.47 -23.25
C VAL E 129 -45.51 33.32 -24.06
N ALA E 130 -46.00 32.12 -23.81
CA ALA E 130 -45.51 30.93 -24.48
C ALA E 130 -46.69 30.21 -25.12
N ILE E 131 -46.63 29.99 -26.43
CA ILE E 131 -47.62 29.14 -27.09
C ILE E 131 -46.89 27.88 -27.55
N ARG E 132 -47.26 26.73 -26.99
CA ARG E 132 -46.61 25.49 -27.23
C ARG E 132 -47.62 24.62 -27.91
N PHE E 133 -47.31 24.20 -29.13
CA PHE E 133 -48.16 23.33 -29.91
C PHE E 133 -47.67 21.94 -29.70
N ASP E 134 -48.57 20.97 -29.85
CA ASP E 134 -48.27 19.53 -29.77
C ASP E 134 -48.07 18.89 -31.15
N GLU E 135 -47.59 19.68 -32.12
CA GLU E 135 -47.08 19.18 -33.40
C GLU E 135 -46.05 20.15 -33.87
N ASN E 136 -45.16 19.72 -34.75
CA ASN E 136 -44.27 20.68 -35.39
C ASN E 136 -45.12 21.61 -36.26
N ILE E 137 -44.70 22.87 -36.33
CA ILE E 137 -45.47 23.91 -37.01
C ILE E 137 -44.68 24.32 -38.23
N PRO E 138 -45.05 23.76 -39.42
CA PRO E 138 -44.26 24.06 -40.63
C PRO E 138 -44.37 25.52 -41.11
N ASN E 139 -45.53 26.16 -40.96
CA ASN E 139 -45.67 27.57 -41.36
C ASN E 139 -45.79 28.50 -40.16
N ARG E 140 -44.65 29.00 -39.73
CA ARG E 140 -44.61 29.76 -38.51
C ARG E 140 -45.28 31.10 -38.63
N ALA E 141 -45.25 31.73 -39.81
CA ALA E 141 -45.84 33.07 -39.96
C ALA E 141 -47.36 33.01 -39.85
N ALA E 142 -47.92 31.82 -40.15
CA ALA E 142 -49.35 31.57 -40.04
C ALA E 142 -49.78 31.53 -38.57
N ALA E 143 -49.05 30.75 -37.77
CA ALA E 143 -49.24 30.66 -36.32
C ALA E 143 -49.10 32.04 -35.63
N GLU E 144 -48.16 32.86 -36.06
CA GLU E 144 -48.01 34.20 -35.45
C GLU E 144 -49.14 35.15 -35.81
N LYS E 145 -49.64 35.03 -37.05
CA LYS E 145 -50.80 35.83 -37.53
C LYS E 145 -52.03 35.49 -36.68
N ALA E 146 -52.20 34.18 -36.42
CA ALA E 146 -53.21 33.59 -35.52
C ALA E 146 -53.26 34.04 -34.04
N ILE E 147 -52.22 34.67 -33.48
CA ILE E 147 -52.07 34.87 -32.05
C ILE E 147 -52.17 36.35 -31.62
N LYS E 148 -53.28 36.73 -31.00
CA LYS E 148 -53.56 38.14 -30.67
C LYS E 148 -53.23 38.48 -29.24
N ILE E 149 -52.06 39.10 -29.03
CA ILE E 149 -51.65 39.53 -27.68
C ILE E 149 -52.04 40.96 -27.52
N THR E 150 -52.72 41.26 -26.44
CA THR E 150 -53.23 42.62 -26.23
C THR E 150 -52.71 43.06 -24.86
N THR E 151 -52.10 44.23 -24.82
CA THR E 151 -51.41 44.68 -23.61
C THR E 151 -51.96 46.00 -23.11
N ASN E 152 -52.05 46.11 -21.79
CA ASN E 152 -52.58 47.31 -21.15
C ASN E 152 -51.86 47.52 -19.84
N PRO E 153 -51.03 48.57 -19.69
CA PRO E 153 -50.67 49.51 -20.78
C PRO E 153 -50.03 48.87 -22.03
N PRO E 154 -50.28 49.44 -23.24
CA PRO E 154 -49.70 48.79 -24.42
C PRO E 154 -48.16 48.90 -24.45
N VAL E 155 -47.52 47.93 -25.08
CA VAL E 155 -46.07 47.89 -25.17
C VAL E 155 -45.73 46.97 -26.34
N GLU E 156 -44.64 47.28 -27.02
CA GLU E 156 -44.31 46.57 -28.24
C GLU E 156 -43.77 45.22 -27.83
N GLY E 157 -44.01 44.22 -28.66
CA GLY E 157 -43.40 42.91 -28.46
C GLY E 157 -43.36 42.08 -29.74
N ALA E 158 -42.80 40.87 -29.66
CA ALA E 158 -42.54 40.09 -30.87
C ALA E 158 -42.39 38.59 -30.62
N PHE E 159 -42.64 37.78 -31.65
CA PHE E 159 -42.50 36.32 -31.56
C PHE E 159 -41.09 35.82 -31.91
N TYR E 160 -40.64 34.84 -31.13
CA TYR E 160 -39.43 34.10 -31.39
C TYR E 160 -39.66 32.65 -31.05
N TRP E 161 -39.17 31.75 -31.90
CA TRP E 161 -39.36 30.32 -31.71
C TRP E 161 -38.13 29.70 -31.03
N LEU E 162 -38.39 28.98 -29.96
CA LEU E 162 -37.32 28.23 -29.30
C LEU E 162 -37.03 26.92 -30.04
N ASN E 163 -38.07 26.32 -30.58
CA ASN E 163 -37.94 25.09 -31.34
C ASN E 163 -39.01 25.12 -32.42
N ASN E 164 -39.33 23.97 -33.00
CA ASN E 164 -40.40 23.90 -33.99
C ASN E 164 -41.78 23.96 -33.39
N ARG E 165 -41.91 23.61 -32.11
CA ARG E 165 -43.22 23.42 -31.45
C ARG E 165 -43.71 24.57 -30.56
N GLU E 166 -42.88 25.58 -30.31
CA GLU E 166 -43.19 26.51 -29.24
C GLU E 166 -42.59 27.89 -29.47
N VAL E 167 -43.42 28.89 -29.29
CA VAL E 167 -43.09 30.24 -29.67
C VAL E 167 -43.27 31.13 -28.46
N ARG E 168 -42.50 32.20 -28.39
CA ARG E 168 -42.49 33.03 -27.21
C ARG E 168 -42.74 34.45 -27.67
N TRP E 169 -43.30 35.26 -26.80
CA TRP E 169 -43.61 36.62 -27.16
C TRP E 169 -43.37 37.38 -25.92
N ARG E 170 -42.72 38.54 -26.03
CA ARG E 170 -42.37 39.35 -24.87
C ARG E 170 -41.86 40.68 -25.32
N PRO E 171 -41.83 41.66 -24.42
CA PRO E 171 -41.37 43.00 -24.80
C PRO E 171 -39.86 43.15 -24.81
N GLU E 172 -39.45 44.40 -25.07
CA GLU E 172 -38.04 44.77 -25.11
C GLU E 172 -37.41 44.63 -23.72
N SER E 173 -38.05 45.30 -22.76
CA SER E 173 -37.64 45.29 -21.36
C SER E 173 -38.51 44.30 -20.57
N PHE E 174 -38.23 44.20 -19.28
CA PHE E 174 -39.12 43.53 -18.35
C PHE E 174 -40.44 44.27 -18.27
N TRP E 175 -41.49 43.52 -17.94
CA TRP E 175 -42.84 44.04 -17.85
C TRP E 175 -42.99 45.07 -16.72
N ASP E 176 -43.69 46.17 -17.01
CA ASP E 176 -44.14 47.11 -15.97
C ASP E 176 -45.14 46.47 -14.99
N SER E 177 -45.17 47.00 -13.78
CA SER E 177 -45.62 46.22 -12.65
C SER E 177 -47.15 46.09 -12.50
N GLY E 178 -47.96 46.57 -13.46
CA GLY E 178 -49.44 46.43 -13.32
C GLY E 178 -50.20 46.03 -14.57
N THR E 179 -49.47 45.45 -15.51
CA THR E 179 -49.93 45.24 -16.86
C THR E 179 -50.87 44.03 -16.94
N SER E 180 -51.94 44.17 -17.74
CA SER E 180 -52.80 43.04 -18.14
C SER E 180 -52.42 42.53 -19.52
N VAL E 181 -52.38 41.21 -19.64
CA VAL E 181 -52.02 40.56 -20.90
C VAL E 181 -53.14 39.61 -21.29
N ASP E 182 -53.64 39.79 -22.52
CA ASP E 182 -54.66 38.94 -23.14
C ASP E 182 -54.04 38.26 -24.34
N VAL E 183 -54.14 36.93 -24.39
CA VAL E 183 -53.54 36.12 -25.44
C VAL E 183 -54.66 35.31 -26.07
N LYS E 184 -54.91 35.48 -27.37
CA LYS E 184 -55.95 34.72 -28.07
C LYS E 184 -55.26 33.93 -29.19
N VAL E 185 -55.38 32.60 -29.15
CA VAL E 185 -54.73 31.77 -30.13
C VAL E 185 -55.83 31.27 -31.04
N ASN E 186 -55.93 31.90 -32.20
CA ASN E 186 -57.03 31.74 -33.17
C ASN E 186 -56.62 30.82 -34.31
N THR E 187 -56.69 29.52 -34.01
CA THR E 187 -56.05 28.47 -34.80
C THR E 187 -57.01 27.43 -35.36
N TYR E 188 -58.30 27.54 -35.01
CA TYR E 188 -59.34 26.71 -35.62
C TYR E 188 -59.47 27.09 -37.09
N GLY E 189 -59.36 26.08 -37.95
CA GLY E 189 -59.46 26.26 -39.39
C GLY E 189 -58.26 26.89 -40.06
N VAL E 190 -57.22 27.22 -39.29
CA VAL E 190 -56.02 27.80 -39.84
C VAL E 190 -55.12 26.66 -40.28
N ASN E 191 -54.72 26.71 -41.56
CA ASN E 191 -53.73 25.81 -42.12
C ASN E 191 -52.39 26.25 -41.55
N LEU E 192 -51.70 25.34 -40.84
CA LEU E 192 -50.41 25.62 -40.24
C LEU E 192 -49.23 25.13 -41.08
N GLY E 193 -49.53 24.58 -42.26
CA GLY E 193 -48.54 24.08 -43.19
C GLY E 193 -48.70 22.58 -43.20
N ASP E 194 -48.58 22.00 -44.38
CA ASP E 194 -48.41 20.54 -44.53
C ASP E 194 -49.43 19.69 -43.75
N GLY E 195 -50.72 20.03 -43.90
CA GLY E 195 -51.81 19.15 -43.43
C GLY E 195 -52.18 19.30 -41.96
N VAL E 196 -51.60 20.33 -41.32
CA VAL E 196 -51.63 20.55 -39.88
C VAL E 196 -52.57 21.73 -39.61
N PHE E 197 -53.73 21.41 -39.05
CA PHE E 197 -54.73 22.43 -38.68
C PHE E 197 -54.87 22.54 -37.16
N GLY E 198 -55.16 23.75 -36.68
CA GLY E 198 -55.46 23.94 -35.26
C GLY E 198 -56.78 23.30 -34.91
N GLN E 199 -56.83 22.61 -33.77
CA GLN E 199 -57.96 21.77 -33.33
C GLN E 199 -59.03 22.54 -32.53
N ASP E 200 -58.63 23.51 -31.71
CA ASP E 200 -59.56 24.48 -31.13
C ASP E 200 -58.85 25.79 -30.89
N ASN E 201 -59.60 26.79 -30.42
CA ASN E 201 -59.00 28.04 -29.99
C ASN E 201 -58.71 27.98 -28.49
N VAL E 202 -57.74 28.76 -28.04
CA VAL E 202 -57.51 28.95 -26.60
C VAL E 202 -57.18 30.38 -26.35
N ALA E 203 -57.39 30.78 -25.11
CA ALA E 203 -57.14 32.14 -24.71
C ALA E 203 -56.76 32.07 -23.26
N SER E 204 -55.86 32.95 -22.84
CA SER E 204 -55.59 33.15 -21.44
C SER E 204 -55.47 34.63 -21.24
N HIS E 205 -56.04 35.09 -20.14
CA HIS E 205 -55.87 36.46 -19.70
C HIS E 205 -55.17 36.44 -18.33
N PHE E 206 -54.14 37.27 -18.20
CA PHE E 206 -53.29 37.23 -17.02
C PHE E 206 -52.79 38.61 -16.68
N THR E 207 -52.16 38.73 -15.52
CA THR E 207 -51.70 40.02 -15.01
C THR E 207 -50.28 39.92 -14.47
N ILE E 208 -49.55 41.02 -14.58
CA ILE E 208 -48.15 41.13 -14.09
C ILE E 208 -48.11 41.73 -12.70
N GLY E 209 -47.52 41.01 -11.75
CA GLY E 209 -47.45 41.43 -10.35
C GLY E 209 -46.23 42.28 -10.00
N ASP E 210 -45.67 42.02 -8.83
CA ASP E 210 -44.56 42.81 -8.29
C ASP E 210 -43.22 42.51 -9.01
N ALA E 211 -42.40 43.53 -9.19
CA ALA E 211 -41.05 43.35 -9.75
C ALA E 211 -40.16 42.68 -8.71
N VAL E 212 -40.05 41.36 -8.78
CA VAL E 212 -39.14 40.60 -7.90
C VAL E 212 -37.94 40.12 -8.73
N ILE E 213 -36.74 40.65 -8.43
CA ILE E 213 -35.53 40.37 -9.22
C ILE E 213 -34.33 39.91 -8.34
N SER E 214 -34.25 38.60 -8.07
CA SER E 214 -33.11 38.01 -7.31
C SER E 214 -31.73 38.10 -8.05
N ARG E 215 -30.68 38.62 -7.39
CA ARG E 215 -29.34 38.77 -8.03
C ARG E 215 -28.23 38.06 -7.28
N VAL E 216 -27.33 37.37 -8.00
CA VAL E 216 -26.12 36.74 -7.42
C VAL E 216 -24.92 37.06 -8.33
N ASP E 217 -23.71 37.04 -7.74
CA ASP E 217 -22.43 37.40 -8.40
C ASP E 217 -21.40 36.45 -7.82
N ASP E 218 -20.56 35.80 -8.65
CA ASP E 218 -19.73 34.67 -8.17
C ASP E 218 -18.64 35.03 -7.15
N THR E 219 -18.20 36.29 -7.15
CA THR E 219 -17.46 36.91 -6.04
C THR E 219 -18.13 36.63 -4.65
N ASN E 220 -19.29 37.24 -4.40
CA ASN E 220 -19.95 37.25 -3.07
C ASN E 220 -20.65 35.94 -2.73
N LYS E 221 -21.12 35.25 -3.77
CA LYS E 221 -21.92 34.03 -3.62
C LYS E 221 -23.11 34.16 -2.63
N ILE E 222 -23.69 35.36 -2.60
CA ILE E 222 -24.83 35.68 -1.76
C ILE E 222 -25.92 36.33 -2.65
N LEU E 223 -27.11 35.72 -2.62
CA LEU E 223 -28.25 36.04 -3.50
C LEU E 223 -29.13 37.17 -2.93
N ASN E 224 -29.19 38.30 -3.64
CA ASN E 224 -29.76 39.57 -3.15
C ASN E 224 -31.13 39.90 -3.77
N ILE E 225 -32.18 39.59 -3.02
CA ILE E 225 -33.57 39.50 -3.52
C ILE E 225 -34.38 40.81 -3.44
N GLU E 226 -34.48 41.53 -4.56
CA GLU E 226 -35.25 42.80 -4.65
C GLU E 226 -36.79 42.63 -4.72
N ARG E 227 -37.52 43.67 -4.29
CA ARG E 227 -38.98 43.80 -4.49
C ARG E 227 -39.36 45.24 -4.86
N ASN E 228 -39.56 45.50 -6.16
CA ASN E 228 -39.81 46.86 -6.71
C ASN E 228 -38.64 47.80 -6.40
N GLY E 229 -37.41 47.27 -6.48
CA GLY E 229 -36.16 48.05 -6.33
C GLY E 229 -35.52 48.11 -4.95
N GLU E 230 -36.17 47.50 -3.95
CA GLU E 230 -35.80 47.65 -2.55
C GLU E 230 -35.53 46.26 -1.93
N ILE E 231 -34.29 46.01 -1.47
CA ILE E 231 -33.91 44.66 -1.01
C ILE E 231 -34.73 44.22 0.21
N ILE E 232 -35.23 42.97 0.17
CA ILE E 232 -35.92 42.33 1.30
C ILE E 232 -35.40 40.92 1.64
N LYS E 233 -34.23 40.54 1.12
CA LYS E 233 -33.51 39.37 1.66
C LYS E 233 -32.07 39.30 1.17
N THR E 234 -31.30 38.43 1.82
CA THR E 234 -30.01 37.99 1.35
C THR E 234 -29.96 36.51 1.66
N MET E 235 -29.20 35.73 0.88
CA MET E 235 -28.87 34.34 1.28
C MET E 235 -27.58 33.76 0.68
N PRO E 236 -26.76 33.08 1.52
CA PRO E 236 -25.55 32.45 1.00
C PRO E 236 -25.79 31.17 0.15
N THR E 237 -25.27 31.17 -1.07
CA THR E 237 -25.37 29.98 -1.90
C THR E 237 -23.99 29.45 -2.34
N SER E 238 -23.93 28.13 -2.50
CA SER E 238 -22.82 27.39 -3.13
C SER E 238 -23.34 26.97 -4.50
N MET E 239 -22.78 27.55 -5.57
CA MET E 239 -23.26 27.28 -6.92
C MET E 239 -22.59 26.01 -7.46
N GLY E 240 -22.45 25.86 -8.77
CA GLY E 240 -21.77 24.72 -9.33
C GLY E 240 -20.26 24.90 -9.29
N LYS E 241 -19.55 23.78 -9.13
CA LYS E 241 -18.08 23.68 -9.32
C LYS E 241 -17.65 24.09 -10.74
N ASP E 242 -16.35 24.20 -10.96
CA ASP E 242 -15.84 24.68 -12.26
C ASP E 242 -16.11 23.77 -13.46
N LYS E 243 -16.07 22.45 -13.27
CA LYS E 243 -16.36 21.51 -14.38
C LYS E 243 -17.87 21.22 -14.66
N ALA E 244 -18.75 21.87 -13.89
CA ALA E 244 -20.21 21.90 -14.18
C ALA E 244 -20.80 23.10 -13.43
N PRO E 245 -20.54 24.32 -13.94
CA PRO E 245 -20.83 25.51 -13.17
C PRO E 245 -22.24 26.01 -13.45
N THR E 246 -22.54 27.14 -12.83
CA THR E 246 -23.81 27.79 -13.00
C THR E 246 -23.62 28.82 -14.12
N ASN E 247 -24.53 28.80 -15.12
CA ASN E 247 -24.55 29.79 -16.22
C ASN E 247 -24.73 31.21 -15.72
N ASN E 248 -24.30 32.17 -16.53
CA ASN E 248 -24.42 33.60 -16.20
C ASN E 248 -25.62 34.13 -16.96
N GLY E 249 -25.95 35.38 -16.63
CA GLY E 249 -27.06 36.10 -17.25
C GLY E 249 -28.43 35.77 -16.66
N THR E 250 -29.47 36.15 -17.39
CA THR E 250 -30.84 36.15 -16.86
C THR E 250 -31.57 34.82 -17.00
N TYR E 251 -32.17 34.40 -15.88
CA TYR E 251 -33.10 33.29 -15.83
C TYR E 251 -34.52 33.79 -15.46
N ILE E 252 -35.53 33.03 -15.88
CA ILE E 252 -36.94 33.26 -15.53
C ILE E 252 -37.41 32.07 -14.67
N ILE E 253 -38.00 32.38 -13.52
CA ILE E 253 -38.47 31.34 -12.61
C ILE E 253 -39.65 30.59 -13.24
N GLY E 254 -39.65 29.29 -13.06
CA GLY E 254 -40.66 28.40 -13.60
C GLY E 254 -41.46 27.73 -12.52
N GLU E 255 -41.35 26.41 -12.43
CA GLU E 255 -42.19 25.63 -11.52
C GLU E 255 -41.60 25.65 -10.11
N ARG E 256 -42.38 25.19 -9.13
CA ARG E 256 -41.91 24.95 -7.77
C ARG E 256 -42.16 23.54 -7.37
N PHE E 257 -41.34 23.07 -6.44
CA PHE E 257 -41.49 21.73 -5.92
C PHE E 257 -41.20 21.75 -4.43
N LYS E 258 -42.18 21.32 -3.64
CA LYS E 258 -42.03 21.24 -2.20
C LYS E 258 -40.92 20.23 -1.91
N ASP E 259 -41.01 19.08 -2.59
CA ASP E 259 -40.00 18.03 -2.63
C ASP E 259 -39.82 17.63 -4.09
N LEU E 260 -38.67 17.04 -4.40
CA LEU E 260 -38.26 16.79 -5.78
C LEU E 260 -37.09 15.82 -5.82
N ILE E 261 -37.22 14.74 -6.59
CA ILE E 261 -36.11 13.78 -6.84
C ILE E 261 -35.20 14.43 -7.92
N MET E 262 -33.93 14.03 -8.07
CA MET E 262 -33.10 14.53 -9.19
C MET E 262 -32.25 13.44 -9.91
N ASP E 263 -32.72 13.00 -11.09
CA ASP E 263 -32.28 11.76 -11.79
C ASP E 263 -30.98 11.79 -12.65
N SER E 264 -30.71 10.69 -13.40
CA SER E 264 -29.74 10.66 -14.54
C SER E 264 -30.48 10.95 -15.87
N SER E 265 -30.15 12.07 -16.52
CA SER E 265 -30.89 12.52 -17.72
C SER E 265 -30.06 13.49 -18.56
N ARG E 278 -29.68 9.93 -7.93
CA ARG E 278 -31.08 9.97 -7.45
C ARG E 278 -31.18 10.16 -5.92
N THR E 279 -31.38 11.41 -5.48
CA THR E 279 -31.60 11.80 -4.05
C THR E 279 -32.68 12.91 -3.93
N LYS E 280 -33.60 12.74 -2.98
CA LYS E 280 -34.67 13.75 -2.73
C LYS E 280 -34.09 15.08 -2.22
N VAL E 281 -34.86 16.15 -2.41
CA VAL E 281 -34.42 17.53 -2.17
C VAL E 281 -35.65 18.42 -1.95
N GLN E 282 -35.53 19.42 -1.10
CA GLN E 282 -36.69 20.24 -0.70
C GLN E 282 -36.62 21.67 -1.24
N TYR E 283 -37.79 22.26 -1.47
CA TYR E 283 -37.93 23.71 -1.73
C TYR E 283 -37.19 24.24 -2.98
N ALA E 284 -37.40 23.46 -4.05
CA ALA E 284 -36.84 23.66 -5.40
C ALA E 284 -37.69 24.62 -6.20
N THR E 285 -37.04 25.65 -6.72
CA THR E 285 -37.70 26.74 -7.38
C THR E 285 -36.94 26.95 -8.68
N GLN E 286 -37.51 26.56 -9.81
CA GLN E 286 -36.74 26.36 -11.04
C GLN E 286 -36.37 27.64 -11.74
N MET E 287 -35.14 27.66 -12.27
CA MET E 287 -34.63 28.76 -13.08
C MET E 287 -34.35 28.37 -14.56
N SER E 288 -34.08 27.10 -14.84
CA SER E 288 -33.74 26.69 -16.18
C SER E 288 -34.36 25.33 -16.47
N TYR E 289 -34.63 25.07 -17.72
CA TYR E 289 -35.06 23.76 -18.20
C TYR E 289 -33.93 22.77 -18.11
N SER E 290 -32.67 23.26 -18.17
CA SER E 290 -31.48 22.40 -18.10
C SER E 290 -31.34 21.66 -16.78
N GLY E 291 -31.97 22.18 -15.73
CA GLY E 291 -31.96 21.58 -14.39
C GLY E 291 -31.49 22.53 -13.27
N ILE E 292 -31.18 23.81 -13.52
CA ILE E 292 -30.79 24.70 -12.41
C ILE E 292 -31.99 25.14 -11.57
N TYR E 293 -31.86 24.94 -10.24
CA TYR E 293 -32.83 25.44 -9.23
C TYR E 293 -32.14 26.10 -8.06
N VAL E 294 -32.83 27.03 -7.43
CA VAL E 294 -32.57 27.33 -6.03
C VAL E 294 -33.16 26.20 -5.17
N HIS E 295 -32.36 25.61 -4.29
CA HIS E 295 -32.90 24.57 -3.44
C HIS E 295 -32.08 24.27 -2.18
N ALA E 296 -32.79 23.65 -1.23
CA ALA E 296 -32.25 23.17 0.04
C ALA E 296 -31.18 22.10 -0.12
N ALA E 297 -29.95 22.48 0.19
CA ALA E 297 -28.88 21.53 0.43
C ALA E 297 -28.38 21.83 1.83
N PRO E 298 -28.82 21.02 2.85
CA PRO E 298 -28.22 21.20 4.17
C PRO E 298 -26.76 20.68 4.17
N TRP E 299 -26.48 19.63 3.38
CA TRP E 299 -25.12 19.06 3.26
C TRP E 299 -24.00 20.02 2.79
N SER E 300 -24.34 21.24 2.37
CA SER E 300 -23.30 22.20 1.96
C SER E 300 -23.45 23.62 2.60
N VAL E 301 -23.90 23.67 3.84
CA VAL E 301 -24.15 24.97 4.48
C VAL E 301 -22.82 25.67 4.82
N GLY E 302 -21.84 24.82 5.13
CA GLY E 302 -20.47 25.25 5.40
C GLY E 302 -19.84 25.83 4.16
N ALA E 303 -20.04 25.18 3.02
CA ALA E 303 -19.66 25.71 1.69
C ALA E 303 -20.48 26.91 1.20
N GLN E 304 -21.77 26.97 1.54
CA GLN E 304 -22.59 28.13 1.12
C GLN E 304 -22.04 29.44 1.64
N GLY E 305 -22.00 30.45 0.77
CA GLY E 305 -21.37 31.75 1.05
C GLY E 305 -19.92 31.84 0.58
N ARG E 306 -19.30 30.67 0.33
CA ARG E 306 -17.84 30.56 0.24
C ARG E 306 -17.27 29.90 -1.03
N THR E 307 -17.69 28.66 -1.30
CA THR E 307 -17.14 27.81 -2.36
C THR E 307 -18.28 27.01 -3.04
N ASN E 308 -18.22 26.96 -4.37
CA ASN E 308 -19.26 26.31 -5.14
C ASN E 308 -19.02 24.82 -5.15
N THR E 309 -20.07 24.02 -4.87
CA THR E 309 -19.92 22.56 -4.71
C THR E 309 -20.91 21.67 -5.49
N SER E 310 -21.74 22.27 -6.33
CA SER E 310 -22.83 21.56 -7.02
C SER E 310 -22.49 21.20 -8.48
N HIS E 311 -23.53 20.89 -9.25
CA HIS E 311 -23.46 20.74 -10.70
C HIS E 311 -24.39 21.76 -11.43
N GLY E 312 -24.66 22.90 -10.79
CA GLY E 312 -25.43 23.97 -11.42
C GLY E 312 -26.32 24.73 -10.45
N CYS E 313 -27.08 23.96 -9.65
CA CYS E 313 -28.16 24.52 -8.82
C CYS E 313 -27.61 25.53 -7.85
N LEU E 314 -28.43 26.48 -7.42
CA LEU E 314 -28.10 27.34 -6.28
C LEU E 314 -28.40 26.56 -4.99
N ASN E 315 -27.35 26.00 -4.32
CA ASN E 315 -27.48 25.25 -3.05
C ASN E 315 -27.67 26.30 -1.98
N VAL E 316 -28.69 26.12 -1.11
CA VAL E 316 -29.04 27.08 -0.03
C VAL E 316 -29.60 26.32 1.17
N SER E 317 -29.87 27.06 2.27
CA SER E 317 -30.31 26.45 3.56
C SER E 317 -31.75 26.02 3.50
N THR E 318 -32.08 24.93 4.19
CA THR E 318 -33.46 24.43 4.22
C THR E 318 -34.41 25.55 4.67
N ALA E 319 -33.92 26.44 5.53
CA ALA E 319 -34.58 27.73 5.75
C ALA E 319 -34.81 28.51 4.45
N ASN E 320 -33.72 28.96 3.84
CA ASN E 320 -33.80 29.94 2.74
C ASN E 320 -34.49 29.46 1.46
N ALA E 321 -34.37 28.17 1.17
CA ALA E 321 -35.08 27.57 0.05
C ALA E 321 -36.60 27.71 0.20
N LYS E 322 -37.08 27.38 1.40
CA LYS E 322 -38.47 27.64 1.82
C LYS E 322 -38.87 29.12 1.61
N TRP E 323 -38.08 30.05 2.12
CA TRP E 323 -38.40 31.46 1.94
C TRP E 323 -38.51 31.78 0.46
N PHE E 324 -37.61 31.19 -0.33
CA PHE E 324 -37.58 31.44 -1.79
C PHE E 324 -38.85 30.90 -2.44
N TYR E 325 -39.09 29.61 -2.16
CA TYR E 325 -40.28 28.89 -2.53
C TYR E 325 -41.60 29.64 -2.24
N GLU E 326 -41.58 30.47 -1.20
CA GLU E 326 -42.76 31.15 -0.71
C GLU E 326 -42.89 32.60 -1.16
N ASN E 327 -41.80 33.23 -1.56
CA ASN E 327 -41.84 34.68 -1.84
C ASN E 327 -41.53 35.12 -3.29
N THR E 328 -41.18 34.15 -4.13
CA THR E 328 -41.12 34.38 -5.56
C THR E 328 -42.38 33.76 -6.10
N LYS E 329 -42.88 34.34 -7.19
CA LYS E 329 -43.89 33.72 -8.09
C LYS E 329 -43.28 33.42 -9.47
N ARG E 330 -43.98 32.60 -10.24
CA ARG E 330 -43.58 32.28 -11.61
C ARG E 330 -43.52 33.58 -12.42
N GLY E 331 -42.44 33.70 -13.19
CA GLY E 331 -42.18 34.90 -13.98
C GLY E 331 -41.22 35.87 -13.33
N ASP E 332 -40.80 35.55 -12.10
CA ASP E 332 -39.77 36.31 -11.43
C ASP E 332 -38.40 35.98 -11.99
N VAL E 333 -37.49 36.94 -11.78
CA VAL E 333 -36.15 36.94 -12.38
C VAL E 333 -35.01 36.62 -11.37
N VAL E 334 -34.03 35.86 -11.87
CA VAL E 334 -32.78 35.55 -11.16
C VAL E 334 -31.64 35.92 -12.12
N ILE E 335 -30.75 36.82 -11.71
CA ILE E 335 -29.59 37.18 -12.55
C ILE E 335 -28.23 36.76 -11.94
N VAL E 336 -27.53 35.89 -12.66
CA VAL E 336 -26.21 35.36 -12.28
C VAL E 336 -25.10 36.13 -13.02
N SER E 337 -24.04 36.48 -12.26
CA SER E 337 -22.81 37.13 -12.79
C SER E 337 -21.53 36.36 -12.45
N ASN E 338 -20.61 36.38 -13.42
CA ASN E 338 -19.19 36.17 -13.21
C ASN E 338 -18.74 34.78 -12.86
N THR E 339 -19.61 33.80 -13.03
CA THR E 339 -19.17 32.42 -12.82
C THR E 339 -18.29 31.99 -13.98
N VAL E 340 -17.58 30.91 -13.76
CA VAL E 340 -16.74 30.29 -14.78
C VAL E 340 -17.58 29.54 -15.86
N GLY E 341 -18.91 29.64 -15.77
CA GLY E 341 -19.80 29.08 -16.78
C GLY E 341 -20.18 30.00 -17.94
N PRO E 342 -20.69 29.41 -19.04
CA PRO E 342 -21.07 30.17 -20.21
C PRO E 342 -22.28 31.06 -19.93
N VAL E 343 -22.73 31.84 -20.91
CA VAL E 343 -24.05 32.50 -20.81
C VAL E 343 -25.15 31.42 -20.89
N LEU E 344 -26.30 31.69 -20.29
CA LEU E 344 -27.44 30.77 -20.47
C LEU E 344 -27.96 30.84 -21.93
N PRO E 345 -28.01 29.69 -22.62
CA PRO E 345 -28.59 29.74 -23.95
C PRO E 345 -29.99 30.37 -23.95
N GLY E 346 -30.20 31.43 -24.74
CA GLY E 346 -31.55 32.02 -24.96
C GLY E 346 -32.73 31.06 -25.25
N THR E 347 -32.50 30.06 -26.07
CA THR E 347 -33.59 29.16 -26.46
C THR E 347 -33.66 27.93 -25.57
N GLU E 348 -32.95 27.94 -24.44
CA GLU E 348 -32.85 26.75 -23.55
C GLU E 348 -34.20 26.38 -22.93
N GLY E 349 -35.06 27.38 -22.69
CA GLY E 349 -36.39 27.14 -22.15
C GLY E 349 -36.88 28.24 -21.24
N LEU E 350 -35.99 28.81 -20.42
CA LEU E 350 -36.30 29.95 -19.57
C LEU E 350 -35.28 31.04 -19.72
N GLY E 351 -34.52 31.00 -20.84
CA GLY E 351 -33.36 31.91 -21.08
C GLY E 351 -33.67 33.07 -22.03
N ASP E 352 -34.97 33.23 -22.29
CA ASP E 352 -35.52 34.13 -23.30
C ASP E 352 -34.88 35.51 -23.30
N TRP E 353 -34.64 36.08 -22.13
CA TRP E 353 -34.15 37.45 -22.00
C TRP E 353 -32.66 37.66 -22.36
N ASN E 354 -31.95 36.55 -22.55
CA ASN E 354 -30.54 36.61 -22.94
C ASN E 354 -30.37 37.01 -24.39
N ILE E 355 -31.10 36.37 -25.29
CA ILE E 355 -31.23 36.82 -26.71
C ILE E 355 -31.49 38.33 -26.81
N PRO E 356 -30.63 39.08 -27.53
CA PRO E 356 -30.78 40.57 -27.50
C PRO E 356 -31.97 41.04 -28.32
N TRP E 357 -32.53 42.21 -27.97
CA TRP E 357 -33.83 42.63 -28.52
C TRP E 357 -33.90 42.67 -30.04
N ALA E 358 -32.92 43.34 -30.63
CA ALA E 358 -32.90 43.54 -32.06
C ALA E 358 -32.93 42.18 -32.78
N GLN E 359 -32.29 41.18 -32.20
CA GLN E 359 -32.38 39.81 -32.74
C GLN E 359 -33.74 39.17 -32.52
N TRP E 360 -34.29 39.34 -31.32
CA TRP E 360 -35.63 38.80 -30.94
C TRP E 360 -36.72 39.32 -31.90
N LYS E 361 -36.85 40.65 -31.98
CA LYS E 361 -37.73 41.32 -32.97
C LYS E 361 -37.57 40.83 -34.42
N ALA E 362 -36.34 40.72 -34.91
CA ALA E 362 -36.09 40.13 -36.23
C ALA E 362 -36.86 38.82 -36.42
N GLY E 363 -37.01 38.05 -35.35
CA GLY E 363 -37.81 36.84 -35.37
C GLY E 363 -37.07 35.71 -36.02
N ASN E 364 -37.78 34.63 -36.27
CA ASN E 364 -37.34 33.51 -37.08
C ASN E 364 -38.55 32.73 -37.58
N ALA E 365 -39.52 33.48 -38.10
CA ALA E 365 -40.74 32.91 -38.65
C ALA E 365 -40.42 32.47 -40.08
N ARG E 366 -39.87 33.42 -40.84
CA ARG E 366 -39.26 33.16 -42.15
C ARG E 366 -37.97 32.29 -41.94
N GLN E 367 -38.14 30.96 -42.07
CA GLN E 367 -37.08 29.92 -41.88
C GLN E 367 -37.62 28.50 -42.15
N VAL F 18 26.80 40.92 8.34
CA VAL F 18 25.40 41.14 7.82
C VAL F 18 24.51 40.01 8.39
N PRO F 19 23.25 40.33 8.75
CA PRO F 19 22.25 39.31 9.06
C PRO F 19 21.60 38.81 7.79
N LYS F 20 21.21 37.53 7.77
CA LYS F 20 20.58 36.91 6.58
C LYS F 20 19.16 36.33 6.87
N LEU F 21 18.45 36.10 5.78
CA LEU F 21 17.02 36.17 5.73
C LEU F 21 16.47 35.08 4.80
N ALA F 22 15.69 34.15 5.38
CA ALA F 22 15.35 32.87 4.77
C ALA F 22 13.85 32.64 4.71
N MET F 23 13.29 32.55 3.52
CA MET F 23 11.85 32.38 3.40
C MET F 23 11.53 30.95 3.01
N SER F 24 10.36 30.49 3.41
CA SER F 24 9.88 29.18 3.00
C SER F 24 9.36 29.11 1.57
N VAL F 25 9.53 30.16 0.77
CA VAL F 25 9.18 30.13 -0.64
C VAL F 25 10.38 30.63 -1.40
N LYS F 26 10.56 30.12 -2.62
CA LYS F 26 11.62 30.56 -3.51
C LYS F 26 11.02 31.53 -4.53
N ASP F 27 11.79 32.57 -4.83
CA ASP F 27 11.41 33.58 -5.81
C ASP F 27 11.25 32.94 -7.20
N GLY F 28 10.19 33.29 -7.89
CA GLY F 28 9.87 32.74 -9.20
C GLY F 28 9.25 31.36 -9.18
N ALA F 29 8.86 30.89 -8.00
CA ALA F 29 8.39 29.52 -7.81
C ALA F 29 6.91 29.41 -8.11
N VAL F 30 6.52 28.30 -8.73
CA VAL F 30 5.15 27.85 -8.79
C VAL F 30 4.94 26.61 -7.89
N GLY F 31 3.71 26.17 -7.78
CA GLY F 31 3.41 24.98 -7.02
C GLY F 31 3.41 25.09 -5.51
N VAL F 32 3.41 26.31 -4.96
CA VAL F 32 3.43 26.50 -3.49
C VAL F 32 2.17 25.93 -2.85
N ALA F 33 2.31 25.17 -1.76
CA ALA F 33 1.13 24.56 -1.12
C ALA F 33 0.33 25.56 -0.34
N VAL F 34 -0.98 25.35 -0.30
CA VAL F 34 -1.88 26.27 0.47
C VAL F 34 -2.27 25.79 1.89
N ASP F 35 -2.01 24.49 2.17
CA ASP F 35 -2.22 23.85 3.49
C ASP F 35 -1.28 24.30 4.60
N ALA F 36 -0.08 24.73 4.24
CA ALA F 36 0.91 25.26 5.17
C ALA F 36 1.01 26.77 5.02
N PRO F 37 1.37 27.46 6.12
CA PRO F 37 1.57 28.91 6.03
C PRO F 37 2.96 29.19 5.46
N VAL F 38 3.14 30.42 4.98
CA VAL F 38 4.40 30.90 4.41
C VAL F 38 5.13 31.56 5.56
N THR F 39 6.39 31.18 5.79
CA THR F 39 7.17 31.74 6.90
C THR F 39 8.35 32.51 6.35
N VAL F 40 8.89 33.42 7.18
CA VAL F 40 10.18 34.09 6.96
C VAL F 40 10.94 34.14 8.27
N THR F 41 12.25 33.90 8.20
CA THR F 41 13.08 33.78 9.41
C THR F 41 14.40 34.55 9.27
N ALA F 42 14.79 35.20 10.36
CA ALA F 42 16.06 35.91 10.40
C ALA F 42 17.11 35.19 11.28
N GLY F 43 18.37 35.37 10.92
CA GLY F 43 19.50 35.06 11.79
C GLY F 43 20.73 35.64 11.13
N GLU F 44 21.56 36.44 11.81
CA GLU F 44 21.44 36.83 13.23
C GLU F 44 20.53 38.04 13.27
N GLY F 45 20.21 38.53 14.46
CA GLY F 45 19.38 39.71 14.61
C GLY F 45 17.91 39.40 14.38
N VAL F 46 17.26 40.23 13.58
CA VAL F 46 15.86 40.58 13.83
C VAL F 46 15.10 41.09 12.66
N LEU F 47 13.81 40.82 12.65
CA LEU F 47 12.95 41.31 11.60
C LEU F 47 12.46 42.70 11.88
N GLY F 48 12.57 43.56 10.86
CA GLY F 48 11.86 44.85 10.77
C GLY F 48 10.48 44.72 10.14
N SER F 49 10.37 45.02 8.86
CA SER F 49 9.12 44.82 8.10
C SER F 49 9.08 43.45 7.38
N VAL F 50 7.89 42.87 7.30
CA VAL F 50 7.56 41.75 6.39
C VAL F 50 6.13 41.97 5.87
N THR F 51 5.95 41.94 4.55
CA THR F 51 4.64 42.29 3.94
C THR F 51 4.26 41.48 2.70
N MET F 52 3.24 40.63 2.81
CA MET F 52 2.78 39.81 1.69
C MET F 52 1.41 40.24 1.11
N VAL F 53 1.48 40.88 -0.05
CA VAL F 53 0.32 41.13 -0.94
C VAL F 53 0.05 39.96 -1.89
N ASN F 54 -1.19 39.90 -2.40
CA ASN F 54 -1.54 39.11 -3.58
C ASN F 54 -1.36 39.98 -4.84
N SER F 55 -1.65 39.42 -6.03
CA SER F 55 -1.41 40.11 -7.32
C SER F 55 -2.20 41.40 -7.56
N ASP F 56 -3.25 41.61 -6.78
CA ASP F 56 -4.00 42.88 -6.73
C ASP F 56 -3.19 43.96 -6.02
N GLY F 57 -2.83 43.66 -4.76
CA GLY F 57 -2.40 44.66 -3.77
C GLY F 57 -2.86 44.31 -2.34
N LYS F 58 -3.92 43.50 -2.21
CA LYS F 58 -4.50 43.00 -0.93
C LYS F 58 -3.58 42.16 0.01
N GLU F 59 -3.24 42.72 1.17
CA GLU F 59 -2.32 42.09 2.13
C GLU F 59 -2.92 40.86 2.80
N ILE F 60 -2.04 39.92 3.17
CA ILE F 60 -2.41 38.66 3.83
C ILE F 60 -2.05 38.76 5.30
N ALA F 61 -2.80 38.03 6.11
CA ALA F 61 -2.65 38.10 7.55
C ALA F 61 -1.31 37.52 7.95
N GLY F 62 -0.48 38.37 8.55
CA GLY F 62 0.87 38.00 8.96
C GLY F 62 1.46 38.89 10.05
N GLU F 63 1.88 38.21 11.13
CA GLU F 63 2.51 38.79 12.31
C GLU F 63 3.91 38.17 12.63
N ILE F 64 4.76 39.03 13.19
CA ILE F 64 6.09 38.66 13.63
C ILE F 64 5.95 38.06 15.03
N GLY F 65 6.57 36.90 15.25
CA GLY F 65 6.50 36.19 16.54
C GLY F 65 7.22 36.95 17.65
N PRO F 66 6.92 36.61 18.92
CA PRO F 66 7.37 37.45 20.05
C PRO F 66 8.90 37.56 20.19
N ASP F 67 9.61 36.47 19.86
CA ASP F 67 11.08 36.45 19.85
C ASP F 67 11.71 37.34 18.77
N GLY F 68 10.92 37.80 17.80
CA GLY F 68 11.35 38.85 16.86
C GLY F 68 12.05 38.36 15.61
N VAL F 69 11.92 37.08 15.32
CA VAL F 69 12.75 36.39 14.31
C VAL F 69 12.00 35.57 13.27
N THR F 70 10.90 34.94 13.69
CA THR F 70 10.01 34.26 12.78
C THR F 70 8.91 35.26 12.45
N TRP F 71 8.54 35.32 11.18
CA TRP F 71 7.27 35.88 10.75
C TRP F 71 6.47 34.74 10.14
N THR F 72 5.13 34.82 10.18
CA THR F 72 4.29 33.81 9.52
C THR F 72 2.92 34.34 9.11
N THR F 73 2.36 33.73 8.07
CA THR F 73 0.99 33.96 7.67
C THR F 73 0.07 33.37 8.75
N THR F 74 -1.13 33.93 8.89
CA THR F 74 -2.08 33.49 9.91
C THR F 74 -3.48 33.20 9.35
N GLU F 75 -3.54 32.99 8.04
CA GLU F 75 -4.76 32.65 7.36
C GLU F 75 -4.40 31.81 6.17
N PRO F 76 -5.20 30.78 5.85
CA PRO F 76 -4.84 29.99 4.67
C PRO F 76 -4.78 30.78 3.34
N LEU F 77 -4.05 30.22 2.41
CA LEU F 77 -3.73 30.89 1.17
C LEU F 77 -4.65 30.44 0.03
N GLY F 78 -4.74 31.25 -1.01
CA GLY F 78 -5.57 30.93 -2.16
C GLY F 78 -4.98 29.88 -3.09
N TYR F 79 -5.79 28.93 -3.56
CA TYR F 79 -5.41 28.19 -4.74
C TYR F 79 -5.29 29.21 -5.88
N ASP F 80 -4.55 28.81 -6.91
CA ASP F 80 -4.37 29.55 -8.18
C ASP F 80 -3.99 31.03 -8.08
N LYS F 81 -3.62 31.47 -6.90
CA LYS F 81 -3.29 32.85 -6.70
C LYS F 81 -1.76 33.02 -6.86
N GLN F 82 -1.34 34.25 -7.12
CA GLN F 82 0.06 34.64 -7.13
C GLN F 82 0.22 35.78 -6.13
N TYR F 83 1.31 35.72 -5.35
CA TYR F 83 1.57 36.62 -4.25
C TYR F 83 3.02 37.06 -4.33
N THR F 84 3.33 38.10 -3.57
CA THR F 84 4.64 38.74 -3.56
C THR F 84 4.89 39.23 -2.15
N ILE F 85 6.14 39.08 -1.68
CA ILE F 85 6.45 39.19 -0.26
C ILE F 85 7.78 39.90 -0.15
N ASN F 86 7.88 40.83 0.78
CA ASN F 86 9.07 41.64 0.96
C ASN F 86 9.44 41.73 2.42
N ALA F 87 10.61 41.21 2.75
CA ALA F 87 11.11 41.18 4.10
C ALA F 87 12.44 41.91 4.17
N ASP F 88 12.66 42.63 5.27
CA ASP F 88 13.94 43.22 5.59
C ASP F 88 14.29 42.80 7.03
N ALA F 89 15.58 42.80 7.38
CA ALA F 89 16.04 42.54 8.76
C ALA F 89 17.23 43.40 9.17
N ARG F 90 17.53 43.43 10.48
CA ARG F 90 18.63 44.22 11.07
C ARG F 90 19.12 43.65 12.40
N GLY F 91 20.45 43.54 12.53
CA GLY F 91 21.11 43.17 13.79
C GLY F 91 22.42 43.91 13.79
N LEU F 92 23.02 44.11 14.98
CA LEU F 92 24.26 44.92 15.15
C LEU F 92 25.17 44.79 13.93
N GLY F 93 25.20 45.86 13.11
CA GLY F 93 25.92 45.85 11.83
C GLY F 93 25.21 45.09 10.70
N GLY F 94 24.92 45.79 9.60
CA GLY F 94 24.21 45.22 8.45
C GLY F 94 22.68 45.34 8.54
N VAL F 95 22.05 45.49 7.37
CA VAL F 95 20.59 45.58 7.25
C VAL F 95 20.16 44.94 5.93
N ALA F 96 19.82 43.64 5.98
CA ALA F 96 19.53 42.85 4.76
C ALA F 96 18.08 42.95 4.30
N ARG F 97 17.87 42.55 3.03
CA ARG F 97 16.55 42.48 2.40
C ARG F 97 16.37 41.20 1.58
N ALA F 98 15.13 40.92 1.21
CA ALA F 98 14.76 39.68 0.50
C ALA F 98 13.37 39.84 -0.15
N ASN F 99 13.31 39.70 -1.47
CA ASN F 99 12.06 39.75 -2.22
C ASN F 99 11.68 38.32 -2.63
N ALA F 100 10.42 38.08 -3.01
CA ALA F 100 10.07 36.83 -3.68
C ALA F 100 8.66 36.89 -4.25
N THR F 101 8.48 36.45 -5.48
CA THR F 101 7.14 36.43 -6.06
C THR F 101 6.86 34.99 -6.43
N PHE F 102 5.63 34.50 -6.27
CA PHE F 102 5.36 33.06 -6.44
C PHE F 102 3.90 32.72 -6.62
N ARG F 103 3.63 31.68 -7.38
CA ARG F 103 2.28 31.21 -7.58
C ARG F 103 2.04 29.97 -6.72
N THR F 104 0.77 29.73 -6.38
CA THR F 104 0.45 28.64 -5.48
C THR F 104 -0.18 27.57 -6.31
N GLN F 105 -0.43 26.42 -5.69
CA GLN F 105 -0.91 25.24 -6.41
C GLN F 105 -2.08 25.59 -7.34
N SER F 106 -2.30 24.76 -8.34
CA SER F 106 -3.29 25.07 -9.37
C SER F 106 -3.98 23.76 -9.74
N PRO F 107 -5.11 23.45 -9.05
CA PRO F 107 -5.70 22.14 -9.31
C PRO F 107 -6.37 22.12 -10.65
N ASP F 108 -6.33 20.97 -11.32
CA ASP F 108 -7.19 20.74 -12.48
C ASP F 108 -8.62 20.63 -11.94
N ASN F 109 -8.83 19.60 -11.12
CA ASN F 109 -10.12 19.35 -10.46
C ASN F 109 -10.04 19.46 -8.91
N MET F 110 -10.90 20.30 -8.30
CA MET F 110 -11.11 20.29 -6.85
C MET F 110 -12.33 19.42 -6.40
N THR F 111 -12.20 18.79 -5.23
CA THR F 111 -13.17 17.81 -4.73
C THR F 111 -13.52 18.14 -3.31
N MET F 112 -14.82 18.30 -3.01
CA MET F 112 -15.34 18.47 -1.62
C MET F 112 -15.63 17.15 -0.97
N PRO F 113 -15.22 16.99 0.30
CA PRO F 113 -15.58 15.80 1.06
C PRO F 113 -16.87 16.02 1.85
N TYR F 114 -17.61 14.93 2.05
CA TYR F 114 -18.85 14.95 2.85
C TYR F 114 -18.76 13.81 3.85
N VAL F 115 -19.15 14.10 5.10
CA VAL F 115 -19.03 13.13 6.19
C VAL F 115 -20.38 12.72 6.75
N MET F 116 -20.56 11.42 6.84
CA MET F 116 -21.65 10.83 7.59
C MET F 116 -21.07 9.97 8.67
N PRO F 117 -21.68 9.88 9.85
CA PRO F 117 -22.90 10.56 10.21
C PRO F 117 -22.64 11.99 10.50
N GLY F 118 -23.72 12.76 10.59
CA GLY F 118 -23.64 14.21 10.75
C GLY F 118 -23.20 14.62 12.15
N ASP F 119 -22.62 15.81 12.24
CA ASP F 119 -22.21 16.42 13.52
C ASP F 119 -23.35 16.38 14.49
N GLY F 120 -23.12 15.87 15.68
CA GLY F 120 -24.15 15.90 16.72
C GLY F 120 -25.04 14.69 16.82
N GLU F 121 -25.27 14.02 15.69
CA GLU F 121 -26.05 12.79 15.61
C GLU F 121 -25.69 11.75 16.67
N VAL F 122 -26.68 10.95 17.02
CA VAL F 122 -26.48 9.83 17.92
C VAL F 122 -26.81 8.60 17.10
N VAL F 123 -25.91 7.64 17.03
CA VAL F 123 -26.04 6.53 16.08
C VAL F 123 -25.77 5.15 16.68
N GLY F 124 -26.25 4.11 16.01
CA GLY F 124 -26.15 2.75 16.50
C GLY F 124 -24.77 2.17 16.40
N VAL F 125 -24.62 0.99 16.99
CA VAL F 125 -23.27 0.41 17.17
C VAL F 125 -22.65 -0.14 15.87
N GLY F 126 -23.40 -0.14 14.76
CA GLY F 126 -22.89 -0.61 13.49
C GLY F 126 -22.59 0.50 12.53
N GLN F 127 -22.77 1.76 12.94
CA GLN F 127 -22.39 2.88 12.11
C GLN F 127 -20.90 2.83 11.70
N THR F 128 -20.58 3.25 10.49
CA THR F 128 -19.20 3.43 10.10
C THR F 128 -18.99 4.89 9.70
N VAL F 129 -17.81 5.41 9.98
CA VAL F 129 -17.49 6.80 9.60
C VAL F 129 -17.33 6.76 8.11
N ALA F 130 -18.04 7.64 7.40
CA ALA F 130 -18.02 7.66 5.94
C ALA F 130 -17.58 9.00 5.40
N ILE F 131 -16.55 8.98 4.59
CA ILE F 131 -16.09 10.21 3.97
C ILE F 131 -16.27 10.02 2.48
N ARG F 132 -17.15 10.84 1.92
CA ARG F 132 -17.58 10.73 0.53
C ARG F 132 -17.16 12.00 -0.17
N PHE F 133 -16.42 11.82 -1.26
CA PHE F 133 -15.92 12.92 -2.06
C PHE F 133 -16.80 13.05 -3.31
N ASP F 134 -16.84 14.27 -3.87
CA ASP F 134 -17.59 14.53 -5.10
C ASP F 134 -16.73 14.44 -6.37
N GLU F 135 -15.53 13.87 -6.28
CA GLU F 135 -14.76 13.45 -7.47
C GLU F 135 -13.96 12.19 -7.18
N ASN F 136 -13.47 11.55 -8.21
CA ASN F 136 -12.71 10.33 -7.99
C ASN F 136 -11.38 10.71 -7.35
N ILE F 137 -10.90 9.89 -6.44
CA ILE F 137 -9.66 10.17 -5.73
C ILE F 137 -8.63 9.19 -6.30
N PRO F 138 -7.65 9.73 -7.06
CA PRO F 138 -6.53 8.91 -7.51
C PRO F 138 -5.70 8.35 -6.34
N ASN F 139 -5.25 9.23 -5.44
CA ASN F 139 -4.39 8.80 -4.33
C ASN F 139 -5.14 8.55 -2.98
N ARG F 140 -5.47 7.28 -2.80
CA ARG F 140 -6.26 6.84 -1.67
C ARG F 140 -5.54 7.02 -0.33
N ALA F 141 -4.24 6.70 -0.32
CA ALA F 141 -3.43 6.85 0.89
C ALA F 141 -3.25 8.33 1.24
N ALA F 142 -3.21 9.21 0.23
CA ALA F 142 -3.12 10.65 0.45
C ALA F 142 -4.27 11.21 1.26
N ALA F 143 -5.47 10.67 1.00
CA ALA F 143 -6.68 11.09 1.66
C ALA F 143 -6.81 10.46 3.05
N GLU F 144 -6.44 9.19 3.16
CA GLU F 144 -6.34 8.53 4.48
C GLU F 144 -5.40 9.31 5.45
N LYS F 145 -4.25 9.77 4.96
CA LYS F 145 -3.35 10.62 5.74
C LYS F 145 -3.96 11.99 6.10
N ALA F 146 -4.92 12.48 5.30
CA ALA F 146 -5.63 13.75 5.58
C ALA F 146 -6.83 13.66 6.53
N ILE F 147 -7.23 12.45 6.94
CA ILE F 147 -8.40 12.22 7.78
C ILE F 147 -8.02 11.72 9.21
N LYS F 148 -8.21 12.57 10.22
CA LYS F 148 -7.92 12.16 11.59
C LYS F 148 -9.19 11.77 12.31
N ILE F 149 -9.20 10.58 12.88
CA ILE F 149 -10.33 10.09 13.60
C ILE F 149 -9.93 9.82 15.04
N THR F 150 -10.49 10.56 15.98
CA THR F 150 -10.22 10.35 17.38
C THR F 150 -11.43 9.66 17.99
N THR F 151 -11.20 8.56 18.69
CA THR F 151 -12.28 7.82 19.35
C THR F 151 -12.02 7.80 20.86
N ASN F 152 -13.06 7.55 21.66
CA ASN F 152 -12.94 7.58 23.12
C ASN F 152 -14.14 6.92 23.80
N PRO F 153 -13.95 5.76 24.45
CA PRO F 153 -12.66 5.10 24.64
C PRO F 153 -12.06 4.75 23.32
N PRO F 154 -10.73 4.88 23.19
CA PRO F 154 -10.12 4.60 21.89
C PRO F 154 -10.22 3.14 21.53
N VAL F 155 -10.27 2.88 20.23
CA VAL F 155 -10.54 1.57 19.65
C VAL F 155 -9.71 1.52 18.39
N GLU F 156 -9.04 0.40 18.15
CA GLU F 156 -8.33 0.26 16.87
C GLU F 156 -9.36 0.31 15.73
N GLY F 157 -9.01 1.00 14.65
CA GLY F 157 -9.83 0.96 13.45
C GLY F 157 -9.03 1.28 12.19
N ALA F 158 -9.51 0.81 11.04
CA ALA F 158 -8.84 1.08 9.75
C ALA F 158 -9.78 1.64 8.70
N PHE F 159 -9.20 2.12 7.60
CA PHE F 159 -9.96 2.61 6.46
C PHE F 159 -10.12 1.49 5.46
N TYR F 160 -11.23 1.50 4.75
CA TYR F 160 -11.49 0.64 3.56
C TYR F 160 -12.39 1.36 2.54
N TRP F 161 -12.07 1.26 1.26
CA TRP F 161 -12.80 1.99 0.20
C TRP F 161 -13.89 1.12 -0.45
N LEU F 162 -15.10 1.67 -0.54
CA LEU F 162 -16.23 1.01 -1.17
C LEU F 162 -16.14 1.15 -2.68
N ASN F 163 -15.63 2.30 -3.11
CA ASN F 163 -15.45 2.60 -4.51
C ASN F 163 -14.47 3.77 -4.59
N ASN F 164 -14.40 4.47 -5.72
CA ASN F 164 -13.46 5.57 -5.90
C ASN F 164 -13.80 6.88 -5.27
N ARG F 165 -14.93 6.97 -4.60
CA ARG F 165 -15.32 8.22 -3.96
C ARG F 165 -15.56 8.16 -2.45
N GLU F 166 -16.09 7.04 -1.95
CA GLU F 166 -16.54 6.96 -0.58
C GLU F 166 -15.55 6.07 0.09
N VAL F 167 -15.15 6.47 1.30
CA VAL F 167 -14.26 5.67 2.13
C VAL F 167 -14.88 5.51 3.52
N ARG F 168 -14.68 4.34 4.08
CA ARG F 168 -15.32 4.01 5.33
C ARG F 168 -14.22 3.77 6.35
N TRP F 169 -14.57 3.94 7.62
CA TRP F 169 -13.64 3.73 8.71
C TRP F 169 -14.42 3.03 9.80
N ARG F 170 -13.82 2.01 10.41
CA ARG F 170 -14.46 1.29 11.51
C ARG F 170 -13.46 0.44 12.29
N PRO F 171 -13.85 -0.02 13.51
CA PRO F 171 -13.14 -1.04 14.29
C PRO F 171 -13.51 -2.48 13.93
N GLU F 172 -12.76 -3.45 14.48
CA GLU F 172 -12.99 -4.88 14.21
C GLU F 172 -14.41 -5.25 14.59
N SER F 173 -14.71 -5.19 15.89
CA SER F 173 -16.02 -5.48 16.42
C SER F 173 -16.91 -4.24 16.27
N PHE F 174 -18.17 -4.36 16.67
CA PHE F 174 -19.09 -3.22 16.70
C PHE F 174 -18.58 -2.24 17.73
N TRP F 175 -19.16 -1.05 17.72
CA TRP F 175 -18.82 0.01 18.66
C TRP F 175 -19.40 -0.30 20.03
N ASP F 176 -18.61 -0.09 21.09
CA ASP F 176 -19.14 -0.10 22.46
C ASP F 176 -20.03 1.14 22.63
N SER F 177 -21.25 0.96 23.15
CA SER F 177 -22.18 2.09 23.41
C SER F 177 -21.52 3.17 24.27
N GLY F 178 -21.92 4.42 24.09
CA GLY F 178 -21.31 5.52 24.85
C GLY F 178 -20.05 6.20 24.31
N THR F 179 -19.37 5.57 23.34
CA THR F 179 -18.19 6.12 22.65
C THR F 179 -18.37 7.46 21.91
N SER F 180 -17.26 8.21 21.78
CA SER F 180 -17.25 9.52 21.14
C SER F 180 -16.31 9.50 19.96
N VAL F 181 -16.86 9.68 18.76
CA VAL F 181 -16.07 9.70 17.51
C VAL F 181 -15.90 11.11 16.95
N ASP F 182 -14.65 11.53 16.75
CA ASP F 182 -14.32 12.80 16.14
C ASP F 182 -13.68 12.55 14.78
N VAL F 183 -14.19 13.22 13.75
CA VAL F 183 -13.74 13.04 12.39
C VAL F 183 -13.32 14.41 11.92
N LYS F 184 -12.02 14.55 11.62
CA LYS F 184 -11.46 15.72 10.98
C LYS F 184 -10.93 15.33 9.60
N VAL F 185 -11.44 15.99 8.57
CA VAL F 185 -11.04 15.75 7.20
C VAL F 185 -10.25 16.97 6.75
N ASN F 186 -8.93 16.90 6.93
CA ASN F 186 -8.03 18.02 6.65
C ASN F 186 -7.43 17.88 5.27
N THR F 187 -8.27 18.21 4.29
CA THR F 187 -8.03 17.99 2.87
C THR F 187 -7.74 19.29 2.14
N TYR F 188 -8.06 20.44 2.72
CA TYR F 188 -7.72 21.67 2.04
C TYR F 188 -6.22 21.67 1.67
N GLY F 189 -5.94 21.94 0.40
CA GLY F 189 -4.58 21.98 -0.11
C GLY F 189 -3.87 20.65 -0.23
N VAL F 190 -4.57 19.54 -0.04
CA VAL F 190 -3.91 18.25 -0.07
C VAL F 190 -3.95 17.73 -1.51
N ASN F 191 -2.81 17.25 -1.99
CA ASN F 191 -2.71 16.70 -3.32
C ASN F 191 -3.14 15.24 -3.26
N LEU F 192 -4.28 14.93 -3.87
CA LEU F 192 -4.85 13.56 -3.85
C LEU F 192 -4.56 12.76 -5.16
N GLY F 193 -3.67 13.29 -6.01
CA GLY F 193 -3.34 12.71 -7.32
C GLY F 193 -3.68 13.64 -8.47
N ASP F 194 -3.12 13.35 -9.65
CA ASP F 194 -3.53 13.89 -10.98
C ASP F 194 -4.31 15.21 -11.08
N GLY F 195 -3.88 16.24 -10.36
CA GLY F 195 -4.59 17.52 -10.40
C GLY F 195 -5.79 17.60 -9.48
N VAL F 196 -6.05 16.52 -8.72
CA VAL F 196 -7.18 16.44 -7.72
C VAL F 196 -6.72 16.95 -6.31
N PHE F 197 -7.23 18.12 -5.94
CA PHE F 197 -6.85 18.82 -4.71
C PHE F 197 -8.10 19.11 -3.88
N GLY F 198 -8.01 18.94 -2.57
CA GLY F 198 -9.17 19.16 -1.68
C GLY F 198 -9.69 20.60 -1.60
N GLN F 199 -11.01 20.72 -1.73
CA GLN F 199 -11.70 22.01 -1.85
C GLN F 199 -11.70 22.72 -0.53
N ASP F 200 -11.83 21.94 0.53
CA ASP F 200 -12.05 22.45 1.89
C ASP F 200 -11.82 21.34 2.94
N ASN F 201 -11.91 21.75 4.21
CA ASN F 201 -11.93 20.85 5.35
C ASN F 201 -13.34 20.77 5.87
N VAL F 202 -13.66 19.61 6.44
CA VAL F 202 -14.89 19.44 7.19
C VAL F 202 -14.65 18.49 8.37
N ALA F 203 -15.58 18.54 9.31
CA ALA F 203 -15.51 17.69 10.49
C ALA F 203 -16.88 17.38 11.04
N SER F 204 -17.07 16.13 11.44
CA SER F 204 -18.21 15.72 12.22
C SER F 204 -17.72 15.10 13.49
N HIS F 205 -18.40 15.48 14.57
CA HIS F 205 -18.28 14.84 15.89
C HIS F 205 -19.61 14.22 16.30
N PHE F 206 -19.57 12.96 16.72
CA PHE F 206 -20.80 12.26 17.06
C PHE F 206 -20.56 11.23 18.13
N THR F 207 -21.66 10.71 18.66
CA THR F 207 -21.63 9.79 19.78
C THR F 207 -22.32 8.53 19.38
N ILE F 208 -22.00 7.46 20.09
CA ILE F 208 -22.61 6.16 19.86
C ILE F 208 -23.55 5.70 20.97
N GLY F 209 -24.84 5.56 20.60
CA GLY F 209 -25.91 5.17 21.52
C GLY F 209 -25.97 3.68 21.78
N ASP F 210 -27.17 3.15 21.96
CA ASP F 210 -27.34 1.78 22.46
C ASP F 210 -27.18 0.77 21.36
N ALA F 211 -26.67 -0.40 21.73
CA ALA F 211 -26.63 -1.53 20.79
C ALA F 211 -28.08 -1.95 20.56
N VAL F 212 -28.52 -1.88 19.32
CA VAL F 212 -29.87 -2.29 19.02
C VAL F 212 -29.70 -3.22 17.81
N ILE F 213 -29.42 -4.48 18.12
CA ILE F 213 -29.11 -5.51 17.13
C ILE F 213 -30.34 -6.38 16.96
N SER F 214 -30.57 -6.85 15.72
CA SER F 214 -31.79 -7.61 15.36
C SER F 214 -31.42 -8.85 14.55
N ARG F 215 -31.77 -10.06 15.02
CA ARG F 215 -31.44 -11.29 14.23
C ARG F 215 -32.64 -11.85 13.43
N VAL F 216 -32.30 -12.47 12.30
CA VAL F 216 -33.24 -13.27 11.50
C VAL F 216 -32.52 -14.53 11.04
N ASP F 217 -32.88 -15.65 11.65
CA ASP F 217 -32.45 -16.95 11.18
C ASP F 217 -33.31 -17.28 9.97
N ASP F 218 -32.67 -17.73 8.87
CA ASP F 218 -33.42 -18.13 7.64
C ASP F 218 -34.44 -19.28 7.87
N THR F 219 -34.21 -20.12 8.89
CA THR F 219 -34.96 -21.36 9.18
C THR F 219 -36.11 -21.25 10.23
N ASN F 220 -36.03 -20.32 11.19
CA ASN F 220 -37.23 -19.89 11.91
C ASN F 220 -37.96 -18.90 11.04
N LYS F 221 -37.26 -17.84 10.65
CA LYS F 221 -37.83 -16.62 10.03
C LYS F 221 -38.49 -15.62 11.01
N ILE F 222 -37.78 -15.33 12.11
CA ILE F 222 -38.18 -14.28 13.07
C ILE F 222 -37.12 -13.13 13.21
N LEU F 223 -37.57 -12.01 13.77
CA LEU F 223 -36.71 -10.87 14.11
C LEU F 223 -36.72 -10.65 15.63
N ASN F 224 -35.56 -10.92 16.25
CA ASN F 224 -35.39 -10.69 17.68
C ASN F 224 -34.66 -9.39 17.85
N ILE F 225 -35.37 -8.38 18.39
CA ILE F 225 -34.84 -7.01 18.55
C ILE F 225 -34.22 -6.80 19.93
N GLU F 226 -32.99 -7.29 20.05
CA GLU F 226 -32.16 -7.19 21.24
C GLU F 226 -31.67 -5.76 21.44
N ARG F 227 -31.72 -5.28 22.69
CA ARG F 227 -31.23 -3.95 23.05
C ARG F 227 -30.23 -3.99 24.23
N ASN F 228 -28.93 -4.10 23.92
CA ASN F 228 -27.84 -4.29 24.91
C ASN F 228 -27.82 -5.66 25.60
N GLY F 229 -28.57 -6.62 25.08
CA GLY F 229 -28.76 -7.92 25.73
C GLY F 229 -30.15 -8.16 26.32
N GLU F 230 -31.11 -7.29 26.04
CA GLU F 230 -32.50 -7.46 26.50
C GLU F 230 -33.49 -7.39 25.34
N ILE F 231 -33.89 -8.59 24.88
CA ILE F 231 -34.78 -8.79 23.75
C ILE F 231 -36.05 -8.03 24.06
N ILE F 232 -36.16 -6.81 23.55
CA ILE F 232 -37.21 -5.85 23.97
C ILE F 232 -38.47 -5.87 23.07
N LYS F 233 -38.38 -6.59 21.95
CA LYS F 233 -39.51 -6.85 21.08
C LYS F 233 -39.16 -8.00 20.14
N THR F 234 -40.16 -8.81 19.83
CA THR F 234 -39.99 -9.90 18.88
C THR F 234 -41.09 -9.78 17.82
N MET F 235 -40.73 -10.07 16.56
CA MET F 235 -41.63 -9.82 15.41
C MET F 235 -41.52 -10.84 14.26
N PRO F 236 -42.66 -11.09 13.57
CA PRO F 236 -42.76 -12.11 12.52
C PRO F 236 -42.46 -11.53 11.14
N THR F 237 -41.72 -12.27 10.31
CA THR F 237 -41.39 -11.73 8.97
C THR F 237 -41.35 -12.76 7.82
N SER F 238 -41.39 -12.21 6.60
CA SER F 238 -41.29 -12.95 5.34
C SER F 238 -40.26 -12.29 4.46
N MET F 239 -39.14 -12.99 4.23
CA MET F 239 -38.01 -12.45 3.45
C MET F 239 -38.33 -12.55 1.95
N GLY F 240 -37.40 -13.02 1.09
CA GLY F 240 -37.63 -13.01 -0.35
C GLY F 240 -37.70 -14.37 -1.04
N LYS F 241 -38.58 -14.49 -2.06
CA LYS F 241 -38.66 -15.62 -3.01
C LYS F 241 -37.32 -16.30 -3.25
N ASP F 242 -37.29 -17.58 -3.56
CA ASP F 242 -36.02 -18.23 -3.90
C ASP F 242 -35.25 -17.51 -5.05
N LYS F 243 -36.01 -16.90 -5.98
CA LYS F 243 -35.43 -16.12 -7.07
C LYS F 243 -34.87 -14.77 -6.56
N ALA F 244 -35.58 -14.13 -5.62
CA ALA F 244 -35.15 -12.85 -4.98
C ALA F 244 -34.80 -12.98 -3.47
N PRO F 245 -33.74 -13.74 -3.14
CA PRO F 245 -33.46 -14.05 -1.74
C PRO F 245 -32.80 -12.88 -0.98
N THR F 246 -33.07 -12.83 0.32
CA THR F 246 -32.72 -11.71 1.20
C THR F 246 -31.36 -11.93 1.85
N ASN F 247 -30.28 -11.31 1.32
CA ASN F 247 -28.88 -11.82 1.53
C ASN F 247 -28.42 -12.18 2.97
N ASN F 248 -27.36 -13.00 3.00
CA ASN F 248 -26.84 -13.52 4.26
C ASN F 248 -25.83 -12.51 4.77
N GLY F 249 -26.14 -11.86 5.91
CA GLY F 249 -25.16 -10.99 6.60
C GLY F 249 -25.63 -10.03 7.70
N THR F 250 -24.71 -9.12 8.03
CA THR F 250 -24.96 -7.94 8.88
C THR F 250 -25.28 -6.64 8.06
N TYR F 251 -26.47 -6.13 8.26
CA TYR F 251 -26.91 -4.91 7.62
C TYR F 251 -26.91 -3.75 8.62
N ILE F 252 -26.53 -2.57 8.13
CA ILE F 252 -26.55 -1.33 8.92
C ILE F 252 -27.77 -0.49 8.55
N ILE F 253 -28.59 -0.12 9.50
CA ILE F 253 -29.75 0.68 9.12
C ILE F 253 -29.31 2.06 8.60
N GLY F 254 -29.93 2.52 7.51
CA GLY F 254 -29.63 3.82 6.91
C GLY F 254 -30.79 4.77 7.06
N GLU F 255 -31.43 5.09 5.94
CA GLU F 255 -32.50 6.07 5.92
C GLU F 255 -33.79 5.42 6.42
N ARG F 256 -34.77 6.26 6.70
CA ARG F 256 -35.96 5.88 7.40
C ARG F 256 -37.05 6.75 6.80
N PHE F 257 -38.11 6.14 6.27
CA PHE F 257 -39.16 6.88 5.54
C PHE F 257 -40.54 6.51 6.07
N LYS F 258 -41.35 7.50 6.39
CA LYS F 258 -42.71 7.26 6.90
C LYS F 258 -43.60 6.65 5.81
N ASP F 259 -43.56 7.26 4.63
CA ASP F 259 -44.21 6.73 3.43
C ASP F 259 -43.17 6.62 2.33
N LEU F 260 -43.30 5.65 1.42
CA LEU F 260 -42.28 5.44 0.40
C LEU F 260 -42.76 4.71 -0.85
N ILE F 261 -42.72 5.36 -2.01
CA ILE F 261 -43.07 4.67 -3.27
C ILE F 261 -41.86 3.80 -3.71
N MET F 262 -42.12 2.52 -4.05
CA MET F 262 -41.10 1.56 -4.52
C MET F 262 -41.28 1.13 -5.97
N ASP F 263 -40.67 1.90 -6.86
CA ASP F 263 -40.72 1.69 -8.30
C ASP F 263 -39.72 0.60 -8.63
N SER F 264 -39.91 -0.08 -9.77
CA SER F 264 -38.83 -0.89 -10.36
C SER F 264 -37.71 0.00 -10.93
N SER F 265 -36.64 0.17 -10.13
CA SER F 265 -35.32 0.61 -10.60
C SER F 265 -34.57 -0.69 -10.87
N THR F 266 -34.42 -1.06 -12.14
CA THR F 266 -33.91 -2.38 -12.56
C THR F 266 -33.06 -2.27 -13.82
N TYR F 277 -43.96 -3.76 -11.05
CA TYR F 277 -44.69 -3.15 -9.93
C TYR F 277 -44.37 -1.67 -9.61
N ARG F 278 -45.26 -1.04 -8.83
CA ARG F 278 -45.17 0.38 -8.48
C ARG F 278 -45.79 0.57 -7.09
N THR F 279 -45.23 -0.09 -6.07
CA THR F 279 -45.94 -0.23 -4.77
C THR F 279 -45.68 0.90 -3.74
N LYS F 280 -46.78 1.45 -3.23
CA LYS F 280 -46.76 2.33 -2.08
C LYS F 280 -46.68 1.45 -0.84
N VAL F 281 -45.89 1.86 0.14
CA VAL F 281 -45.60 1.02 1.30
C VAL F 281 -45.04 1.82 2.45
N GLN F 282 -45.51 1.54 3.66
CA GLN F 282 -45.31 2.44 4.81
C GLN F 282 -44.30 1.92 5.89
N TYR F 283 -43.83 2.85 6.73
CA TYR F 283 -42.91 2.57 7.83
C TYR F 283 -41.69 1.74 7.38
N ALA F 284 -41.02 2.27 6.36
CA ALA F 284 -39.83 1.68 5.73
C ALA F 284 -38.51 2.15 6.35
N THR F 285 -37.63 1.18 6.58
CA THR F 285 -36.41 1.35 7.33
C THR F 285 -35.31 0.61 6.56
N GLN F 286 -34.45 1.39 5.94
CA GLN F 286 -33.49 0.87 5.00
C GLN F 286 -32.49 -0.03 5.66
N MET F 287 -32.24 -1.17 5.05
CA MET F 287 -31.10 -2.00 5.39
C MET F 287 -30.08 -1.97 4.26
N SER F 288 -30.43 -1.55 3.04
CA SER F 288 -29.43 -1.54 1.98
C SER F 288 -29.60 -0.49 0.88
N TYR F 289 -28.52 -0.28 0.15
CA TYR F 289 -28.51 0.55 -1.03
C TYR F 289 -29.20 -0.19 -2.18
N SER F 290 -29.12 -1.52 -2.16
CA SER F 290 -29.83 -2.41 -3.08
C SER F 290 -31.33 -2.59 -2.72
N GLY F 291 -31.88 -1.80 -1.79
CA GLY F 291 -33.34 -1.71 -1.56
C GLY F 291 -34.03 -2.59 -0.51
N ILE F 292 -33.29 -3.24 0.39
CA ILE F 292 -33.88 -4.17 1.35
C ILE F 292 -34.34 -3.35 2.55
N TYR F 293 -35.62 -3.05 2.64
CA TYR F 293 -36.13 -2.28 3.78
C TYR F 293 -36.87 -3.21 4.76
N VAL F 294 -37.61 -2.63 5.69
CA VAL F 294 -38.42 -3.33 6.64
C VAL F 294 -39.65 -2.46 6.68
N HIS F 295 -40.69 -2.91 5.98
CA HIS F 295 -41.91 -2.11 5.78
C HIS F 295 -43.17 -2.88 6.11
N ALA F 296 -44.25 -2.11 6.25
CA ALA F 296 -45.59 -2.66 6.33
C ALA F 296 -45.85 -3.65 5.18
N ALA F 297 -46.65 -4.67 5.49
CA ALA F 297 -47.29 -5.53 4.51
C ALA F 297 -48.52 -6.25 5.14
N PRO F 298 -49.66 -5.52 5.34
CA PRO F 298 -50.88 -6.18 5.86
C PRO F 298 -51.43 -7.27 4.91
N TRP F 299 -51.04 -7.19 3.64
CA TRP F 299 -51.28 -8.25 2.65
C TRP F 299 -50.50 -9.57 2.84
N SER F 300 -49.35 -9.51 3.53
CA SER F 300 -48.46 -10.68 3.64
C SER F 300 -48.59 -11.45 4.97
N VAL F 301 -49.31 -10.88 5.94
CA VAL F 301 -49.44 -11.50 7.27
C VAL F 301 -49.28 -13.04 7.17
N GLY F 302 -50.21 -13.64 6.40
CA GLY F 302 -50.26 -15.07 6.16
C GLY F 302 -48.94 -15.82 6.04
N ALA F 303 -47.95 -15.28 5.32
CA ALA F 303 -46.68 -16.04 5.07
C ALA F 303 -45.56 -15.76 6.05
N GLN F 304 -45.90 -15.17 7.21
CA GLN F 304 -44.97 -14.71 8.27
C GLN F 304 -44.85 -15.54 9.60
N GLY F 305 -44.85 -16.88 9.65
CA GLY F 305 -45.00 -17.79 8.52
C GLY F 305 -43.64 -18.25 8.04
N ARG F 306 -43.69 -19.24 7.19
CA ARG F 306 -42.50 -20.00 6.82
C ARG F 306 -42.25 -19.99 5.30
N THR F 307 -42.72 -18.94 4.59
CA THR F 307 -42.27 -18.69 3.20
C THR F 307 -42.13 -17.20 2.80
N ASN F 308 -41.33 -17.03 1.77
CA ASN F 308 -40.80 -15.76 1.39
C ASN F 308 -41.47 -15.23 0.13
N THR F 309 -42.12 -14.09 0.31
CA THR F 309 -43.16 -13.61 -0.58
C THR F 309 -42.87 -12.18 -1.02
N SER F 310 -41.59 -11.94 -1.34
CA SER F 310 -41.07 -10.57 -1.46
C SER F 310 -39.83 -10.60 -2.31
N HIS F 311 -39.37 -9.42 -2.69
CA HIS F 311 -38.21 -9.25 -3.58
C HIS F 311 -36.88 -9.05 -2.80
N GLY F 312 -36.99 -9.09 -1.46
CA GLY F 312 -35.85 -8.91 -0.56
C GLY F 312 -36.30 -8.39 0.81
N CYS F 313 -37.21 -7.42 0.82
CA CYS F 313 -37.60 -6.77 2.05
C CYS F 313 -38.12 -7.73 3.11
N LEU F 314 -38.24 -7.20 4.32
CA LEU F 314 -38.67 -7.96 5.45
C LEU F 314 -40.05 -7.43 5.72
N ASN F 315 -41.04 -8.20 5.25
CA ASN F 315 -42.45 -7.84 5.37
C ASN F 315 -42.88 -7.98 6.79
N VAL F 316 -43.58 -6.98 7.33
CA VAL F 316 -44.10 -7.08 8.68
C VAL F 316 -45.42 -6.36 8.88
N SER F 317 -46.12 -6.80 9.93
CA SER F 317 -47.36 -6.22 10.37
C SER F 317 -47.23 -4.71 10.45
N THR F 318 -48.17 -3.99 9.85
CA THR F 318 -48.20 -2.53 9.89
C THR F 318 -47.67 -1.94 11.21
N ALA F 319 -48.42 -2.03 12.32
CA ALA F 319 -47.95 -1.44 13.61
C ALA F 319 -46.72 -2.18 14.26
N ASN F 320 -46.27 -3.28 13.63
CA ASN F 320 -44.90 -3.79 13.83
C ASN F 320 -43.82 -3.16 12.92
N ALA F 321 -44.19 -2.72 11.72
CA ALA F 321 -43.28 -1.93 10.86
C ALA F 321 -43.05 -0.56 11.47
N LYS F 322 -44.15 0.00 11.99
CA LYS F 322 -44.15 1.25 12.73
C LYS F 322 -43.28 1.19 13.98
N TRP F 323 -43.12 0.00 14.56
CA TRP F 323 -42.27 -0.11 15.75
C TRP F 323 -40.80 0.09 15.36
N PHE F 324 -40.33 -0.70 14.39
CA PHE F 324 -38.98 -0.57 13.86
C PHE F 324 -38.66 0.88 13.46
N TYR F 325 -39.64 1.61 12.94
CA TYR F 325 -39.48 3.00 12.51
C TYR F 325 -39.22 3.96 13.66
N GLU F 326 -39.99 3.81 14.72
CA GLU F 326 -39.93 4.69 15.88
C GLU F 326 -38.82 4.28 16.88
N ASN F 327 -38.30 3.05 16.77
CA ASN F 327 -37.45 2.45 17.84
C ASN F 327 -36.08 1.88 17.39
N THR F 328 -35.79 1.88 16.09
CA THR F 328 -34.41 1.82 15.65
C THR F 328 -33.97 3.23 15.31
N LYS F 329 -32.66 3.37 15.10
CA LYS F 329 -32.05 4.64 14.66
C LYS F 329 -30.96 4.30 13.62
N ARG F 330 -30.49 5.30 12.90
CA ARG F 330 -29.41 5.09 11.93
C ARG F 330 -28.22 4.38 12.58
N GLY F 331 -27.63 3.41 11.92
CA GLY F 331 -26.42 2.75 12.44
C GLY F 331 -26.67 1.54 13.32
N ASP F 332 -27.93 1.34 13.71
CA ASP F 332 -28.36 0.09 14.33
C ASP F 332 -28.16 -1.09 13.35
N VAL F 333 -28.01 -2.29 13.90
CA VAL F 333 -27.71 -3.50 13.10
C VAL F 333 -28.95 -4.40 12.91
N VAL F 334 -28.92 -5.13 11.80
CA VAL F 334 -29.80 -6.26 11.54
C VAL F 334 -28.93 -7.41 11.00
N ILE F 335 -29.00 -8.59 11.63
CA ILE F 335 -28.25 -9.76 11.12
C ILE F 335 -29.20 -10.84 10.61
N VAL F 336 -28.89 -11.34 9.39
CA VAL F 336 -29.72 -12.29 8.63
C VAL F 336 -28.90 -13.54 8.25
N SER F 337 -29.26 -14.68 8.83
CA SER F 337 -28.44 -15.90 8.81
C SER F 337 -28.74 -16.85 7.62
N VAL F 340 -30.25 -18.60 2.54
CA VAL F 340 -30.47 -19.03 1.16
C VAL F 340 -29.87 -18.08 0.12
N GLY F 341 -29.91 -16.77 0.40
CA GLY F 341 -29.25 -15.78 -0.45
C GLY F 341 -27.74 -15.87 -0.33
N PRO F 342 -27.00 -15.08 -1.14
CA PRO F 342 -25.52 -15.06 -0.96
C PRO F 342 -25.10 -14.19 0.25
N VAL F 343 -23.78 -13.97 0.40
CA VAL F 343 -23.29 -12.99 1.38
C VAL F 343 -23.65 -11.59 0.84
N LEU F 344 -24.17 -10.70 1.69
CA LEU F 344 -24.38 -9.29 1.29
C LEU F 344 -23.02 -8.67 0.94
N PRO F 345 -22.90 -8.11 -0.28
CA PRO F 345 -21.53 -7.68 -0.66
C PRO F 345 -21.03 -6.53 0.26
N GLY F 346 -19.74 -6.49 0.54
CA GLY F 346 -19.15 -5.53 1.50
C GLY F 346 -19.28 -4.07 1.10
N THR F 347 -19.17 -3.86 -0.21
CA THR F 347 -19.01 -2.55 -0.82
C THR F 347 -20.34 -1.96 -1.35
N GLU F 348 -21.44 -2.40 -0.73
CA GLU F 348 -22.83 -2.30 -1.19
C GLU F 348 -23.44 -0.86 -1.28
N GLY F 349 -23.35 0.01 -0.26
CA GLY F 349 -22.67 -0.17 1.02
C GLY F 349 -23.50 0.31 2.19
N LEU F 350 -24.28 -0.61 2.69
CA LEU F 350 -24.72 -0.58 4.06
C LEU F 350 -24.29 -1.86 4.74
N GLY F 351 -23.34 -2.57 4.09
CA GLY F 351 -22.99 -3.94 4.45
C GLY F 351 -21.51 -4.11 4.66
N ASP F 352 -20.91 -3.05 5.17
CA ASP F 352 -19.49 -2.98 5.42
C ASP F 352 -19.04 -4.16 6.28
N TRP F 353 -19.81 -4.48 7.33
CA TRP F 353 -19.32 -5.43 8.36
C TRP F 353 -19.12 -6.86 7.88
N ASN F 354 -19.75 -7.22 6.77
CA ASN F 354 -19.69 -8.59 6.27
C ASN F 354 -18.27 -8.94 5.86
N ILE F 355 -17.49 -7.93 5.47
CA ILE F 355 -16.07 -8.15 5.26
C ILE F 355 -15.38 -8.59 6.57
N PRO F 356 -14.46 -9.60 6.51
CA PRO F 356 -13.77 -10.00 7.74
C PRO F 356 -12.60 -9.08 8.04
N TRP F 357 -12.36 -8.91 9.34
CA TRP F 357 -11.47 -7.87 9.84
C TRP F 357 -10.14 -7.77 9.07
N ALA F 358 -9.45 -8.88 8.86
CA ALA F 358 -8.11 -8.83 8.22
C ALA F 358 -8.17 -8.23 6.82
N GLN F 359 -9.24 -8.51 6.08
CA GLN F 359 -9.36 -7.98 4.72
C GLN F 359 -9.53 -6.47 4.78
N TRP F 360 -10.40 -6.04 5.71
CA TRP F 360 -10.68 -4.61 5.95
C TRP F 360 -9.43 -3.94 6.48
N LYS F 361 -8.95 -4.43 7.62
CA LYS F 361 -7.77 -3.88 8.30
C LYS F 361 -6.53 -3.73 7.39
N ALA F 362 -6.34 -4.63 6.43
CA ALA F 362 -5.26 -4.49 5.44
C ALA F 362 -5.50 -3.31 4.49
N GLY F 363 -6.76 -2.92 4.32
CA GLY F 363 -7.10 -1.77 3.51
C GLY F 363 -6.89 -2.06 2.05
N ASN F 364 -7.09 -1.04 1.22
CA ASN F 364 -7.01 -1.20 -0.22
C ASN F 364 -6.71 0.10 -0.96
N ALA F 365 -5.75 0.86 -0.46
CA ALA F 365 -5.34 2.12 -1.09
C ALA F 365 -4.46 1.98 -2.35
N ARG F 366 -3.74 0.85 -2.47
CA ARG F 366 -2.75 0.58 -3.54
C ARG F 366 -3.31 -0.45 -4.54
#